data_2P7S
# 
_entry.id   2P7S 
# 
_audit_conform.dict_name       mmcif_pdbx.dic 
_audit_conform.dict_version    5.397 
_audit_conform.dict_location   http://mmcif.pdb.org/dictionaries/ascii/mmcif_pdbx.dic 
# 
loop_
_database_2.database_id 
_database_2.database_code 
_database_2.pdbx_database_accession 
_database_2.pdbx_DOI 
PDB   2P7S         pdb_00002p7s 10.2210/pdb2p7s/pdb 
RCSB  RCSB042073   ?            ?                   
WWPDB D_1000042073 ?            ?                   
# 
loop_
_pdbx_audit_revision_history.ordinal 
_pdbx_audit_revision_history.data_content_type 
_pdbx_audit_revision_history.major_revision 
_pdbx_audit_revision_history.minor_revision 
_pdbx_audit_revision_history.revision_date 
1 'Structure model' 1 0 2007-05-29 
2 'Structure model' 1 1 2008-05-01 
3 'Structure model' 1 2 2011-07-13 
4 'Structure model' 1 3 2017-10-18 
5 'Structure model' 2 0 2020-07-29 
6 'Structure model' 2 1 2023-08-30 
7 'Structure model' 2 2 2024-10-30 
# 
loop_
_pdbx_audit_revision_details.ordinal 
_pdbx_audit_revision_details.revision_ordinal 
_pdbx_audit_revision_details.data_content_type 
_pdbx_audit_revision_details.provider 
_pdbx_audit_revision_details.type 
_pdbx_audit_revision_details.description 
_pdbx_audit_revision_details.details 
1 1 'Structure model' repository 'Initial release' ?                          ? 
2 5 'Structure model' repository Remediation       'Carbohydrate remediation' ? 
# 
loop_
_pdbx_audit_revision_group.ordinal 
_pdbx_audit_revision_group.revision_ordinal 
_pdbx_audit_revision_group.data_content_type 
_pdbx_audit_revision_group.group 
1  2 'Structure model' 'Version format compliance' 
2  3 'Structure model' 'Non-polymer description'   
3  3 'Structure model' 'Version format compliance' 
4  4 'Structure model' 'Refinement description'    
5  5 'Structure model' 'Atomic model'              
6  5 'Structure model' 'Data collection'           
7  5 'Structure model' 'Derived calculations'      
8  5 'Structure model' 'Structure summary'         
9  6 'Structure model' 'Data collection'           
10 6 'Structure model' 'Database references'       
11 6 'Structure model' 'Refinement description'    
12 6 'Structure model' 'Structure summary'         
13 7 'Structure model' 'Structure summary'         
# 
loop_
_pdbx_audit_revision_category.ordinal 
_pdbx_audit_revision_category.revision_ordinal 
_pdbx_audit_revision_category.data_content_type 
_pdbx_audit_revision_category.category 
1  4 'Structure model' software                      
2  5 'Structure model' atom_site                     
3  5 'Structure model' chem_comp                     
4  5 'Structure model' entity                        
5  5 'Structure model' pdbx_branch_scheme            
6  5 'Structure model' pdbx_chem_comp_identifier     
7  5 'Structure model' pdbx_entity_branch            
8  5 'Structure model' pdbx_entity_branch_descriptor 
9  5 'Structure model' pdbx_entity_branch_link       
10 5 'Structure model' pdbx_entity_branch_list       
11 5 'Structure model' pdbx_entity_nonpoly           
12 5 'Structure model' pdbx_nonpoly_scheme           
13 5 'Structure model' pdbx_struct_assembly_gen      
14 5 'Structure model' struct_asym                   
15 5 'Structure model' struct_conn                   
16 5 'Structure model' struct_site                   
17 5 'Structure model' struct_site_gen               
18 6 'Structure model' chem_comp                     
19 6 'Structure model' chem_comp_atom                
20 6 'Structure model' chem_comp_bond                
21 6 'Structure model' database_2                    
22 6 'Structure model' pdbx_initial_refinement_model 
23 7 'Structure model' pdbx_entry_details            
24 7 'Structure model' pdbx_modification_feature     
# 
loop_
_pdbx_audit_revision_item.ordinal 
_pdbx_audit_revision_item.revision_ordinal 
_pdbx_audit_revision_item.data_content_type 
_pdbx_audit_revision_item.item 
1  4 'Structure model' '_software.classification'               
2  4 'Structure model' '_software.contact_author'               
3  4 'Structure model' '_software.contact_author_email'         
4  4 'Structure model' '_software.date'                         
5  4 'Structure model' '_software.language'                     
6  4 'Structure model' '_software.location'                     
7  4 'Structure model' '_software.name'                         
8  4 'Structure model' '_software.type'                         
9  4 'Structure model' '_software.version'                      
10 5 'Structure model' '_atom_site.auth_asym_id'                
11 5 'Structure model' '_atom_site.auth_seq_id'                 
12 5 'Structure model' '_atom_site.label_asym_id'               
13 5 'Structure model' '_chem_comp.name'                        
14 5 'Structure model' '_chem_comp.type'                        
15 5 'Structure model' '_entity.formula_weight'                 
16 5 'Structure model' '_entity.pdbx_description'               
17 5 'Structure model' '_entity.pdbx_number_of_molecules'       
18 5 'Structure model' '_entity.type'                           
19 5 'Structure model' '_pdbx_struct_assembly_gen.asym_id_list' 
20 5 'Structure model' '_struct_conn.pdbx_leaving_atom_flag'    
21 5 'Structure model' '_struct_conn.pdbx_role'                 
22 5 'Structure model' '_struct_conn.ptnr1_auth_asym_id'        
23 5 'Structure model' '_struct_conn.ptnr1_auth_seq_id'         
24 5 'Structure model' '_struct_conn.ptnr2_auth_asym_id'        
25 5 'Structure model' '_struct_conn.ptnr2_auth_seq_id'         
26 5 'Structure model' '_struct_conn.ptnr2_label_asym_id'       
27 6 'Structure model' '_chem_comp.pdbx_synonyms'               
28 6 'Structure model' '_database_2.pdbx_DOI'                   
29 6 'Structure model' '_database_2.pdbx_database_accession'    
# 
_pdbx_database_status.entry_id                        2P7S 
_pdbx_database_status.deposit_site                    RCSB 
_pdbx_database_status.process_site                    RCSB 
_pdbx_database_status.recvd_initial_deposition_date   2007-03-20 
_pdbx_database_status.status_code                     REL 
_pdbx_database_status.status_code_sf                  REL 
_pdbx_database_status.status_code_mr                  ? 
_pdbx_database_status.SG_entry                        ? 
_pdbx_database_status.pdb_format_compatible           Y 
_pdbx_database_status.status_code_cs                  ? 
_pdbx_database_status.methods_development_category    ? 
_pdbx_database_status.status_code_nmr_data            ? 
# 
_pdbx_database_related.db_name        PDB 
_pdbx_database_related.db_id          2P6Z 
_pdbx_database_related.details        'Initial processing' 
_pdbx_database_related.content_type   unspecified 
# 
_audit_author.name           'Singh, U.P.' 
_audit_author.pdbx_ordinal   1 
# 
_citation.id                        primary 
_citation.title                     
'Enzymatic and Structural Characterisation of Amphinase, a Novel Cytotoxic Ribonuclease from Rana pipiens Oocytes.' 
_citation.journal_abbrev            J.Mol.Biol. 
_citation.journal_volume            371 
_citation.page_first                93 
_citation.page_last                 111 
_citation.year                      2007 
_citation.journal_id_ASTM           JMOBAK 
_citation.country                   UK 
_citation.journal_id_ISSN           0022-2836 
_citation.journal_id_CSD            0070 
_citation.book_publisher            ? 
_citation.pdbx_database_id_PubMed   17560606 
_citation.pdbx_database_id_DOI      10.1016/j.jmb.2007.04.071 
# 
loop_
_citation_author.citation_id 
_citation_author.name 
_citation_author.ordinal 
_citation_author.identifier_ORCID 
primary 'Singh, U.P.'    1 ? 
primary 'Ardelt, W.'     2 ? 
primary 'Saxena, S.K.'   3 ? 
primary 'Holloway, D.E.' 4 ? 
primary 'Vidunas, E.'    5 ? 
primary 'Lee, H.S.'      6 ? 
primary 'Saxena, A.'     7 ? 
primary 'Shogen, K.'     8 ? 
primary 'Acharya, K.R.'  9 ? 
# 
loop_
_entity.id 
_entity.type 
_entity.src_method 
_entity.pdbx_description 
_entity.formula_weight 
_entity.pdbx_number_of_molecules 
_entity.pdbx_ec 
_entity.pdbx_mutation 
_entity.pdbx_fragment 
_entity.details 
1 polymer     nat Amphinase-2                                                                               13106.916 1  3.1.27.- 
? ? 'Natural Glycosylated form' 
2 branched    man '2-acetamido-2-deoxy-beta-D-glucopyranose-(1-4)-2-acetamido-2-deoxy-beta-D-glucopyranose' 424.401   1  ?        
? ? ?                           
3 non-polymer syn 'ACETATE ION'                                                                             59.044    2  ?        
? ? ?                           
4 non-polymer syn GLYCEROL                                                                                  92.094    1  ?        
? ? ?                           
5 water       nat water                                                                                     18.015    75 ?        
? ? ?                           
# 
_entity_poly.entity_id                      1 
_entity_poly.type                           'polypeptide(L)' 
_entity_poly.nstd_linkage                   no 
_entity_poly.nstd_monomer                   no 
_entity_poly.pdbx_seq_one_letter_code       
;KPKEDREWEKFKTKHITSQSVADFNCNRTMNDPAYTPDGQCKPINTFIHSTTGPVKEICRRATGRVNKSSTQQFTLTTCK
NPIRCKYSQSNTTNFICITCRDNYPVHFVKTGKC
;
_entity_poly.pdbx_seq_one_letter_code_can   
;KPKEDREWEKFKTKHITSQSVADFNCNRTMNDPAYTPDGQCKPINTFIHSTTGPVKEICRRATGRVNKSSTQQFTLTTCK
NPIRCKYSQSNTTNFICITCRDNYPVHFVKTGKC
;
_entity_poly.pdbx_strand_id                 A 
_entity_poly.pdbx_target_identifier         ? 
# 
loop_
_pdbx_entity_nonpoly.entity_id 
_pdbx_entity_nonpoly.name 
_pdbx_entity_nonpoly.comp_id 
3 'ACETATE ION' ACT 
4 GLYCEROL      GOL 
5 water         HOH 
# 
loop_
_entity_poly_seq.entity_id 
_entity_poly_seq.num 
_entity_poly_seq.mon_id 
_entity_poly_seq.hetero 
1 1   LYS n 
1 2   PRO n 
1 3   LYS n 
1 4   GLU n 
1 5   ASP n 
1 6   ARG n 
1 7   GLU n 
1 8   TRP n 
1 9   GLU n 
1 10  LYS n 
1 11  PHE n 
1 12  LYS n 
1 13  THR n 
1 14  LYS n 
1 15  HIS n 
1 16  ILE n 
1 17  THR n 
1 18  SER n 
1 19  GLN n 
1 20  SER n 
1 21  VAL n 
1 22  ALA n 
1 23  ASP n 
1 24  PHE n 
1 25  ASN n 
1 26  CYS n 
1 27  ASN n 
1 28  ARG n 
1 29  THR n 
1 30  MET n 
1 31  ASN n 
1 32  ASP n 
1 33  PRO n 
1 34  ALA n 
1 35  TYR n 
1 36  THR n 
1 37  PRO n 
1 38  ASP n 
1 39  GLY n 
1 40  GLN n 
1 41  CYS n 
1 42  LYS n 
1 43  PRO n 
1 44  ILE n 
1 45  ASN n 
1 46  THR n 
1 47  PHE n 
1 48  ILE n 
1 49  HIS n 
1 50  SER n 
1 51  THR n 
1 52  THR n 
1 53  GLY n 
1 54  PRO n 
1 55  VAL n 
1 56  LYS n 
1 57  GLU n 
1 58  ILE n 
1 59  CYS n 
1 60  ARG n 
1 61  ARG n 
1 62  ALA n 
1 63  THR n 
1 64  GLY n 
1 65  ARG n 
1 66  VAL n 
1 67  ASN n 
1 68  LYS n 
1 69  SER n 
1 70  SER n 
1 71  THR n 
1 72  GLN n 
1 73  GLN n 
1 74  PHE n 
1 75  THR n 
1 76  LEU n 
1 77  THR n 
1 78  THR n 
1 79  CYS n 
1 80  LYS n 
1 81  ASN n 
1 82  PRO n 
1 83  ILE n 
1 84  ARG n 
1 85  CYS n 
1 86  LYS n 
1 87  TYR n 
1 88  SER n 
1 89  GLN n 
1 90  SER n 
1 91  ASN n 
1 92  THR n 
1 93  THR n 
1 94  ASN n 
1 95  PHE n 
1 96  ILE n 
1 97  CYS n 
1 98  ILE n 
1 99  THR n 
1 100 CYS n 
1 101 ARG n 
1 102 ASP n 
1 103 ASN n 
1 104 TYR n 
1 105 PRO n 
1 106 VAL n 
1 107 HIS n 
1 108 PHE n 
1 109 VAL n 
1 110 LYS n 
1 111 THR n 
1 112 GLY n 
1 113 LYS n 
1 114 CYS n 
# 
_entity_src_nat.entity_id                  1 
_entity_src_nat.pdbx_src_id                1 
_entity_src_nat.pdbx_alt_source_flag       sample 
_entity_src_nat.pdbx_beg_seq_num           ? 
_entity_src_nat.pdbx_end_seq_num           ? 
_entity_src_nat.common_name                'northern leopard frog' 
_entity_src_nat.pdbx_organism_scientific   'Rana pipiens' 
_entity_src_nat.pdbx_ncbi_taxonomy_id      8404 
_entity_src_nat.genus                      Rana 
_entity_src_nat.species                    ? 
_entity_src_nat.strain                     ? 
_entity_src_nat.tissue                     ? 
_entity_src_nat.tissue_fraction            ? 
_entity_src_nat.pdbx_secretion             ? 
_entity_src_nat.pdbx_fragment              ? 
_entity_src_nat.pdbx_variant               ? 
_entity_src_nat.pdbx_cell_line             ? 
_entity_src_nat.pdbx_atcc                  ? 
_entity_src_nat.pdbx_cellular_location     ? 
_entity_src_nat.pdbx_organ                 ? 
_entity_src_nat.pdbx_organelle             ? 
_entity_src_nat.pdbx_cell                  Oocytes 
_entity_src_nat.pdbx_plasmid_name          ? 
_entity_src_nat.pdbx_plasmid_details       ? 
_entity_src_nat.details                    ? 
# 
_pdbx_entity_branch.entity_id   2 
_pdbx_entity_branch.type        oligosaccharide 
# 
loop_
_pdbx_entity_branch_descriptor.ordinal 
_pdbx_entity_branch_descriptor.entity_id 
_pdbx_entity_branch_descriptor.descriptor 
_pdbx_entity_branch_descriptor.type 
_pdbx_entity_branch_descriptor.program 
_pdbx_entity_branch_descriptor.program_version 
1 2 DGlcpNAcb1-4DGlcpNAcb1-                               'Glycam Condensed Sequence' GMML       1.0   
2 2 'WURCS=2.0/1,2,1/[a2122h-1b_1-5_2*NCC/3=O]/1-1/a4-b1' WURCS                       PDB2Glycan 1.1.0 
3 2 '[]{[(4+1)][b-D-GlcpNAc]{[(4+1)][b-D-GlcpNAc]{}}}'    LINUCS                      PDB-CARE   ?     
# 
_pdbx_entity_branch_link.link_id                    1 
_pdbx_entity_branch_link.entity_id                  2 
_pdbx_entity_branch_link.entity_branch_list_num_1   2 
_pdbx_entity_branch_link.comp_id_1                  NAG 
_pdbx_entity_branch_link.atom_id_1                  C1 
_pdbx_entity_branch_link.leaving_atom_id_1          O1 
_pdbx_entity_branch_link.entity_branch_list_num_2   1 
_pdbx_entity_branch_link.comp_id_2                  NAG 
_pdbx_entity_branch_link.atom_id_2                  O4 
_pdbx_entity_branch_link.leaving_atom_id_2          HO4 
_pdbx_entity_branch_link.value_order                sing 
_pdbx_entity_branch_link.details                    ? 
# 
loop_
_chem_comp.id 
_chem_comp.type 
_chem_comp.mon_nstd_flag 
_chem_comp.name 
_chem_comp.pdbx_synonyms 
_chem_comp.formula 
_chem_comp.formula_weight 
ACT non-polymer                  . 'ACETATE ION'                            ? 'C2 H3 O2 -1'    59.044  
ALA 'L-peptide linking'          y ALANINE                                  ? 'C3 H7 N O2'     89.093  
ARG 'L-peptide linking'          y ARGININE                                 ? 'C6 H15 N4 O2 1' 175.209 
ASN 'L-peptide linking'          y ASPARAGINE                               ? 'C4 H8 N2 O3'    132.118 
ASP 'L-peptide linking'          y 'ASPARTIC ACID'                          ? 'C4 H7 N O4'     133.103 
CYS 'L-peptide linking'          y CYSTEINE                                 ? 'C3 H7 N O2 S'   121.158 
GLN 'L-peptide linking'          y GLUTAMINE                                ? 'C5 H10 N2 O3'   146.144 
GLU 'L-peptide linking'          y 'GLUTAMIC ACID'                          ? 'C5 H9 N O4'     147.129 
GLY 'peptide linking'            y GLYCINE                                  ? 'C2 H5 N O2'     75.067  
GOL non-polymer                  . GLYCEROL                                 'GLYCERIN; PROPANE-1,2,3-TRIOL' 'C3 H8 O3'       
92.094  
HIS 'L-peptide linking'          y HISTIDINE                                ? 'C6 H10 N3 O2 1' 156.162 
HOH non-polymer                  . WATER                                    ? 'H2 O'           18.015  
ILE 'L-peptide linking'          y ISOLEUCINE                               ? 'C6 H13 N O2'    131.173 
LEU 'L-peptide linking'          y LEUCINE                                  ? 'C6 H13 N O2'    131.173 
LYS 'L-peptide linking'          y LYSINE                                   ? 'C6 H15 N2 O2 1' 147.195 
MET 'L-peptide linking'          y METHIONINE                               ? 'C5 H11 N O2 S'  149.211 
NAG 'D-saccharide, beta linking' . 2-acetamido-2-deoxy-beta-D-glucopyranose 
;N-acetyl-beta-D-glucosamine; 2-acetamido-2-deoxy-beta-D-glucose; 2-acetamido-2-deoxy-D-glucose; 2-acetamido-2-deoxy-glucose; N-ACETYL-D-GLUCOSAMINE
;
'C8 H15 N O6'    221.208 
PHE 'L-peptide linking'          y PHENYLALANINE                            ? 'C9 H11 N O2'    165.189 
PRO 'L-peptide linking'          y PROLINE                                  ? 'C5 H9 N O2'     115.130 
SER 'L-peptide linking'          y SERINE                                   ? 'C3 H7 N O3'     105.093 
THR 'L-peptide linking'          y THREONINE                                ? 'C4 H9 N O3'     119.119 
TRP 'L-peptide linking'          y TRYPTOPHAN                               ? 'C11 H12 N2 O2'  204.225 
TYR 'L-peptide linking'          y TYROSINE                                 ? 'C9 H11 N O3'    181.189 
VAL 'L-peptide linking'          y VALINE                                   ? 'C5 H11 N O2'    117.146 
# 
loop_
_pdbx_chem_comp_identifier.comp_id 
_pdbx_chem_comp_identifier.type 
_pdbx_chem_comp_identifier.program 
_pdbx_chem_comp_identifier.program_version 
_pdbx_chem_comp_identifier.identifier 
NAG 'CONDENSED IUPAC CARBOHYDRATE SYMBOL' GMML     1.0 DGlcpNAcb                      
NAG 'COMMON NAME'                         GMML     1.0 N-acetyl-b-D-glucopyranosamine 
NAG 'IUPAC CARBOHYDRATE SYMBOL'           PDB-CARE 1.0 b-D-GlcpNAc                    
NAG 'SNFG CARBOHYDRATE SYMBOL'            GMML     1.0 GlcNAc                         
# 
loop_
_pdbx_poly_seq_scheme.asym_id 
_pdbx_poly_seq_scheme.entity_id 
_pdbx_poly_seq_scheme.seq_id 
_pdbx_poly_seq_scheme.mon_id 
_pdbx_poly_seq_scheme.ndb_seq_num 
_pdbx_poly_seq_scheme.pdb_seq_num 
_pdbx_poly_seq_scheme.auth_seq_num 
_pdbx_poly_seq_scheme.pdb_mon_id 
_pdbx_poly_seq_scheme.auth_mon_id 
_pdbx_poly_seq_scheme.pdb_strand_id 
_pdbx_poly_seq_scheme.pdb_ins_code 
_pdbx_poly_seq_scheme.hetero 
A 1 1   LYS 1   1   ?   ?   ?   A . n 
A 1 2   PRO 2   2   ?   ?   ?   A . n 
A 1 3   LYS 3   3   ?   ?   ?   A . n 
A 1 4   GLU 4   4   ?   ?   ?   A . n 
A 1 5   ASP 5   5   5   ASP ASP A . n 
A 1 6   ARG 6   6   6   ARG ALA A . n 
A 1 7   GLU 7   7   7   GLU GLU A . n 
A 1 8   TRP 8   8   8   TRP TRP A . n 
A 1 9   GLU 9   9   9   GLU GLU A . n 
A 1 10  LYS 10  10  10  LYS LYS A . n 
A 1 11  PHE 11  11  11  PHE PHE A . n 
A 1 12  LYS 12  12  12  LYS LYS A . n 
A 1 13  THR 13  13  13  THR THR A . n 
A 1 14  LYS 14  14  14  LYS LYS A . n 
A 1 15  HIS 15  15  15  HIS HIS A . n 
A 1 16  ILE 16  16  16  ILE ILE A . n 
A 1 17  THR 17  17  17  THR THR A . n 
A 1 18  SER 18  18  18  SER SER A . n 
A 1 19  GLN 19  19  19  GLN GLN A . n 
A 1 20  SER 20  20  20  SER SER A . n 
A 1 21  VAL 21  21  21  VAL VAL A . n 
A 1 22  ALA 22  22  22  ALA ALA A . n 
A 1 23  ASP 23  23  23  ASP ASP A . n 
A 1 24  PHE 24  24  24  PHE PHE A . n 
A 1 25  ASN 25  25  25  ASN ASN A . n 
A 1 26  CYS 26  26  26  CYS CYS A . n 
A 1 27  ASN 27  27  27  ASN ASN A . n 
A 1 28  ARG 28  28  28  ARG ARG A . n 
A 1 29  THR 29  29  29  THR THR A . n 
A 1 30  MET 30  30  30  MET MET A . n 
A 1 31  ASN 31  31  31  ASN ASN A . n 
A 1 32  ASP 32  32  32  ASP ASP A . n 
A 1 33  PRO 33  33  33  PRO PRO A . n 
A 1 34  ALA 34  34  34  ALA ALA A . n 
A 1 35  TYR 35  35  35  TYR TYR A . n 
A 1 36  THR 36  36  36  THR THR A . n 
A 1 37  PRO 37  37  37  PRO PRO A . n 
A 1 38  ASP 38  38  38  ASP ASP A . n 
A 1 39  GLY 39  39  39  GLY GLY A . n 
A 1 40  GLN 40  40  40  GLN GLN A . n 
A 1 41  CYS 41  41  41  CYS CYS A . n 
A 1 42  LYS 42  42  42  LYS LYS A . n 
A 1 43  PRO 43  43  43  PRO PRO A . n 
A 1 44  ILE 44  44  44  ILE ILE A . n 
A 1 45  ASN 45  45  45  ASN ASN A . n 
A 1 46  THR 46  46  46  THR THR A . n 
A 1 47  PHE 47  47  47  PHE PHE A . n 
A 1 48  ILE 48  48  48  ILE ILE A . n 
A 1 49  HIS 49  49  49  HIS HIS A . n 
A 1 50  SER 50  50  50  SER SER A . n 
A 1 51  THR 51  51  51  THR THR A . n 
A 1 52  THR 52  52  52  THR THR A . n 
A 1 53  GLY 53  53  53  GLY GLY A . n 
A 1 54  PRO 54  54  54  PRO PRO A . n 
A 1 55  VAL 55  55  55  VAL VAL A . n 
A 1 56  LYS 56  56  56  LYS LYS A . n 
A 1 57  GLU 57  57  57  GLU GLU A . n 
A 1 58  ILE 58  58  58  ILE ILE A . n 
A 1 59  CYS 59  59  59  CYS CYS A . n 
A 1 60  ARG 60  60  60  ARG ARG A . n 
A 1 61  ARG 61  61  61  ARG ARG A . n 
A 1 62  ALA 62  62  62  ALA ALA A . n 
A 1 63  THR 63  63  63  THR THR A . n 
A 1 64  GLY 64  64  64  GLY GLY A . n 
A 1 65  ARG 65  65  65  ARG ARG A . n 
A 1 66  VAL 66  66  66  VAL VAL A . n 
A 1 67  ASN 67  67  67  ASN ASN A . n 
A 1 68  LYS 68  68  68  LYS LYS A . n 
A 1 69  SER 69  69  69  SER SER A . n 
A 1 70  SER 70  70  70  SER SER A . n 
A 1 71  THR 71  71  71  THR THR A . n 
A 1 72  GLN 72  72  72  GLN GLN A . n 
A 1 73  GLN 73  73  73  GLN GLN A . n 
A 1 74  PHE 74  74  74  PHE PHE A . n 
A 1 75  THR 75  75  75  THR THR A . n 
A 1 76  LEU 76  76  76  LEU LEU A . n 
A 1 77  THR 77  77  77  THR THR A . n 
A 1 78  THR 78  78  78  THR THR A . n 
A 1 79  CYS 79  79  79  CYS CYS A . n 
A 1 80  LYS 80  80  80  LYS LYS A . n 
A 1 81  ASN 81  81  81  ASN ASN A . n 
A 1 82  PRO 82  82  82  PRO PRO A . n 
A 1 83  ILE 83  83  83  ILE ILE A . n 
A 1 84  ARG 84  84  84  ARG ARG A . n 
A 1 85  CYS 85  85  85  CYS CYS A . n 
A 1 86  LYS 86  86  86  LYS LYS A . n 
A 1 87  TYR 87  87  87  TYR TYR A . n 
A 1 88  SER 88  88  88  SER SER A . n 
A 1 89  GLN 89  89  89  GLN GLN A . n 
A 1 90  SER 90  90  90  SER SER A . n 
A 1 91  ASN 91  91  91  ASN ASN A . n 
A 1 92  THR 92  92  92  THR THR A . n 
A 1 93  THR 93  93  93  THR THR A . n 
A 1 94  ASN 94  94  94  ASN ASN A . n 
A 1 95  PHE 95  95  95  PHE PHE A . n 
A 1 96  ILE 96  96  96  ILE ILE A . n 
A 1 97  CYS 97  97  97  CYS CYS A . n 
A 1 98  ILE 98  98  98  ILE ILE A . n 
A 1 99  THR 99  99  99  THR THR A . n 
A 1 100 CYS 100 100 100 CYS CYS A . n 
A 1 101 ARG 101 101 101 ARG ARG A . n 
A 1 102 ASP 102 102 102 ASP ASP A . n 
A 1 103 ASN 103 103 103 ASN ASN A . n 
A 1 104 TYR 104 104 104 TYR TYR A . n 
A 1 105 PRO 105 105 105 PRO PRO A . n 
A 1 106 VAL 106 106 106 VAL VAL A . n 
A 1 107 HIS 107 107 107 HIS HIS A . n 
A 1 108 PHE 108 108 108 PHE PHE A . n 
A 1 109 VAL 109 109 109 VAL VAL A . n 
A 1 110 LYS 110 110 110 LYS LYS A . n 
A 1 111 THR 111 111 111 THR THR A . n 
A 1 112 GLY 112 112 112 GLY GLY A . n 
A 1 113 LYS 113 113 113 LYS LYS A . n 
A 1 114 CYS 114 114 114 CYS CYS A . n 
# 
loop_
_pdbx_branch_scheme.asym_id 
_pdbx_branch_scheme.entity_id 
_pdbx_branch_scheme.mon_id 
_pdbx_branch_scheme.num 
_pdbx_branch_scheme.pdb_asym_id 
_pdbx_branch_scheme.pdb_mon_id 
_pdbx_branch_scheme.pdb_seq_num 
_pdbx_branch_scheme.auth_asym_id 
_pdbx_branch_scheme.auth_mon_id 
_pdbx_branch_scheme.auth_seq_num 
_pdbx_branch_scheme.hetero 
B 2 NAG 1 B NAG 1 B NAG 501 n 
B 2 NAG 2 B NAG 2 B NAG 502 n 
# 
loop_
_pdbx_nonpoly_scheme.asym_id 
_pdbx_nonpoly_scheme.entity_id 
_pdbx_nonpoly_scheme.mon_id 
_pdbx_nonpoly_scheme.ndb_seq_num 
_pdbx_nonpoly_scheme.pdb_seq_num 
_pdbx_nonpoly_scheme.auth_seq_num 
_pdbx_nonpoly_scheme.pdb_mon_id 
_pdbx_nonpoly_scheme.auth_mon_id 
_pdbx_nonpoly_scheme.pdb_strand_id 
_pdbx_nonpoly_scheme.pdb_ins_code 
C 3 ACT 1  505  505  ACT ACT A . 
D 3 ACT 1  506  506  ACT ACT A . 
E 4 GOL 1  600  600  GOL GOL A . 
F 5 HOH 1  2001 2001 HOH HOH A . 
F 5 HOH 2  2004 2004 HOH HOH A . 
F 5 HOH 3  2006 2006 HOH HOH A . 
F 5 HOH 4  2007 2007 HOH HOH A . 
F 5 HOH 5  2009 2009 HOH HOH A . 
F 5 HOH 6  2010 2010 HOH HOH A . 
F 5 HOH 7  2012 2012 HOH HOH A . 
F 5 HOH 8  2013 2013 HOH HOH A . 
F 5 HOH 9  2014 2014 HOH HOH A . 
F 5 HOH 10 2015 2015 HOH HOH A . 
F 5 HOH 11 2017 2017 HOH HOH A . 
F 5 HOH 12 2019 2019 HOH HOH A . 
F 5 HOH 13 2020 2020 HOH HOH A . 
F 5 HOH 14 2021 2021 HOH HOH A . 
F 5 HOH 15 2022 2022 HOH HOH A . 
F 5 HOH 16 2028 2028 HOH HOH A . 
F 5 HOH 17 2030 2030 HOH HOH A . 
F 5 HOH 18 2031 2031 HOH HOH A . 
F 5 HOH 19 2032 2032 HOH HOH A . 
F 5 HOH 20 2034 2034 HOH HOH A . 
F 5 HOH 21 2035 2035 HOH HOH A . 
F 5 HOH 22 2036 2036 HOH HOH A . 
F 5 HOH 23 2037 2037 HOH HOH A . 
F 5 HOH 24 2038 2038 HOH HOH A . 
F 5 HOH 25 2039 2039 HOH HOH A . 
F 5 HOH 26 2040 2040 HOH HOH A . 
F 5 HOH 27 2041 2041 HOH HOH A . 
F 5 HOH 28 2042 2042 HOH HOH A . 
F 5 HOH 29 2043 2043 HOH HOH A . 
F 5 HOH 30 2049 2049 HOH HOH A . 
F 5 HOH 31 2050 2050 HOH HOH A . 
F 5 HOH 32 2051 2051 HOH HOH A . 
F 5 HOH 33 2052 2052 HOH HOH A . 
F 5 HOH 34 2053 2053 HOH HOH A . 
F 5 HOH 35 2054 2054 HOH HOH A . 
F 5 HOH 36 2055 2055 HOH HOH A . 
F 5 HOH 37 2057 2057 HOH HOH A . 
F 5 HOH 38 2058 2058 HOH HOH A . 
F 5 HOH 39 2059 2059 HOH HOH A . 
F 5 HOH 40 2060 2060 HOH HOH A . 
F 5 HOH 41 2061 2061 HOH HOH A . 
F 5 HOH 42 2064 2064 HOH HOH A . 
F 5 HOH 43 2065 2065 HOH HOH A . 
F 5 HOH 44 2066 2066 HOH HOH A . 
F 5 HOH 45 2067 2067 HOH HOH A . 
F 5 HOH 46 2070 2070 HOH HOH A . 
F 5 HOH 47 2072 2072 HOH HOH A . 
F 5 HOH 48 2074 2074 HOH HOH A . 
F 5 HOH 49 2077 2077 HOH HOH A . 
F 5 HOH 50 2080 2080 HOH HOH A . 
F 5 HOH 51 2083 2083 HOH HOH A . 
F 5 HOH 52 2085 2085 HOH HOH A . 
F 5 HOH 53 2086 2086 HOH HOH A . 
F 5 HOH 54 2087 2087 HOH HOH A . 
F 5 HOH 55 2088 2088 HOH HOH A . 
F 5 HOH 56 2089 2089 HOH HOH A . 
F 5 HOH 57 2091 2091 HOH HOH A . 
F 5 HOH 58 2092 2092 HOH HOH A . 
F 5 HOH 59 2093 2093 HOH HOH A . 
F 5 HOH 60 2094 2094 HOH HOH A . 
F 5 HOH 61 2103 2103 HOH HOH A . 
F 5 HOH 62 2108 2108 HOH HOH A . 
F 5 HOH 63 2200 2200 HOH HOH A . 
F 5 HOH 64 2205 2205 HOH HOH A . 
F 5 HOH 65 2206 2206 HOH HOH A . 
F 5 HOH 66 2209 2209 HOH HOH A . 
F 5 HOH 67 2210 2210 HOH HOH A . 
F 5 HOH 68 2211 2211 HOH HOH A . 
F 5 HOH 69 2213 2213 HOH HOH A . 
F 5 HOH 70 2215 2215 HOH HOH A . 
F 5 HOH 71 2216 2216 HOH HOH A . 
F 5 HOH 72 2217 2217 HOH HOH A . 
F 5 HOH 73 2218 2218 HOH HOH A . 
F 5 HOH 74 2220 2220 HOH HOH A . 
F 5 HOH 75 2221 2221 HOH HOH A . 
# 
loop_
_pdbx_unobs_or_zero_occ_atoms.id 
_pdbx_unobs_or_zero_occ_atoms.PDB_model_num 
_pdbx_unobs_or_zero_occ_atoms.polymer_flag 
_pdbx_unobs_or_zero_occ_atoms.occupancy_flag 
_pdbx_unobs_or_zero_occ_atoms.auth_asym_id 
_pdbx_unobs_or_zero_occ_atoms.auth_comp_id 
_pdbx_unobs_or_zero_occ_atoms.auth_seq_id 
_pdbx_unobs_or_zero_occ_atoms.PDB_ins_code 
_pdbx_unobs_or_zero_occ_atoms.auth_atom_id 
_pdbx_unobs_or_zero_occ_atoms.label_alt_id 
_pdbx_unobs_or_zero_occ_atoms.label_asym_id 
_pdbx_unobs_or_zero_occ_atoms.label_comp_id 
_pdbx_unobs_or_zero_occ_atoms.label_seq_id 
_pdbx_unobs_or_zero_occ_atoms.label_atom_id 
1 1 Y 1 A ARG 6 ? CG  ? A ARG 6 CG  
2 1 Y 1 A ARG 6 ? CD  ? A ARG 6 CD  
3 1 Y 1 A ARG 6 ? NE  ? A ARG 6 NE  
4 1 Y 1 A ARG 6 ? CZ  ? A ARG 6 CZ  
5 1 Y 1 A ARG 6 ? NH1 ? A ARG 6 NH1 
6 1 Y 1 A ARG 6 ? NH2 ? A ARG 6 NH2 
# 
loop_
_software.name 
_software.version 
_software.date 
_software.type 
_software.contact_author 
_software.contact_author_email 
_software.classification 
_software.location 
_software.language 
_software.citation_id 
_software.pdbx_ordinal 
DENZO       .     ?                package 'Zbyszek Otwinowski' zbyszek@mix.swmed.edu    'data reduction'  
http://www.lnls.br/infra/linhasluz/denzo-hkl.htm ?          ? 1 
SCALEPACK   .     ?                package 'Zbyszek Otwinowski' zbyszek@mix.swmed.edu    'data scaling'    
http://www.lnls.br/infra/linhasluz/denzo-hkl.htm ?          ? 2 
AMoRE       .     ?                program 'Jorge Navaza'       ccp4@dl.ac.uk            phasing           
http://www.ccp4.ac.uk/main.html                  Fortran_77 ? 3 
CNS         .     ?                package 'Axel T. Brunger'    axel.brunger@yale.edu    refinement        
http://cns.csb.yale.edu/v1.1/                    Fortran_77 ? 4 
PDB_EXTRACT 2.000 'April. 3, 2006' package PDB                  sw-help@rcsb.rutgers.edu 'data extraction' 
http://pdb.rutgers.edu/software/                 C++        ? 5 
HKL-2000    .     ?                ?       ?                    ?                        'data reduction'  ? ?          ? 6 
# 
_cell.entry_id           2P7S 
_cell.length_a           53.967 
_cell.length_b           53.967 
_cell.length_c           47.796 
_cell.angle_alpha        90.00 
_cell.angle_beta         90.00 
_cell.angle_gamma        90.00 
_cell.Z_PDB              4 
_cell.pdbx_unique_axis   ? 
_cell.length_a_esd       ? 
_cell.length_b_esd       ? 
_cell.length_c_esd       ? 
_cell.angle_alpha_esd    ? 
_cell.angle_beta_esd     ? 
_cell.angle_gamma_esd    ? 
# 
_symmetry.entry_id                         2P7S 
_symmetry.space_group_name_H-M             'P 41' 
_symmetry.pdbx_full_space_group_name_H-M   ? 
_symmetry.cell_setting                     ? 
_symmetry.Int_Tables_number                76 
_symmetry.space_group_name_Hall            ? 
# 
_exptl.crystals_number   1 
_exptl.entry_id          2P7S 
_exptl.method            'X-RAY DIFFRACTION' 
# 
_exptl_crystal.id                    1 
_exptl_crystal.density_Matthews      2.65 
_exptl_crystal.density_meas          ? 
_exptl_crystal.density_percent_sol   53.65 
_exptl_crystal.description           ? 
_exptl_crystal.F_000                 ? 
_exptl_crystal.preparation           ? 
# 
_exptl_crystal_grow.crystal_id      1 
_exptl_crystal_grow.method          'VAPOR DIFFUSION, HANGING DROP' 
_exptl_crystal_grow.pH              6.5 
_exptl_crystal_grow.temp            289 
_exptl_crystal_grow.temp_details    ? 
_exptl_crystal_grow.pdbx_details    
'protein 25 mg/ml, PEG 8000 30% (w/v), Na-acetate 0.2M, Na-cacodylate 0.1M, pH 6.5, VAPOR DIFFUSION, HANGING DROP, temperature 289K' 
_exptl_crystal_grow.pdbx_pH_range   . 
# 
_diffrn.id                     1 
_diffrn.ambient_temp           100 
_diffrn.ambient_temp_details   ? 
_diffrn.crystal_id             1 
# 
_diffrn_detector.diffrn_id              1 
_diffrn_detector.detector               CCD 
_diffrn_detector.type                   'ADSC QUANTUM 4' 
_diffrn_detector.pdbx_collection_date   2004-03-25 
_diffrn_detector.details                Mirrors 
# 
_diffrn_radiation.diffrn_id                        1 
_diffrn_radiation.wavelength_id                    1 
_diffrn_radiation.pdbx_diffrn_protocol             'SINGLE WAVELENGTH' 
_diffrn_radiation.monochromator                    'SAGITALLY FOCUSED Si(111)' 
_diffrn_radiation.pdbx_monochromatic_or_laue_m_l   M 
_diffrn_radiation.pdbx_scattering_type             x-ray 
# 
_diffrn_radiation_wavelength.id           1 
_diffrn_radiation_wavelength.wavelength   0.87 
_diffrn_radiation_wavelength.wt           1.0 
# 
_diffrn_source.diffrn_id                   1 
_diffrn_source.source                      SYNCHROTRON 
_diffrn_source.type                        'SRS BEAMLINE PX9.6' 
_diffrn_source.pdbx_wavelength             0.87 
_diffrn_source.pdbx_wavelength_list        ? 
_diffrn_source.pdbx_synchrotron_site       SRS 
_diffrn_source.pdbx_synchrotron_beamline   PX9.6 
# 
_reflns.entry_id                     2P7S 
_reflns.d_resolution_high            1.800 
_reflns.d_resolution_low             38.2 
_reflns.number_obs                   12605 
_reflns.pdbx_Rmerge_I_obs            0.069 
_reflns.pdbx_netI_over_sigmaI        16.000 
_reflns.pdbx_chi_squared             1.065 
_reflns.pdbx_redundancy              3.600 
_reflns.percent_possible_obs         98.000 
_reflns.observed_criterion_sigma_F   0 
_reflns.observed_criterion_sigma_I   ? 
_reflns.number_all                   12605 
_reflns.pdbx_Rsym_value              ? 
_reflns.B_iso_Wilson_estimate        ? 
_reflns.R_free_details               ? 
_reflns.limit_h_max                  ? 
_reflns.limit_h_min                  ? 
_reflns.limit_k_max                  ? 
_reflns.limit_k_min                  ? 
_reflns.limit_l_max                  ? 
_reflns.limit_l_min                  ? 
_reflns.observed_criterion_F_max     ? 
_reflns.observed_criterion_F_min     ? 
_reflns.pdbx_scaling_rejects         ? 
_reflns.pdbx_ordinal                 1 
_reflns.pdbx_diffrn_id               1 
# 
_reflns_shell.d_res_high             1.80 
_reflns_shell.d_res_low              1.86 
_reflns_shell.number_measured_obs    ? 
_reflns_shell.number_measured_all    ? 
_reflns_shell.number_unique_obs      ? 
_reflns_shell.Rmerge_I_obs           0.354 
_reflns_shell.meanI_over_sigI_obs    ? 
_reflns_shell.pdbx_Rsym_value        ? 
_reflns_shell.pdbx_chi_squared       1.052 
_reflns_shell.pdbx_redundancy        2.80 
_reflns_shell.percent_possible_obs   ? 
_reflns_shell.number_unique_all      1088 
_reflns_shell.percent_possible_all   86.50 
_reflns_shell.pdbx_ordinal           1 
_reflns_shell.pdbx_diffrn_id         1 
# 
_refine.entry_id                                 2P7S 
_refine.ls_d_res_high                            1.800 
_refine.ls_d_res_low                             38.2 
_refine.pdbx_ls_sigma_F                          0.00 
_refine.ls_percent_reflns_obs                    98.100 
_refine.ls_number_reflns_obs                     12588 
_refine.ls_R_factor_R_work                       0.221 
_refine.ls_R_factor_R_free                       0.241 
_refine.ls_percent_reflns_R_free                 5.000 
_refine.ls_number_reflns_R_free                  646 
_refine.B_iso_mean                               33.165 
_refine.solvent_model_param_bsol                 57.717 
_refine.aniso_B[1][1]                            8.019 
_refine.aniso_B[2][2]                            8.019 
_refine.aniso_B[3][3]                            -16.037 
_refine.aniso_B[1][2]                            0.000 
_refine.aniso_B[1][3]                            0.000 
_refine.aniso_B[2][3]                            0.000 
_refine.overall_FOM_work_R_set                   0.812 
_refine.pdbx_ls_sigma_I                          ? 
_refine.ls_number_reflns_all                     ? 
_refine.ls_R_factor_all                          0.235 
_refine.ls_R_factor_obs                          ? 
_refine.ls_redundancy_reflns_obs                 ? 
_refine.pdbx_data_cutoff_high_absF               ? 
_refine.pdbx_data_cutoff_low_absF                ? 
_refine.ls_number_parameters                     ? 
_refine.ls_number_restraints                     ? 
_refine.ls_R_factor_R_free_error                 ? 
_refine.ls_R_factor_R_free_error_details         ? 
_refine.pdbx_method_to_determine_struct          'MOLECULAR REPLACEMENT' 
_refine.pdbx_starting_model                      'PDB entry 1ONC' 
_refine.pdbx_ls_cross_valid_method               ? 
_refine.pdbx_R_Free_selection_details            RANDOM 
_refine.pdbx_stereochem_target_val_spec_case     ? 
_refine.pdbx_stereochemistry_target_values       ? 
_refine.solvent_model_details                    ? 
_refine.solvent_model_param_ksol                 ? 
_refine.occupancy_max                            ? 
_refine.occupancy_min                            ? 
_refine.pdbx_isotropic_thermal_model             Isotropic 
_refine.details                                  ? 
_refine.B_iso_min                                ? 
_refine.B_iso_max                                ? 
_refine.correlation_coeff_Fo_to_Fc               ? 
_refine.correlation_coeff_Fo_to_Fc_free          ? 
_refine.pdbx_solvent_vdw_probe_radii             ? 
_refine.pdbx_solvent_ion_probe_radii             ? 
_refine.pdbx_solvent_shrinkage_radii             ? 
_refine.overall_SU_R_Cruickshank_DPI             ? 
_refine.overall_SU_R_free                        ? 
_refine.overall_SU_ML                            ? 
_refine.overall_SU_B                             ? 
_refine.pdbx_overall_ESU_R_Free                  ? 
_refine.pdbx_data_cutoff_high_rms_absF           ? 
_refine.pdbx_overall_ESU_R                       ? 
_refine.ls_wR_factor_R_free                      ? 
_refine.ls_wR_factor_R_work                      ? 
_refine.overall_FOM_free_R_set                   ? 
_refine.pdbx_refine_id                           'X-RAY DIFFRACTION' 
_refine.pdbx_diffrn_id                           1 
_refine.pdbx_TLS_residual_ADP_flag               ? 
_refine.pdbx_overall_phase_error                 ? 
_refine.pdbx_overall_SU_R_free_Cruickshank_DPI   ? 
_refine.pdbx_overall_SU_R_Blow_DPI               ? 
_refine.pdbx_overall_SU_R_free_Blow_DPI          ? 
# 
_refine_hist.pdbx_refine_id                   'X-RAY DIFFRACTION' 
_refine_hist.cycle_id                         LAST 
_refine_hist.pdbx_number_atoms_protein        874 
_refine_hist.pdbx_number_atoms_nucleic_acid   0 
_refine_hist.pdbx_number_atoms_ligand         42 
_refine_hist.number_atoms_solvent             75 
_refine_hist.number_atoms_total               991 
_refine_hist.d_res_high                       1.800 
_refine_hist.d_res_low                        38.2 
# 
loop_
_refine_ls_restr.type 
_refine_ls_restr.number 
_refine_ls_restr.dev_ideal 
_refine_ls_restr.dev_ideal_target 
_refine_ls_restr.weight 
_refine_ls_restr.pdbx_refine_id 
_refine_ls_restr.pdbx_restraint_function 
c_bond_d     ? 0.005 ?     ? 'X-RAY DIFFRACTION' ? 
c_angle_deg  ? 1.494 ?     ? 'X-RAY DIFFRACTION' ? 
c_mcbond_it  ? 1.347 1.500 ? 'X-RAY DIFFRACTION' ? 
c_scbond_it  ? 1.949 2.000 ? 'X-RAY DIFFRACTION' ? 
c_mcangle_it ? 2.054 2.000 ? 'X-RAY DIFFRACTION' ? 
c_scangle_it ? 2.850 2.500 ? 'X-RAY DIFFRACTION' ? 
# 
loop_
_refine_ls_shell.d_res_high 
_refine_ls_shell.d_res_low 
_refine_ls_shell.pdbx_total_number_of_bins_used 
_refine_ls_shell.percent_reflns_obs 
_refine_ls_shell.number_reflns_R_work 
_refine_ls_shell.R_factor_all 
_refine_ls_shell.R_factor_R_work 
_refine_ls_shell.R_factor_R_free 
_refine_ls_shell.percent_reflns_R_free 
_refine_ls_shell.number_reflns_R_free 
_refine_ls_shell.R_factor_R_free_error 
_refine_ls_shell.number_reflns_all 
_refine_ls_shell.number_reflns_obs 
_refine_ls_shell.redundancy_reflns_obs 
_refine_ls_shell.pdbx_refine_id 
1.800 1.850  12 . 870  . 0.312 0.277 . 46 . . 916  . 'X-RAY DIFFRACTION' 
1.850 1.910  12 . 937  . 0.309 0.386 . 51 . . 988  . 'X-RAY DIFFRACTION' 
1.910 1.980  12 . 986  . 0.284 0.309 . 55 . . 1041 . 'X-RAY DIFFRACTION' 
1.980 2.060  12 . 1023 . 0.289 0.324 . 54 . . 1077 . 'X-RAY DIFFRACTION' 
2.060 2.150  12 . 993  . 0.252 0.317 . 51 . . 1044 . 'X-RAY DIFFRACTION' 
2.150 2.270  12 . 1013 . 0.264 0.336 . 57 . . 1070 . 'X-RAY DIFFRACTION' 
2.270 2.410  12 . 1007 . 0.254 0.335 . 59 . . 1066 . 'X-RAY DIFFRACTION' 
2.410 2.600  12 . 1016 . 0.228 0.25  . 55 . . 1071 . 'X-RAY DIFFRACTION' 
2.600 2.860  12 . 1018 . 0.224 0.251 . 54 . . 1072 . 'X-RAY DIFFRACTION' 
2.860 3.270  12 . 1021 . 0.214 0.228 . 52 . . 1073 . 'X-RAY DIFFRACTION' 
3.270 4.120  12 . 1011 . 0.203 0.208 . 58 . . 1069 . 'X-RAY DIFFRACTION' 
4.120 50.000 12 . 1047 . 0.184 0.186 . 54 . . 1101 . 'X-RAY DIFFRACTION' 
# 
loop_
_pdbx_xplor_file.serial_no 
_pdbx_xplor_file.param_file 
_pdbx_xplor_file.topol_file 
_pdbx_xplor_file.pdbx_refine_id 
1 protein_rep.param  protein.top      'X-RAY DIFFRACTION' 
2 dna-rna_rep.param  dna-rna.top      'X-RAY DIFFRACTION' 
3 water_rep.param    water.top        'X-RAY DIFFRACTION' 
4 act.param          act.top          'X-RAY DIFFRACTION' 
5 carbohydrate.param carbohydrate.top 'X-RAY DIFFRACTION' 
# 
_struct.entry_id                  2P7S 
_struct.title                     
'Enzymatic and Structural Characterisation of Amphinase, a Novel Cytotoxic Ribonuclease from Rana pipiens Oocytes' 
_struct.pdbx_model_details        ? 
_struct.pdbx_CASP_flag            ? 
_struct.pdbx_model_type_details   ? 
# 
_struct_keywords.entry_id        2P7S 
_struct_keywords.pdbx_keywords   HYDROLASE 
_struct_keywords.text            'Amphinase, cytotoxic RNase, enzyme efficiency, substrate specificity, HYDROLASE' 
# 
loop_
_struct_asym.id 
_struct_asym.pdbx_blank_PDB_chainid_flag 
_struct_asym.pdbx_modified 
_struct_asym.entity_id 
_struct_asym.details 
A N N 1 ? 
B N N 2 ? 
C N N 3 ? 
D N N 3 ? 
E N N 4 ? 
F N N 5 ? 
# 
_struct_ref.id                         1 
_struct_ref.entity_id                  1 
_struct_ref.db_name                    UNP 
_struct_ref.db_code                    AMPS2_RANPI 
_struct_ref.pdbx_db_accession          P85073 
_struct_ref.pdbx_db_isoform            ? 
_struct_ref.pdbx_seq_one_letter_code   ? 
_struct_ref.pdbx_align_begin           ? 
# 
_struct_ref_seq.align_id                      1 
_struct_ref_seq.ref_id                        1 
_struct_ref_seq.pdbx_PDB_id_code              2P7S 
_struct_ref_seq.pdbx_strand_id                A 
_struct_ref_seq.seq_align_beg                 1 
_struct_ref_seq.pdbx_seq_align_beg_ins_code   ? 
_struct_ref_seq.seq_align_end                 114 
_struct_ref_seq.pdbx_seq_align_end_ins_code   ? 
_struct_ref_seq.pdbx_db_accession             P85073 
_struct_ref_seq.db_align_beg                  1 
_struct_ref_seq.pdbx_db_align_beg_ins_code    ? 
_struct_ref_seq.db_align_end                  114 
_struct_ref_seq.pdbx_db_align_end_ins_code    ? 
_struct_ref_seq.pdbx_auth_seq_align_beg       1 
_struct_ref_seq.pdbx_auth_seq_align_end       114 
# 
_pdbx_struct_assembly.id                   1 
_pdbx_struct_assembly.details              author_defined_assembly 
_pdbx_struct_assembly.method_details       ? 
_pdbx_struct_assembly.oligomeric_details   monomeric 
_pdbx_struct_assembly.oligomeric_count     1 
# 
_pdbx_struct_assembly_gen.assembly_id       1 
_pdbx_struct_assembly_gen.oper_expression   1 
_pdbx_struct_assembly_gen.asym_id_list      A,B,C,D,E,F 
# 
_pdbx_struct_oper_list.id                   1 
_pdbx_struct_oper_list.type                 'identity operation' 
_pdbx_struct_oper_list.name                 1_555 
_pdbx_struct_oper_list.symmetry_operation   x,y,z 
_pdbx_struct_oper_list.matrix[1][1]         1.0000000000 
_pdbx_struct_oper_list.matrix[1][2]         0.0000000000 
_pdbx_struct_oper_list.matrix[1][3]         0.0000000000 
_pdbx_struct_oper_list.vector[1]            0.0000000000 
_pdbx_struct_oper_list.matrix[2][1]         0.0000000000 
_pdbx_struct_oper_list.matrix[2][2]         1.0000000000 
_pdbx_struct_oper_list.matrix[2][3]         0.0000000000 
_pdbx_struct_oper_list.vector[2]            0.0000000000 
_pdbx_struct_oper_list.matrix[3][1]         0.0000000000 
_pdbx_struct_oper_list.matrix[3][2]         0.0000000000 
_pdbx_struct_oper_list.matrix[3][3]         1.0000000000 
_pdbx_struct_oper_list.vector[3]            0.0000000000 
# 
_struct_biol.id   1 
# 
loop_
_struct_conf.conf_type_id 
_struct_conf.id 
_struct_conf.pdbx_PDB_helix_id 
_struct_conf.beg_label_comp_id 
_struct_conf.beg_label_asym_id 
_struct_conf.beg_label_seq_id 
_struct_conf.pdbx_beg_PDB_ins_code 
_struct_conf.end_label_comp_id 
_struct_conf.end_label_asym_id 
_struct_conf.end_label_seq_id 
_struct_conf.pdbx_end_PDB_ins_code 
_struct_conf.beg_auth_comp_id 
_struct_conf.beg_auth_asym_id 
_struct_conf.beg_auth_seq_id 
_struct_conf.end_auth_comp_id 
_struct_conf.end_auth_asym_id 
_struct_conf.end_auth_seq_id 
_struct_conf.pdbx_PDB_helix_class 
_struct_conf.details 
_struct_conf.pdbx_PDB_helix_length 
HELX_P HELX_P1 1 ASP A 5  ? HIS A 15 ? ASP A 5  HIS A 15 1 ? 11 
HELX_P HELX_P2 2 ASN A 25 ? MET A 30 ? ASN A 25 MET A 30 1 ? 6  
HELX_P HELX_P3 3 THR A 51 ? GLU A 57 ? THR A 51 GLU A 57 1 ? 7  
HELX_P HELX_P4 4 ILE A 58 ? ARG A 60 ? ILE A 58 ARG A 60 5 ? 3  
# 
_struct_conf_type.id          HELX_P 
_struct_conf_type.criteria    ? 
_struct_conf_type.reference   ? 
# 
loop_
_struct_conn.id 
_struct_conn.conn_type_id 
_struct_conn.pdbx_leaving_atom_flag 
_struct_conn.pdbx_PDB_id 
_struct_conn.ptnr1_label_asym_id 
_struct_conn.ptnr1_label_comp_id 
_struct_conn.ptnr1_label_seq_id 
_struct_conn.ptnr1_label_atom_id 
_struct_conn.pdbx_ptnr1_label_alt_id 
_struct_conn.pdbx_ptnr1_PDB_ins_code 
_struct_conn.pdbx_ptnr1_standard_comp_id 
_struct_conn.ptnr1_symmetry 
_struct_conn.ptnr2_label_asym_id 
_struct_conn.ptnr2_label_comp_id 
_struct_conn.ptnr2_label_seq_id 
_struct_conn.ptnr2_label_atom_id 
_struct_conn.pdbx_ptnr2_label_alt_id 
_struct_conn.pdbx_ptnr2_PDB_ins_code 
_struct_conn.ptnr1_auth_asym_id 
_struct_conn.ptnr1_auth_comp_id 
_struct_conn.ptnr1_auth_seq_id 
_struct_conn.ptnr2_auth_asym_id 
_struct_conn.ptnr2_auth_comp_id 
_struct_conn.ptnr2_auth_seq_id 
_struct_conn.ptnr2_symmetry 
_struct_conn.pdbx_ptnr3_label_atom_id 
_struct_conn.pdbx_ptnr3_label_seq_id 
_struct_conn.pdbx_ptnr3_label_comp_id 
_struct_conn.pdbx_ptnr3_label_asym_id 
_struct_conn.pdbx_ptnr3_label_alt_id 
_struct_conn.pdbx_ptnr3_PDB_ins_code 
_struct_conn.details 
_struct_conn.pdbx_dist_value 
_struct_conn.pdbx_value_order 
_struct_conn.pdbx_role 
disulf1 disulf ?    ? A CYS 26 SG  ? ? ? 1_555 A CYS 79  SG ? ? A CYS 26 A CYS 79  1_555 ? ? ? ? ? ? ? 2.035 ? ?               
disulf2 disulf ?    ? A CYS 41 SG  ? ? ? 1_555 A CYS 85  SG ? ? A CYS 41 A CYS 85  1_555 ? ? ? ? ? ? ? 2.037 ? ?               
disulf3 disulf ?    ? A CYS 59 SG  ? ? ? 1_555 A CYS 100 SG ? ? A CYS 59 A CYS 100 1_555 ? ? ? ? ? ? ? 2.031 ? ?               
disulf4 disulf ?    ? A CYS 97 SG  ? ? ? 1_555 A CYS 114 SG ? ? A CYS 97 A CYS 114 1_555 ? ? ? ? ? ? ? 2.029 ? ?               
covale1 covale one  ? A ASN 27 ND2 ? ? ? 1_555 B NAG .   C1 ? ? A ASN 27 B NAG 1   1_555 ? ? ? ? ? ? ? 1.450 ? N-Glycosylation 
covale2 covale both ? B NAG .  O4  ? ? ? 1_555 B NAG .   C1 ? ? B NAG 1  B NAG 2   1_555 ? ? ? ? ? ? ? 1.389 ? ?               
# 
loop_
_struct_conn_type.id 
_struct_conn_type.criteria 
_struct_conn_type.reference 
disulf ? ? 
covale ? ? 
# 
loop_
_pdbx_modification_feature.ordinal 
_pdbx_modification_feature.label_comp_id 
_pdbx_modification_feature.label_asym_id 
_pdbx_modification_feature.label_seq_id 
_pdbx_modification_feature.label_alt_id 
_pdbx_modification_feature.modified_residue_label_comp_id 
_pdbx_modification_feature.modified_residue_label_asym_id 
_pdbx_modification_feature.modified_residue_label_seq_id 
_pdbx_modification_feature.modified_residue_label_alt_id 
_pdbx_modification_feature.auth_comp_id 
_pdbx_modification_feature.auth_asym_id 
_pdbx_modification_feature.auth_seq_id 
_pdbx_modification_feature.PDB_ins_code 
_pdbx_modification_feature.symmetry 
_pdbx_modification_feature.modified_residue_auth_comp_id 
_pdbx_modification_feature.modified_residue_auth_asym_id 
_pdbx_modification_feature.modified_residue_auth_seq_id 
_pdbx_modification_feature.modified_residue_PDB_ins_code 
_pdbx_modification_feature.modified_residue_symmetry 
_pdbx_modification_feature.comp_id_linking_atom 
_pdbx_modification_feature.modified_residue_id_linking_atom 
_pdbx_modification_feature.modified_residue_id 
_pdbx_modification_feature.ref_pcm_id 
_pdbx_modification_feature.ref_comp_id 
_pdbx_modification_feature.type 
_pdbx_modification_feature.category 
1 NAG B .  ? ASN A 27  ? NAG B 1  ? 1_555 ASN A 27  ? 1_555 C1 ND2 ASN 1 NAG N-Glycosylation Carbohydrate       
2 CYS A 26 ? CYS A 79  ? CYS A 26 ? 1_555 CYS A 79  ? 1_555 SG SG  .   . .   None            'Disulfide bridge' 
3 CYS A 41 ? CYS A 85  ? CYS A 41 ? 1_555 CYS A 85  ? 1_555 SG SG  .   . .   None            'Disulfide bridge' 
4 CYS A 59 ? CYS A 100 ? CYS A 59 ? 1_555 CYS A 100 ? 1_555 SG SG  .   . .   None            'Disulfide bridge' 
5 CYS A 97 ? CYS A 114 ? CYS A 97 ? 1_555 CYS A 114 ? 1_555 SG SG  .   . .   None            'Disulfide bridge' 
# 
loop_
_struct_sheet.id 
_struct_sheet.type 
_struct_sheet.number_strands 
_struct_sheet.details 
A ? 4 ? 
B ? 3 ? 
# 
loop_
_struct_sheet_order.sheet_id 
_struct_sheet_order.range_id_1 
_struct_sheet_order.range_id_2 
_struct_sheet_order.offset 
_struct_sheet_order.sense 
A 1 2 ? parallel      
A 2 3 ? anti-parallel 
A 3 4 ? anti-parallel 
B 1 2 ? anti-parallel 
B 2 3 ? anti-parallel 
# 
loop_
_struct_sheet_range.sheet_id 
_struct_sheet_range.id 
_struct_sheet_range.beg_label_comp_id 
_struct_sheet_range.beg_label_asym_id 
_struct_sheet_range.beg_label_seq_id 
_struct_sheet_range.pdbx_beg_PDB_ins_code 
_struct_sheet_range.end_label_comp_id 
_struct_sheet_range.end_label_asym_id 
_struct_sheet_range.end_label_seq_id 
_struct_sheet_range.pdbx_end_PDB_ins_code 
_struct_sheet_range.beg_auth_comp_id 
_struct_sheet_range.beg_auth_asym_id 
_struct_sheet_range.beg_auth_seq_id 
_struct_sheet_range.end_auth_comp_id 
_struct_sheet_range.end_auth_asym_id 
_struct_sheet_range.end_auth_seq_id 
A 1 ILE A 16  ? THR A 17  ? ILE A 16  THR A 17  
A 2 ASN A 45  ? HIS A 49  ? ASN A 45  HIS A 49  
A 3 PHE A 74  ? ILE A 83  ? PHE A 74  ILE A 83  
A 4 LYS A 86  ? ASN A 94  ? LYS A 86  ASN A 94  
B 1 ARG A 65  ? SER A 69  ? ARG A 65  SER A 69  
B 2 ILE A 96  ? ARG A 101 ? ILE A 96  ARG A 101 
B 3 TYR A 104 ? THR A 111 ? TYR A 104 THR A 111 
# 
loop_
_pdbx_struct_sheet_hbond.sheet_id 
_pdbx_struct_sheet_hbond.range_id_1 
_pdbx_struct_sheet_hbond.range_id_2 
_pdbx_struct_sheet_hbond.range_1_label_atom_id 
_pdbx_struct_sheet_hbond.range_1_label_comp_id 
_pdbx_struct_sheet_hbond.range_1_label_asym_id 
_pdbx_struct_sheet_hbond.range_1_label_seq_id 
_pdbx_struct_sheet_hbond.range_1_PDB_ins_code 
_pdbx_struct_sheet_hbond.range_1_auth_atom_id 
_pdbx_struct_sheet_hbond.range_1_auth_comp_id 
_pdbx_struct_sheet_hbond.range_1_auth_asym_id 
_pdbx_struct_sheet_hbond.range_1_auth_seq_id 
_pdbx_struct_sheet_hbond.range_2_label_atom_id 
_pdbx_struct_sheet_hbond.range_2_label_comp_id 
_pdbx_struct_sheet_hbond.range_2_label_asym_id 
_pdbx_struct_sheet_hbond.range_2_label_seq_id 
_pdbx_struct_sheet_hbond.range_2_PDB_ins_code 
_pdbx_struct_sheet_hbond.range_2_auth_atom_id 
_pdbx_struct_sheet_hbond.range_2_auth_comp_id 
_pdbx_struct_sheet_hbond.range_2_auth_asym_id 
_pdbx_struct_sheet_hbond.range_2_auth_seq_id 
A 1 2 N THR A 17 ? N THR A 17 O ILE A 48  ? O ILE A 48  
A 2 3 N PHE A 47 ? N PHE A 47 O THR A 77  ? O THR A 77  
A 3 4 N LEU A 76 ? N LEU A 76 O THR A 92  ? O THR A 92  
B 1 2 N VAL A 66 ? N VAL A 66 O CYS A 100 ? O CYS A 100 
B 2 3 N THR A 99 ? N THR A 99 O VAL A 106 ? O VAL A 106 
# 
_pdbx_entry_details.entry_id                   2P7S 
_pdbx_entry_details.compound_details           ? 
_pdbx_entry_details.source_details             ? 
_pdbx_entry_details.nonpolymer_details         ? 
_pdbx_entry_details.sequence_details           ? 
_pdbx_entry_details.has_ligand_of_interest     ? 
_pdbx_entry_details.has_protein_modification   Y 
# 
_pdbx_validate_torsion.id              1 
_pdbx_validate_torsion.PDB_model_num   1 
_pdbx_validate_torsion.auth_comp_id    ASP 
_pdbx_validate_torsion.auth_asym_id    A 
_pdbx_validate_torsion.auth_seq_id     102 
_pdbx_validate_torsion.PDB_ins_code    ? 
_pdbx_validate_torsion.label_alt_id    ? 
_pdbx_validate_torsion.phi             59.93 
_pdbx_validate_torsion.psi             -119.99 
# 
_pdbx_struct_mod_residue.id               1 
_pdbx_struct_mod_residue.label_asym_id    A 
_pdbx_struct_mod_residue.label_comp_id    ASN 
_pdbx_struct_mod_residue.label_seq_id     27 
_pdbx_struct_mod_residue.auth_asym_id     A 
_pdbx_struct_mod_residue.auth_comp_id     ASN 
_pdbx_struct_mod_residue.auth_seq_id      27 
_pdbx_struct_mod_residue.PDB_ins_code     ? 
_pdbx_struct_mod_residue.parent_comp_id   ASN 
_pdbx_struct_mod_residue.details          'GLYCOSYLATION SITE' 
# 
_pdbx_phasing_MR.entry_id                     2P7S 
_pdbx_phasing_MR.method_rotation              ? 
_pdbx_phasing_MR.method_translation           ? 
_pdbx_phasing_MR.model_details                ? 
_pdbx_phasing_MR.R_factor                     0.554 
_pdbx_phasing_MR.R_rigid_body                 ? 
_pdbx_phasing_MR.correlation_coeff_Fo_to_Fc   0.177 
_pdbx_phasing_MR.correlation_coeff_Io_to_Ic   0.099 
_pdbx_phasing_MR.d_res_high_rotation          3.000 
_pdbx_phasing_MR.d_res_low_rotation           54.233 
_pdbx_phasing_MR.d_res_high_translation       3.000 
_pdbx_phasing_MR.d_res_low_translation        54.233 
_pdbx_phasing_MR.packing                      ? 
_pdbx_phasing_MR.reflns_percent_rotation      ? 
_pdbx_phasing_MR.reflns_percent_translation   ? 
_pdbx_phasing_MR.sigma_F_rotation             ? 
_pdbx_phasing_MR.sigma_F_translation          ? 
_pdbx_phasing_MR.sigma_I_rotation             ? 
_pdbx_phasing_MR.sigma_I_translation          ? 
# 
_pdbx_database_remark.id     999 
_pdbx_database_remark.text   
;SEQUENCE
There is no UNP sequence database reference available
for the protein at the time of processing.
;
# 
loop_
_pdbx_unobs_or_zero_occ_residues.id 
_pdbx_unobs_or_zero_occ_residues.PDB_model_num 
_pdbx_unobs_or_zero_occ_residues.polymer_flag 
_pdbx_unobs_or_zero_occ_residues.occupancy_flag 
_pdbx_unobs_or_zero_occ_residues.auth_asym_id 
_pdbx_unobs_or_zero_occ_residues.auth_comp_id 
_pdbx_unobs_or_zero_occ_residues.auth_seq_id 
_pdbx_unobs_or_zero_occ_residues.PDB_ins_code 
_pdbx_unobs_or_zero_occ_residues.label_asym_id 
_pdbx_unobs_or_zero_occ_residues.label_comp_id 
_pdbx_unobs_or_zero_occ_residues.label_seq_id 
1 1 Y 1 A LYS 1 ? A LYS 1 
2 1 Y 1 A PRO 2 ? A PRO 2 
3 1 Y 1 A LYS 3 ? A LYS 3 
4 1 Y 1 A GLU 4 ? A GLU 4 
# 
loop_
_chem_comp_atom.comp_id 
_chem_comp_atom.atom_id 
_chem_comp_atom.type_symbol 
_chem_comp_atom.pdbx_aromatic_flag 
_chem_comp_atom.pdbx_stereo_config 
_chem_comp_atom.pdbx_ordinal 
ACT C    C N N 1   
ACT O    O N N 2   
ACT OXT  O N N 3   
ACT CH3  C N N 4   
ACT H1   H N N 5   
ACT H2   H N N 6   
ACT H3   H N N 7   
ALA N    N N N 8   
ALA CA   C N S 9   
ALA C    C N N 10  
ALA O    O N N 11  
ALA CB   C N N 12  
ALA OXT  O N N 13  
ALA H    H N N 14  
ALA H2   H N N 15  
ALA HA   H N N 16  
ALA HB1  H N N 17  
ALA HB2  H N N 18  
ALA HB3  H N N 19  
ALA HXT  H N N 20  
ARG N    N N N 21  
ARG CA   C N S 22  
ARG C    C N N 23  
ARG O    O N N 24  
ARG CB   C N N 25  
ARG CG   C N N 26  
ARG CD   C N N 27  
ARG NE   N N N 28  
ARG CZ   C N N 29  
ARG NH1  N N N 30  
ARG NH2  N N N 31  
ARG OXT  O N N 32  
ARG H    H N N 33  
ARG H2   H N N 34  
ARG HA   H N N 35  
ARG HB2  H N N 36  
ARG HB3  H N N 37  
ARG HG2  H N N 38  
ARG HG3  H N N 39  
ARG HD2  H N N 40  
ARG HD3  H N N 41  
ARG HE   H N N 42  
ARG HH11 H N N 43  
ARG HH12 H N N 44  
ARG HH21 H N N 45  
ARG HH22 H N N 46  
ARG HXT  H N N 47  
ASN N    N N N 48  
ASN CA   C N S 49  
ASN C    C N N 50  
ASN O    O N N 51  
ASN CB   C N N 52  
ASN CG   C N N 53  
ASN OD1  O N N 54  
ASN ND2  N N N 55  
ASN OXT  O N N 56  
ASN H    H N N 57  
ASN H2   H N N 58  
ASN HA   H N N 59  
ASN HB2  H N N 60  
ASN HB3  H N N 61  
ASN HD21 H N N 62  
ASN HD22 H N N 63  
ASN HXT  H N N 64  
ASP N    N N N 65  
ASP CA   C N S 66  
ASP C    C N N 67  
ASP O    O N N 68  
ASP CB   C N N 69  
ASP CG   C N N 70  
ASP OD1  O N N 71  
ASP OD2  O N N 72  
ASP OXT  O N N 73  
ASP H    H N N 74  
ASP H2   H N N 75  
ASP HA   H N N 76  
ASP HB2  H N N 77  
ASP HB3  H N N 78  
ASP HD2  H N N 79  
ASP HXT  H N N 80  
CYS N    N N N 81  
CYS CA   C N R 82  
CYS C    C N N 83  
CYS O    O N N 84  
CYS CB   C N N 85  
CYS SG   S N N 86  
CYS OXT  O N N 87  
CYS H    H N N 88  
CYS H2   H N N 89  
CYS HA   H N N 90  
CYS HB2  H N N 91  
CYS HB3  H N N 92  
CYS HG   H N N 93  
CYS HXT  H N N 94  
GLN N    N N N 95  
GLN CA   C N S 96  
GLN C    C N N 97  
GLN O    O N N 98  
GLN CB   C N N 99  
GLN CG   C N N 100 
GLN CD   C N N 101 
GLN OE1  O N N 102 
GLN NE2  N N N 103 
GLN OXT  O N N 104 
GLN H    H N N 105 
GLN H2   H N N 106 
GLN HA   H N N 107 
GLN HB2  H N N 108 
GLN HB3  H N N 109 
GLN HG2  H N N 110 
GLN HG3  H N N 111 
GLN HE21 H N N 112 
GLN HE22 H N N 113 
GLN HXT  H N N 114 
GLU N    N N N 115 
GLU CA   C N S 116 
GLU C    C N N 117 
GLU O    O N N 118 
GLU CB   C N N 119 
GLU CG   C N N 120 
GLU CD   C N N 121 
GLU OE1  O N N 122 
GLU OE2  O N N 123 
GLU OXT  O N N 124 
GLU H    H N N 125 
GLU H2   H N N 126 
GLU HA   H N N 127 
GLU HB2  H N N 128 
GLU HB3  H N N 129 
GLU HG2  H N N 130 
GLU HG3  H N N 131 
GLU HE2  H N N 132 
GLU HXT  H N N 133 
GLY N    N N N 134 
GLY CA   C N N 135 
GLY C    C N N 136 
GLY O    O N N 137 
GLY OXT  O N N 138 
GLY H    H N N 139 
GLY H2   H N N 140 
GLY HA2  H N N 141 
GLY HA3  H N N 142 
GLY HXT  H N N 143 
GOL C1   C N N 144 
GOL O1   O N N 145 
GOL C2   C N N 146 
GOL O2   O N N 147 
GOL C3   C N N 148 
GOL O3   O N N 149 
GOL H11  H N N 150 
GOL H12  H N N 151 
GOL HO1  H N N 152 
GOL H2   H N N 153 
GOL HO2  H N N 154 
GOL H31  H N N 155 
GOL H32  H N N 156 
GOL HO3  H N N 157 
HIS N    N N N 158 
HIS CA   C N S 159 
HIS C    C N N 160 
HIS O    O N N 161 
HIS CB   C N N 162 
HIS CG   C Y N 163 
HIS ND1  N Y N 164 
HIS CD2  C Y N 165 
HIS CE1  C Y N 166 
HIS NE2  N Y N 167 
HIS OXT  O N N 168 
HIS H    H N N 169 
HIS H2   H N N 170 
HIS HA   H N N 171 
HIS HB2  H N N 172 
HIS HB3  H N N 173 
HIS HD1  H N N 174 
HIS HD2  H N N 175 
HIS HE1  H N N 176 
HIS HE2  H N N 177 
HIS HXT  H N N 178 
HOH O    O N N 179 
HOH H1   H N N 180 
HOH H2   H N N 181 
ILE N    N N N 182 
ILE CA   C N S 183 
ILE C    C N N 184 
ILE O    O N N 185 
ILE CB   C N S 186 
ILE CG1  C N N 187 
ILE CG2  C N N 188 
ILE CD1  C N N 189 
ILE OXT  O N N 190 
ILE H    H N N 191 
ILE H2   H N N 192 
ILE HA   H N N 193 
ILE HB   H N N 194 
ILE HG12 H N N 195 
ILE HG13 H N N 196 
ILE HG21 H N N 197 
ILE HG22 H N N 198 
ILE HG23 H N N 199 
ILE HD11 H N N 200 
ILE HD12 H N N 201 
ILE HD13 H N N 202 
ILE HXT  H N N 203 
LEU N    N N N 204 
LEU CA   C N S 205 
LEU C    C N N 206 
LEU O    O N N 207 
LEU CB   C N N 208 
LEU CG   C N N 209 
LEU CD1  C N N 210 
LEU CD2  C N N 211 
LEU OXT  O N N 212 
LEU H    H N N 213 
LEU H2   H N N 214 
LEU HA   H N N 215 
LEU HB2  H N N 216 
LEU HB3  H N N 217 
LEU HG   H N N 218 
LEU HD11 H N N 219 
LEU HD12 H N N 220 
LEU HD13 H N N 221 
LEU HD21 H N N 222 
LEU HD22 H N N 223 
LEU HD23 H N N 224 
LEU HXT  H N N 225 
LYS N    N N N 226 
LYS CA   C N S 227 
LYS C    C N N 228 
LYS O    O N N 229 
LYS CB   C N N 230 
LYS CG   C N N 231 
LYS CD   C N N 232 
LYS CE   C N N 233 
LYS NZ   N N N 234 
LYS OXT  O N N 235 
LYS H    H N N 236 
LYS H2   H N N 237 
LYS HA   H N N 238 
LYS HB2  H N N 239 
LYS HB3  H N N 240 
LYS HG2  H N N 241 
LYS HG3  H N N 242 
LYS HD2  H N N 243 
LYS HD3  H N N 244 
LYS HE2  H N N 245 
LYS HE3  H N N 246 
LYS HZ1  H N N 247 
LYS HZ2  H N N 248 
LYS HZ3  H N N 249 
LYS HXT  H N N 250 
MET N    N N N 251 
MET CA   C N S 252 
MET C    C N N 253 
MET O    O N N 254 
MET CB   C N N 255 
MET CG   C N N 256 
MET SD   S N N 257 
MET CE   C N N 258 
MET OXT  O N N 259 
MET H    H N N 260 
MET H2   H N N 261 
MET HA   H N N 262 
MET HB2  H N N 263 
MET HB3  H N N 264 
MET HG2  H N N 265 
MET HG3  H N N 266 
MET HE1  H N N 267 
MET HE2  H N N 268 
MET HE3  H N N 269 
MET HXT  H N N 270 
NAG C1   C N R 271 
NAG C2   C N R 272 
NAG C3   C N R 273 
NAG C4   C N S 274 
NAG C5   C N R 275 
NAG C6   C N N 276 
NAG C7   C N N 277 
NAG C8   C N N 278 
NAG N2   N N N 279 
NAG O1   O N N 280 
NAG O3   O N N 281 
NAG O4   O N N 282 
NAG O5   O N N 283 
NAG O6   O N N 284 
NAG O7   O N N 285 
NAG H1   H N N 286 
NAG H2   H N N 287 
NAG H3   H N N 288 
NAG H4   H N N 289 
NAG H5   H N N 290 
NAG H61  H N N 291 
NAG H62  H N N 292 
NAG H81  H N N 293 
NAG H82  H N N 294 
NAG H83  H N N 295 
NAG HN2  H N N 296 
NAG HO1  H N N 297 
NAG HO3  H N N 298 
NAG HO4  H N N 299 
NAG HO6  H N N 300 
PHE N    N N N 301 
PHE CA   C N S 302 
PHE C    C N N 303 
PHE O    O N N 304 
PHE CB   C N N 305 
PHE CG   C Y N 306 
PHE CD1  C Y N 307 
PHE CD2  C Y N 308 
PHE CE1  C Y N 309 
PHE CE2  C Y N 310 
PHE CZ   C Y N 311 
PHE OXT  O N N 312 
PHE H    H N N 313 
PHE H2   H N N 314 
PHE HA   H N N 315 
PHE HB2  H N N 316 
PHE HB3  H N N 317 
PHE HD1  H N N 318 
PHE HD2  H N N 319 
PHE HE1  H N N 320 
PHE HE2  H N N 321 
PHE HZ   H N N 322 
PHE HXT  H N N 323 
PRO N    N N N 324 
PRO CA   C N S 325 
PRO C    C N N 326 
PRO O    O N N 327 
PRO CB   C N N 328 
PRO CG   C N N 329 
PRO CD   C N N 330 
PRO OXT  O N N 331 
PRO H    H N N 332 
PRO HA   H N N 333 
PRO HB2  H N N 334 
PRO HB3  H N N 335 
PRO HG2  H N N 336 
PRO HG3  H N N 337 
PRO HD2  H N N 338 
PRO HD3  H N N 339 
PRO HXT  H N N 340 
SER N    N N N 341 
SER CA   C N S 342 
SER C    C N N 343 
SER O    O N N 344 
SER CB   C N N 345 
SER OG   O N N 346 
SER OXT  O N N 347 
SER H    H N N 348 
SER H2   H N N 349 
SER HA   H N N 350 
SER HB2  H N N 351 
SER HB3  H N N 352 
SER HG   H N N 353 
SER HXT  H N N 354 
THR N    N N N 355 
THR CA   C N S 356 
THR C    C N N 357 
THR O    O N N 358 
THR CB   C N R 359 
THR OG1  O N N 360 
THR CG2  C N N 361 
THR OXT  O N N 362 
THR H    H N N 363 
THR H2   H N N 364 
THR HA   H N N 365 
THR HB   H N N 366 
THR HG1  H N N 367 
THR HG21 H N N 368 
THR HG22 H N N 369 
THR HG23 H N N 370 
THR HXT  H N N 371 
TRP N    N N N 372 
TRP CA   C N S 373 
TRP C    C N N 374 
TRP O    O N N 375 
TRP CB   C N N 376 
TRP CG   C Y N 377 
TRP CD1  C Y N 378 
TRP CD2  C Y N 379 
TRP NE1  N Y N 380 
TRP CE2  C Y N 381 
TRP CE3  C Y N 382 
TRP CZ2  C Y N 383 
TRP CZ3  C Y N 384 
TRP CH2  C Y N 385 
TRP OXT  O N N 386 
TRP H    H N N 387 
TRP H2   H N N 388 
TRP HA   H N N 389 
TRP HB2  H N N 390 
TRP HB3  H N N 391 
TRP HD1  H N N 392 
TRP HE1  H N N 393 
TRP HE3  H N N 394 
TRP HZ2  H N N 395 
TRP HZ3  H N N 396 
TRP HH2  H N N 397 
TRP HXT  H N N 398 
TYR N    N N N 399 
TYR CA   C N S 400 
TYR C    C N N 401 
TYR O    O N N 402 
TYR CB   C N N 403 
TYR CG   C Y N 404 
TYR CD1  C Y N 405 
TYR CD2  C Y N 406 
TYR CE1  C Y N 407 
TYR CE2  C Y N 408 
TYR CZ   C Y N 409 
TYR OH   O N N 410 
TYR OXT  O N N 411 
TYR H    H N N 412 
TYR H2   H N N 413 
TYR HA   H N N 414 
TYR HB2  H N N 415 
TYR HB3  H N N 416 
TYR HD1  H N N 417 
TYR HD2  H N N 418 
TYR HE1  H N N 419 
TYR HE2  H N N 420 
TYR HH   H N N 421 
TYR HXT  H N N 422 
VAL N    N N N 423 
VAL CA   C N S 424 
VAL C    C N N 425 
VAL O    O N N 426 
VAL CB   C N N 427 
VAL CG1  C N N 428 
VAL CG2  C N N 429 
VAL OXT  O N N 430 
VAL H    H N N 431 
VAL H2   H N N 432 
VAL HA   H N N 433 
VAL HB   H N N 434 
VAL HG11 H N N 435 
VAL HG12 H N N 436 
VAL HG13 H N N 437 
VAL HG21 H N N 438 
VAL HG22 H N N 439 
VAL HG23 H N N 440 
VAL HXT  H N N 441 
# 
loop_
_chem_comp_bond.comp_id 
_chem_comp_bond.atom_id_1 
_chem_comp_bond.atom_id_2 
_chem_comp_bond.value_order 
_chem_comp_bond.pdbx_aromatic_flag 
_chem_comp_bond.pdbx_stereo_config 
_chem_comp_bond.pdbx_ordinal 
ACT C   O    doub N N 1   
ACT C   OXT  sing N N 2   
ACT C   CH3  sing N N 3   
ACT CH3 H1   sing N N 4   
ACT CH3 H2   sing N N 5   
ACT CH3 H3   sing N N 6   
ALA N   CA   sing N N 7   
ALA N   H    sing N N 8   
ALA N   H2   sing N N 9   
ALA CA  C    sing N N 10  
ALA CA  CB   sing N N 11  
ALA CA  HA   sing N N 12  
ALA C   O    doub N N 13  
ALA C   OXT  sing N N 14  
ALA CB  HB1  sing N N 15  
ALA CB  HB2  sing N N 16  
ALA CB  HB3  sing N N 17  
ALA OXT HXT  sing N N 18  
ARG N   CA   sing N N 19  
ARG N   H    sing N N 20  
ARG N   H2   sing N N 21  
ARG CA  C    sing N N 22  
ARG CA  CB   sing N N 23  
ARG CA  HA   sing N N 24  
ARG C   O    doub N N 25  
ARG C   OXT  sing N N 26  
ARG CB  CG   sing N N 27  
ARG CB  HB2  sing N N 28  
ARG CB  HB3  sing N N 29  
ARG CG  CD   sing N N 30  
ARG CG  HG2  sing N N 31  
ARG CG  HG3  sing N N 32  
ARG CD  NE   sing N N 33  
ARG CD  HD2  sing N N 34  
ARG CD  HD3  sing N N 35  
ARG NE  CZ   sing N N 36  
ARG NE  HE   sing N N 37  
ARG CZ  NH1  sing N N 38  
ARG CZ  NH2  doub N N 39  
ARG NH1 HH11 sing N N 40  
ARG NH1 HH12 sing N N 41  
ARG NH2 HH21 sing N N 42  
ARG NH2 HH22 sing N N 43  
ARG OXT HXT  sing N N 44  
ASN N   CA   sing N N 45  
ASN N   H    sing N N 46  
ASN N   H2   sing N N 47  
ASN CA  C    sing N N 48  
ASN CA  CB   sing N N 49  
ASN CA  HA   sing N N 50  
ASN C   O    doub N N 51  
ASN C   OXT  sing N N 52  
ASN CB  CG   sing N N 53  
ASN CB  HB2  sing N N 54  
ASN CB  HB3  sing N N 55  
ASN CG  OD1  doub N N 56  
ASN CG  ND2  sing N N 57  
ASN ND2 HD21 sing N N 58  
ASN ND2 HD22 sing N N 59  
ASN OXT HXT  sing N N 60  
ASP N   CA   sing N N 61  
ASP N   H    sing N N 62  
ASP N   H2   sing N N 63  
ASP CA  C    sing N N 64  
ASP CA  CB   sing N N 65  
ASP CA  HA   sing N N 66  
ASP C   O    doub N N 67  
ASP C   OXT  sing N N 68  
ASP CB  CG   sing N N 69  
ASP CB  HB2  sing N N 70  
ASP CB  HB3  sing N N 71  
ASP CG  OD1  doub N N 72  
ASP CG  OD2  sing N N 73  
ASP OD2 HD2  sing N N 74  
ASP OXT HXT  sing N N 75  
CYS N   CA   sing N N 76  
CYS N   H    sing N N 77  
CYS N   H2   sing N N 78  
CYS CA  C    sing N N 79  
CYS CA  CB   sing N N 80  
CYS CA  HA   sing N N 81  
CYS C   O    doub N N 82  
CYS C   OXT  sing N N 83  
CYS CB  SG   sing N N 84  
CYS CB  HB2  sing N N 85  
CYS CB  HB3  sing N N 86  
CYS SG  HG   sing N N 87  
CYS OXT HXT  sing N N 88  
GLN N   CA   sing N N 89  
GLN N   H    sing N N 90  
GLN N   H2   sing N N 91  
GLN CA  C    sing N N 92  
GLN CA  CB   sing N N 93  
GLN CA  HA   sing N N 94  
GLN C   O    doub N N 95  
GLN C   OXT  sing N N 96  
GLN CB  CG   sing N N 97  
GLN CB  HB2  sing N N 98  
GLN CB  HB3  sing N N 99  
GLN CG  CD   sing N N 100 
GLN CG  HG2  sing N N 101 
GLN CG  HG3  sing N N 102 
GLN CD  OE1  doub N N 103 
GLN CD  NE2  sing N N 104 
GLN NE2 HE21 sing N N 105 
GLN NE2 HE22 sing N N 106 
GLN OXT HXT  sing N N 107 
GLU N   CA   sing N N 108 
GLU N   H    sing N N 109 
GLU N   H2   sing N N 110 
GLU CA  C    sing N N 111 
GLU CA  CB   sing N N 112 
GLU CA  HA   sing N N 113 
GLU C   O    doub N N 114 
GLU C   OXT  sing N N 115 
GLU CB  CG   sing N N 116 
GLU CB  HB2  sing N N 117 
GLU CB  HB3  sing N N 118 
GLU CG  CD   sing N N 119 
GLU CG  HG2  sing N N 120 
GLU CG  HG3  sing N N 121 
GLU CD  OE1  doub N N 122 
GLU CD  OE2  sing N N 123 
GLU OE2 HE2  sing N N 124 
GLU OXT HXT  sing N N 125 
GLY N   CA   sing N N 126 
GLY N   H    sing N N 127 
GLY N   H2   sing N N 128 
GLY CA  C    sing N N 129 
GLY CA  HA2  sing N N 130 
GLY CA  HA3  sing N N 131 
GLY C   O    doub N N 132 
GLY C   OXT  sing N N 133 
GLY OXT HXT  sing N N 134 
GOL C1  O1   sing N N 135 
GOL C1  C2   sing N N 136 
GOL C1  H11  sing N N 137 
GOL C1  H12  sing N N 138 
GOL O1  HO1  sing N N 139 
GOL C2  O2   sing N N 140 
GOL C2  C3   sing N N 141 
GOL C2  H2   sing N N 142 
GOL O2  HO2  sing N N 143 
GOL C3  O3   sing N N 144 
GOL C3  H31  sing N N 145 
GOL C3  H32  sing N N 146 
GOL O3  HO3  sing N N 147 
HIS N   CA   sing N N 148 
HIS N   H    sing N N 149 
HIS N   H2   sing N N 150 
HIS CA  C    sing N N 151 
HIS CA  CB   sing N N 152 
HIS CA  HA   sing N N 153 
HIS C   O    doub N N 154 
HIS C   OXT  sing N N 155 
HIS CB  CG   sing N N 156 
HIS CB  HB2  sing N N 157 
HIS CB  HB3  sing N N 158 
HIS CG  ND1  sing Y N 159 
HIS CG  CD2  doub Y N 160 
HIS ND1 CE1  doub Y N 161 
HIS ND1 HD1  sing N N 162 
HIS CD2 NE2  sing Y N 163 
HIS CD2 HD2  sing N N 164 
HIS CE1 NE2  sing Y N 165 
HIS CE1 HE1  sing N N 166 
HIS NE2 HE2  sing N N 167 
HIS OXT HXT  sing N N 168 
HOH O   H1   sing N N 169 
HOH O   H2   sing N N 170 
ILE N   CA   sing N N 171 
ILE N   H    sing N N 172 
ILE N   H2   sing N N 173 
ILE CA  C    sing N N 174 
ILE CA  CB   sing N N 175 
ILE CA  HA   sing N N 176 
ILE C   O    doub N N 177 
ILE C   OXT  sing N N 178 
ILE CB  CG1  sing N N 179 
ILE CB  CG2  sing N N 180 
ILE CB  HB   sing N N 181 
ILE CG1 CD1  sing N N 182 
ILE CG1 HG12 sing N N 183 
ILE CG1 HG13 sing N N 184 
ILE CG2 HG21 sing N N 185 
ILE CG2 HG22 sing N N 186 
ILE CG2 HG23 sing N N 187 
ILE CD1 HD11 sing N N 188 
ILE CD1 HD12 sing N N 189 
ILE CD1 HD13 sing N N 190 
ILE OXT HXT  sing N N 191 
LEU N   CA   sing N N 192 
LEU N   H    sing N N 193 
LEU N   H2   sing N N 194 
LEU CA  C    sing N N 195 
LEU CA  CB   sing N N 196 
LEU CA  HA   sing N N 197 
LEU C   O    doub N N 198 
LEU C   OXT  sing N N 199 
LEU CB  CG   sing N N 200 
LEU CB  HB2  sing N N 201 
LEU CB  HB3  sing N N 202 
LEU CG  CD1  sing N N 203 
LEU CG  CD2  sing N N 204 
LEU CG  HG   sing N N 205 
LEU CD1 HD11 sing N N 206 
LEU CD1 HD12 sing N N 207 
LEU CD1 HD13 sing N N 208 
LEU CD2 HD21 sing N N 209 
LEU CD2 HD22 sing N N 210 
LEU CD2 HD23 sing N N 211 
LEU OXT HXT  sing N N 212 
LYS N   CA   sing N N 213 
LYS N   H    sing N N 214 
LYS N   H2   sing N N 215 
LYS CA  C    sing N N 216 
LYS CA  CB   sing N N 217 
LYS CA  HA   sing N N 218 
LYS C   O    doub N N 219 
LYS C   OXT  sing N N 220 
LYS CB  CG   sing N N 221 
LYS CB  HB2  sing N N 222 
LYS CB  HB3  sing N N 223 
LYS CG  CD   sing N N 224 
LYS CG  HG2  sing N N 225 
LYS CG  HG3  sing N N 226 
LYS CD  CE   sing N N 227 
LYS CD  HD2  sing N N 228 
LYS CD  HD3  sing N N 229 
LYS CE  NZ   sing N N 230 
LYS CE  HE2  sing N N 231 
LYS CE  HE3  sing N N 232 
LYS NZ  HZ1  sing N N 233 
LYS NZ  HZ2  sing N N 234 
LYS NZ  HZ3  sing N N 235 
LYS OXT HXT  sing N N 236 
MET N   CA   sing N N 237 
MET N   H    sing N N 238 
MET N   H2   sing N N 239 
MET CA  C    sing N N 240 
MET CA  CB   sing N N 241 
MET CA  HA   sing N N 242 
MET C   O    doub N N 243 
MET C   OXT  sing N N 244 
MET CB  CG   sing N N 245 
MET CB  HB2  sing N N 246 
MET CB  HB3  sing N N 247 
MET CG  SD   sing N N 248 
MET CG  HG2  sing N N 249 
MET CG  HG3  sing N N 250 
MET SD  CE   sing N N 251 
MET CE  HE1  sing N N 252 
MET CE  HE2  sing N N 253 
MET CE  HE3  sing N N 254 
MET OXT HXT  sing N N 255 
NAG C1  C2   sing N N 256 
NAG C1  O1   sing N N 257 
NAG C1  O5   sing N N 258 
NAG C1  H1   sing N N 259 
NAG C2  C3   sing N N 260 
NAG C2  N2   sing N N 261 
NAG C2  H2   sing N N 262 
NAG C3  C4   sing N N 263 
NAG C3  O3   sing N N 264 
NAG C3  H3   sing N N 265 
NAG C4  C5   sing N N 266 
NAG C4  O4   sing N N 267 
NAG C4  H4   sing N N 268 
NAG C5  C6   sing N N 269 
NAG C5  O5   sing N N 270 
NAG C5  H5   sing N N 271 
NAG C6  O6   sing N N 272 
NAG C6  H61  sing N N 273 
NAG C6  H62  sing N N 274 
NAG C7  C8   sing N N 275 
NAG C7  N2   sing N N 276 
NAG C7  O7   doub N N 277 
NAG C8  H81  sing N N 278 
NAG C8  H82  sing N N 279 
NAG C8  H83  sing N N 280 
NAG N2  HN2  sing N N 281 
NAG O1  HO1  sing N N 282 
NAG O3  HO3  sing N N 283 
NAG O4  HO4  sing N N 284 
NAG O6  HO6  sing N N 285 
PHE N   CA   sing N N 286 
PHE N   H    sing N N 287 
PHE N   H2   sing N N 288 
PHE CA  C    sing N N 289 
PHE CA  CB   sing N N 290 
PHE CA  HA   sing N N 291 
PHE C   O    doub N N 292 
PHE C   OXT  sing N N 293 
PHE CB  CG   sing N N 294 
PHE CB  HB2  sing N N 295 
PHE CB  HB3  sing N N 296 
PHE CG  CD1  doub Y N 297 
PHE CG  CD2  sing Y N 298 
PHE CD1 CE1  sing Y N 299 
PHE CD1 HD1  sing N N 300 
PHE CD2 CE2  doub Y N 301 
PHE CD2 HD2  sing N N 302 
PHE CE1 CZ   doub Y N 303 
PHE CE1 HE1  sing N N 304 
PHE CE2 CZ   sing Y N 305 
PHE CE2 HE2  sing N N 306 
PHE CZ  HZ   sing N N 307 
PHE OXT HXT  sing N N 308 
PRO N   CA   sing N N 309 
PRO N   CD   sing N N 310 
PRO N   H    sing N N 311 
PRO CA  C    sing N N 312 
PRO CA  CB   sing N N 313 
PRO CA  HA   sing N N 314 
PRO C   O    doub N N 315 
PRO C   OXT  sing N N 316 
PRO CB  CG   sing N N 317 
PRO CB  HB2  sing N N 318 
PRO CB  HB3  sing N N 319 
PRO CG  CD   sing N N 320 
PRO CG  HG2  sing N N 321 
PRO CG  HG3  sing N N 322 
PRO CD  HD2  sing N N 323 
PRO CD  HD3  sing N N 324 
PRO OXT HXT  sing N N 325 
SER N   CA   sing N N 326 
SER N   H    sing N N 327 
SER N   H2   sing N N 328 
SER CA  C    sing N N 329 
SER CA  CB   sing N N 330 
SER CA  HA   sing N N 331 
SER C   O    doub N N 332 
SER C   OXT  sing N N 333 
SER CB  OG   sing N N 334 
SER CB  HB2  sing N N 335 
SER CB  HB3  sing N N 336 
SER OG  HG   sing N N 337 
SER OXT HXT  sing N N 338 
THR N   CA   sing N N 339 
THR N   H    sing N N 340 
THR N   H2   sing N N 341 
THR CA  C    sing N N 342 
THR CA  CB   sing N N 343 
THR CA  HA   sing N N 344 
THR C   O    doub N N 345 
THR C   OXT  sing N N 346 
THR CB  OG1  sing N N 347 
THR CB  CG2  sing N N 348 
THR CB  HB   sing N N 349 
THR OG1 HG1  sing N N 350 
THR CG2 HG21 sing N N 351 
THR CG2 HG22 sing N N 352 
THR CG2 HG23 sing N N 353 
THR OXT HXT  sing N N 354 
TRP N   CA   sing N N 355 
TRP N   H    sing N N 356 
TRP N   H2   sing N N 357 
TRP CA  C    sing N N 358 
TRP CA  CB   sing N N 359 
TRP CA  HA   sing N N 360 
TRP C   O    doub N N 361 
TRP C   OXT  sing N N 362 
TRP CB  CG   sing N N 363 
TRP CB  HB2  sing N N 364 
TRP CB  HB3  sing N N 365 
TRP CG  CD1  doub Y N 366 
TRP CG  CD2  sing Y N 367 
TRP CD1 NE1  sing Y N 368 
TRP CD1 HD1  sing N N 369 
TRP CD2 CE2  doub Y N 370 
TRP CD2 CE3  sing Y N 371 
TRP NE1 CE2  sing Y N 372 
TRP NE1 HE1  sing N N 373 
TRP CE2 CZ2  sing Y N 374 
TRP CE3 CZ3  doub Y N 375 
TRP CE3 HE3  sing N N 376 
TRP CZ2 CH2  doub Y N 377 
TRP CZ2 HZ2  sing N N 378 
TRP CZ3 CH2  sing Y N 379 
TRP CZ3 HZ3  sing N N 380 
TRP CH2 HH2  sing N N 381 
TRP OXT HXT  sing N N 382 
TYR N   CA   sing N N 383 
TYR N   H    sing N N 384 
TYR N   H2   sing N N 385 
TYR CA  C    sing N N 386 
TYR CA  CB   sing N N 387 
TYR CA  HA   sing N N 388 
TYR C   O    doub N N 389 
TYR C   OXT  sing N N 390 
TYR CB  CG   sing N N 391 
TYR CB  HB2  sing N N 392 
TYR CB  HB3  sing N N 393 
TYR CG  CD1  doub Y N 394 
TYR CG  CD2  sing Y N 395 
TYR CD1 CE1  sing Y N 396 
TYR CD1 HD1  sing N N 397 
TYR CD2 CE2  doub Y N 398 
TYR CD2 HD2  sing N N 399 
TYR CE1 CZ   doub Y N 400 
TYR CE1 HE1  sing N N 401 
TYR CE2 CZ   sing Y N 402 
TYR CE2 HE2  sing N N 403 
TYR CZ  OH   sing N N 404 
TYR OH  HH   sing N N 405 
TYR OXT HXT  sing N N 406 
VAL N   CA   sing N N 407 
VAL N   H    sing N N 408 
VAL N   H2   sing N N 409 
VAL CA  C    sing N N 410 
VAL CA  CB   sing N N 411 
VAL CA  HA   sing N N 412 
VAL C   O    doub N N 413 
VAL C   OXT  sing N N 414 
VAL CB  CG1  sing N N 415 
VAL CB  CG2  sing N N 416 
VAL CB  HB   sing N N 417 
VAL CG1 HG11 sing N N 418 
VAL CG1 HG12 sing N N 419 
VAL CG1 HG13 sing N N 420 
VAL CG2 HG21 sing N N 421 
VAL CG2 HG22 sing N N 422 
VAL CG2 HG23 sing N N 423 
VAL OXT HXT  sing N N 424 
# 
loop_
_pdbx_entity_branch_list.entity_id 
_pdbx_entity_branch_list.comp_id 
_pdbx_entity_branch_list.num 
_pdbx_entity_branch_list.hetero 
2 NAG 1 n 
2 NAG 2 n 
# 
_pdbx_initial_refinement_model.id               1 
_pdbx_initial_refinement_model.entity_id_list   ? 
_pdbx_initial_refinement_model.type             'experimental model' 
_pdbx_initial_refinement_model.source_name      PDB 
_pdbx_initial_refinement_model.accession_code   1ONC 
_pdbx_initial_refinement_model.details          'PDB entry 1ONC' 
# 
_atom_sites.entry_id                    2P7S 
_atom_sites.fract_transf_matrix[1][1]   -0.00186269 
_atom_sites.fract_transf_matrix[1][2]   0.01682496 
_atom_sites.fract_transf_matrix[1][3]   -0.00753738 
_atom_sites.fract_transf_matrix[2][1]   -0.01813481 
_atom_sites.fract_transf_matrix[2][2]   -0.00030803 
_atom_sites.fract_transf_matrix[2][3]   0.00379402 
_atom_sites.fract_transf_matrix[3][1]   0.00374814 
_atom_sites.fract_transf_matrix[3][2]   0.00875948 
_atom_sites.fract_transf_matrix[3][3]   0.01862667 
_atom_sites.fract_transf_vector[1]      0.786001 
_atom_sites.fract_transf_vector[2]      0.621433 
_atom_sites.fract_transf_vector[3]      0.000951 
# 
loop_
_atom_type.symbol 
C 
N 
O 
S 
# 
loop_
_atom_site.group_PDB 
_atom_site.id 
_atom_site.type_symbol 
_atom_site.label_atom_id 
_atom_site.label_alt_id 
_atom_site.label_comp_id 
_atom_site.label_asym_id 
_atom_site.label_entity_id 
_atom_site.label_seq_id 
_atom_site.pdbx_PDB_ins_code 
_atom_site.Cartn_x 
_atom_site.Cartn_y 
_atom_site.Cartn_z 
_atom_site.occupancy 
_atom_site.B_iso_or_equiv 
_atom_site.pdbx_formal_charge 
_atom_site.auth_seq_id 
_atom_site.auth_comp_id 
_atom_site.auth_asym_id 
_atom_site.auth_atom_id 
_atom_site.pdbx_PDB_model_num 
ATOM   1    N N   . ASP A 1 5   ? -8.994  13.494  -5.538  1.00 31.69 ? 5    ASP A N   1 
ATOM   2    C CA  . ASP A 1 5   ? -7.910  13.227  -6.532  1.00 31.55 ? 5    ASP A CA  1 
ATOM   3    C C   . ASP A 1 5   ? -7.955  11.758  -6.964  1.00 31.94 ? 5    ASP A C   1 
ATOM   4    O O   . ASP A 1 5   ? -7.895  10.855  -6.125  1.00 29.70 ? 5    ASP A O   1 
ATOM   5    C CB  . ASP A 1 5   ? -6.547  13.540  -5.917  1.00 31.77 ? 5    ASP A CB  1 
ATOM   6    C CG  . ASP A 1 5   ? -5.426  13.439  -6.922  1.00 34.77 ? 5    ASP A CG  1 
ATOM   7    O OD1 . ASP A 1 5   ? -5.150  14.449  -7.607  1.00 37.42 ? 5    ASP A OD1 1 
ATOM   8    O OD2 . ASP A 1 5   ? -4.830  12.342  -7.043  1.00 33.52 ? 5    ASP A OD2 1 
ATOM   9    N N   . ARG A 1 6   ? -8.043  11.524  -8.272  1.00 30.77 ? 6    ARG A N   1 
ATOM   10   C CA  . ARG A 1 6   ? -8.128  10.170  -8.815  1.00 30.50 ? 6    ARG A CA  1 
ATOM   11   C C   . ARG A 1 6   ? -6.970  9.235   -8.461  1.00 31.68 ? 6    ARG A C   1 
ATOM   12   O O   . ARG A 1 6   ? -7.196  8.102   -8.023  1.00 30.10 ? 6    ARG A O   1 
ATOM   13   C CB  . ARG A 1 6   ? -8.288  10.233  -10.324 1.00 31.42 ? 6    ARG A CB  1 
ATOM   14   N N   . GLU A 1 7   ? -5.740  9.691   -8.670  1.00 30.84 ? 7    GLU A N   1 
ATOM   15   C CA  . GLU A 1 7   ? -4.566  8.876   -8.370  1.00 31.35 ? 7    GLU A CA  1 
ATOM   16   C C   . GLU A 1 7   ? -4.486  8.509   -6.886  1.00 30.32 ? 7    GLU A C   1 
ATOM   17   O O   . GLU A 1 7   ? -4.129  7.383   -6.539  1.00 30.02 ? 7    GLU A O   1 
ATOM   18   C CB  . GLU A 1 7   ? -3.290  9.603   -8.817  1.00 32.08 ? 7    GLU A CB  1 
ATOM   19   C CG  . GLU A 1 7   ? -3.158  9.706   -10.338 1.00 35.99 ? 7    GLU A CG  1 
ATOM   20   C CD  . GLU A 1 7   ? -1.891  10.424  -10.781 1.00 38.12 ? 7    GLU A CD  1 
ATOM   21   O OE1 . GLU A 1 7   ? -1.759  11.637  -10.516 1.00 39.69 ? 7    GLU A OE1 1 
ATOM   22   O OE2 . GLU A 1 7   ? -1.023  9.773   -11.392 1.00 40.84 ? 7    GLU A OE2 1 
ATOM   23   N N   . TRP A 1 8   ? -4.818  9.463   -6.020  1.00 28.70 ? 8    TRP A N   1 
ATOM   24   C CA  . TRP A 1 8   ? -4.824  9.245   -4.572  1.00 28.88 ? 8    TRP A CA  1 
ATOM   25   C C   . TRP A 1 8   ? -5.885  8.204   -4.219  1.00 28.86 ? 8    TRP A C   1 
ATOM   26   O O   . TRP A 1 8   ? -5.626  7.279   -3.447  1.00 27.61 ? 8    TRP A O   1 
ATOM   27   C CB  . TRP A 1 8   ? -5.145  10.560  -3.848  1.00 29.50 ? 8    TRP A CB  1 
ATOM   28   C CG  . TRP A 1 8   ? -5.426  10.468  -2.350  1.00 29.09 ? 8    TRP A CG  1 
ATOM   29   C CD1 . TRP A 1 8   ? -6.422  11.118  -1.671  1.00 30.03 ? 8    TRP A CD1 1 
ATOM   30   C CD2 . TRP A 1 8   ? -4.659  9.770   -1.352  1.00 29.17 ? 8    TRP A CD2 1 
ATOM   31   N NE1 . TRP A 1 8   ? -6.321  10.877  -0.322  1.00 30.99 ? 8    TRP A NE1 1 
ATOM   32   C CE2 . TRP A 1 8   ? -5.248  10.054  -0.097  1.00 30.14 ? 8    TRP A CE2 1 
ATOM   33   C CE3 . TRP A 1 8   ? -3.532  8.936   -1.394  1.00 27.12 ? 8    TRP A CE3 1 
ATOM   34   C CZ2 . TRP A 1 8   ? -4.747  9.535   1.106   1.00 28.67 ? 8    TRP A CZ2 1 
ATOM   35   C CZ3 . TRP A 1 8   ? -3.034  8.420   -0.194  1.00 25.44 ? 8    TRP A CZ3 1 
ATOM   36   C CH2 . TRP A 1 8   ? -3.644  8.723   1.037   1.00 27.38 ? 8    TRP A CH2 1 
ATOM   37   N N   . GLU A 1 9   ? -7.081  8.362   -4.782  1.00 28.98 ? 9    GLU A N   1 
ATOM   38   C CA  . GLU A 1 9   ? -8.172  7.427   -4.505  1.00 29.99 ? 9    GLU A CA  1 
ATOM   39   C C   . GLU A 1 9   ? -7.769  6.006   -4.891  1.00 29.57 ? 9    GLU A C   1 
ATOM   40   O O   . GLU A 1 9   ? -8.044  5.055   -4.160  1.00 26.45 ? 9    GLU A O   1 
ATOM   41   C CB  . GLU A 1 9   ? -9.442  7.829   -5.264  1.00 32.67 ? 9    GLU A CB  1 
ATOM   42   C CG  . GLU A 1 9   ? -10.107 9.109   -4.769  1.00 38.03 ? 9    GLU A CG  1 
ATOM   43   C CD  . GLU A 1 9   ? -10.573 9.022   -3.321  1.00 42.62 ? 9    GLU A CD  1 
ATOM   44   O OE1 . GLU A 1 9   ? -11.093 7.956   -2.924  1.00 44.02 ? 9    GLU A OE1 1 
ATOM   45   O OE2 . GLU A 1 9   ? -10.433 10.025  -2.582  1.00 41.62 ? 9    GLU A OE2 1 
ATOM   46   N N   . LYS A 1 10  ? -7.112  5.867   -6.037  1.00 27.62 ? 10   LYS A N   1 
ATOM   47   C CA  . LYS A 1 10  ? -6.674  4.558   -6.495  1.00 27.59 ? 10   LYS A CA  1 
ATOM   48   C C   . LYS A 1 10  ? -5.616  3.997   -5.544  1.00 27.22 ? 10   LYS A C   1 
ATOM   49   O O   . LYS A 1 10  ? -5.627  2.803   -5.239  1.00 26.18 ? 10   LYS A O   1 
ATOM   50   C CB  . LYS A 1 10  ? -6.101  4.648   -7.910  1.00 30.63 ? 10   LYS A CB  1 
ATOM   51   C CG  . LYS A 1 10  ? -5.757  3.298   -8.520  1.00 32.79 ? 10   LYS A CG  1 
ATOM   52   C CD  . LYS A 1 10  ? -5.074  3.462   -9.864  1.00 35.25 ? 10   LYS A CD  1 
ATOM   53   C CE  . LYS A 1 10  ? -4.685  2.119   -10.452 1.00 36.03 ? 10   LYS A CE  1 
ATOM   54   N NZ  . LYS A 1 10  ? -3.941  2.269   -11.735 1.00 39.19 ? 10   LYS A NZ  1 
ATOM   55   N N   . PHE A 1 11  ? -4.710  4.858   -5.079  1.00 25.29 ? 11   PHE A N   1 
ATOM   56   C CA  . PHE A 1 11  ? -3.659  4.432   -4.156  1.00 24.08 ? 11   PHE A CA  1 
ATOM   57   C C   . PHE A 1 11  ? -4.263  3.925   -2.846  1.00 24.44 ? 11   PHE A C   1 
ATOM   58   O O   . PHE A 1 11  ? -3.859  2.877   -2.340  1.00 21.64 ? 11   PHE A O   1 
ATOM   59   C CB  . PHE A 1 11  ? -2.697  5.585   -3.848  1.00 24.00 ? 11   PHE A CB  1 
ATOM   60   C CG  . PHE A 1 11  ? -1.592  5.216   -2.890  1.00 21.04 ? 11   PHE A CG  1 
ATOM   61   C CD1 . PHE A 1 11  ? -0.327  4.878   -3.357  1.00 23.79 ? 11   PHE A CD1 1 
ATOM   62   C CD2 . PHE A 1 11  ? -1.821  5.201   -1.517  1.00 21.33 ? 11   PHE A CD2 1 
ATOM   63   C CE1 . PHE A 1 11  ? 0.701   4.529   -2.466  1.00 23.02 ? 11   PHE A CE1 1 
ATOM   64   C CE2 . PHE A 1 11  ? -0.808  4.855   -0.622  1.00 21.86 ? 11   PHE A CE2 1 
ATOM   65   C CZ  . PHE A 1 11  ? 0.456   4.517   -1.098  1.00 22.35 ? 11   PHE A CZ  1 
ATOM   66   N N   . LYS A 1 12  ? -5.217  4.677   -2.291  1.00 23.49 ? 12   LYS A N   1 
ATOM   67   C CA  . LYS A 1 12  ? -5.864  4.286   -1.035  1.00 25.22 ? 12   LYS A CA  1 
ATOM   68   C C   . LYS A 1 12  ? -6.565  2.939   -1.172  1.00 25.65 ? 12   LYS A C   1 
ATOM   69   O O   . LYS A 1 12  ? -6.462  2.076   -0.300  1.00 25.45 ? 12   LYS A O   1 
ATOM   70   C CB  . LYS A 1 12  ? -6.906  5.327   -0.600  1.00 26.91 ? 12   LYS A CB  1 
ATOM   71   C CG  . LYS A 1 12  ? -6.341  6.606   0.002   1.00 29.32 ? 12   LYS A CG  1 
ATOM   72   C CD  . LYS A 1 12  ? -7.459  7.506   0.540   1.00 30.41 ? 12   LYS A CD  1 
ATOM   73   C CE  . LYS A 1 12  ? -8.339  8.035   -0.583  1.00 32.17 ? 12   LYS A CE  1 
ATOM   74   N NZ  . LYS A 1 12  ? -9.477  8.863   -0.070  1.00 35.12 ? 12   LYS A NZ  1 
ATOM   75   N N   . THR A 1 13  ? -7.289  2.776   -2.273  1.00 24.89 ? 13   THR A N   1 
ATOM   76   C CA  . THR A 1 13  ? -8.037  1.554   -2.532  1.00 25.50 ? 13   THR A CA  1 
ATOM   77   C C   . THR A 1 13  ? -7.108  0.352   -2.663  1.00 25.25 ? 13   THR A C   1 
ATOM   78   O O   . THR A 1 13  ? -7.339  -0.696  -2.065  1.00 26.14 ? 13   THR A O   1 
ATOM   79   C CB  . THR A 1 13  ? -8.884  1.688   -3.834  1.00 28.12 ? 13   THR A CB  1 
ATOM   80   O OG1 . THR A 1 13  ? -9.898  2.687   -3.650  1.00 29.84 ? 13   THR A OG1 1 
ATOM   81   C CG2 . THR A 1 13  ? -9.559  0.362   -4.179  1.00 28.12 ? 13   THR A CG2 1 
ATOM   82   N N   . LYS A 1 14  ? -6.044  0.525   -3.434  1.00 23.27 ? 14   LYS A N   1 
ATOM   83   C CA  . LYS A 1 14  ? -5.096  -0.544  -3.669  1.00 23.97 ? 14   LYS A CA  1 
ATOM   84   C C   . LYS A 1 14  ? -4.114  -0.843  -2.533  1.00 24.14 ? 14   LYS A C   1 
ATOM   85   O O   . LYS A 1 14  ? -3.716  -1.994  -2.358  1.00 25.33 ? 14   LYS A O   1 
ATOM   86   C CB  . LYS A 1 14  ? -4.301  -0.248  -4.946  1.00 22.16 ? 14   LYS A CB  1 
ATOM   87   C CG  . LYS A 1 14  ? -3.422  -1.403  -5.399  1.00 27.45 ? 14   LYS A CG  1 
ATOM   88   C CD  . LYS A 1 14  ? -2.753  -1.128  -6.742  1.00 30.08 ? 14   LYS A CD  1 
ATOM   89   C CE  . LYS A 1 14  ? -2.021  -2.369  -7.228  1.00 29.93 ? 14   LYS A CE  1 
ATOM   90   N NZ  . LYS A 1 14  ? -1.283  -2.119  -8.489  1.00 34.19 ? 14   LYS A NZ  1 
ATOM   91   N N   . HIS A 1 15  ? -3.742  0.170   -1.756  1.00 22.54 ? 15   HIS A N   1 
ATOM   92   C CA  . HIS A 1 15  ? -2.740  -0.021  -0.708  1.00 24.84 ? 15   HIS A CA  1 
ATOM   93   C C   . HIS A 1 15  ? -3.066  0.246   0.746   1.00 27.06 ? 15   HIS A C   1 
ATOM   94   O O   . HIS A 1 15  ? -2.298  -0.158  1.618   1.00 30.99 ? 15   HIS A O   1 
ATOM   95   C CB  . HIS A 1 15  ? -1.499  0.807   -1.049  1.00 22.14 ? 15   HIS A CB  1 
ATOM   96   C CG  . HIS A 1 15  ? -0.854  0.413   -2.334  1.00 22.83 ? 15   HIS A CG  1 
ATOM   97   N ND1 . HIS A 1 15  ? -0.186  -0.779  -2.485  1.00 19.45 ? 15   HIS A ND1 1 
ATOM   98   C CD2 . HIS A 1 15  ? -0.800  1.035   -3.536  1.00 21.45 ? 15   HIS A CD2 1 
ATOM   99   C CE1 . HIS A 1 15  ? 0.255   -0.877  -3.726  1.00 22.48 ? 15   HIS A CE1 1 
ATOM   100  N NE2 . HIS A 1 15  ? -0.104  0.209   -4.386  1.00 21.11 ? 15   HIS A NE2 1 
ATOM   101  N N   . ILE A 1 16  ? -4.159  0.937   1.037   1.00 26.52 ? 16   ILE A N   1 
ATOM   102  C CA  . ILE A 1 16  ? -4.449  1.214   2.433   1.00 25.75 ? 16   ILE A CA  1 
ATOM   103  C C   . ILE A 1 16  ? -5.605  0.385   2.969   1.00 25.30 ? 16   ILE A C   1 
ATOM   104  O O   . ILE A 1 16  ? -6.666  0.292   2.348   1.00 26.22 ? 16   ILE A O   1 
ATOM   105  C CB  . ILE A 1 16  ? -4.729  2.714   2.659   1.00 26.83 ? 16   ILE A CB  1 
ATOM   106  C CG1 . ILE A 1 16  ? -3.566  3.542   2.095   1.00 28.16 ? 16   ILE A CG1 1 
ATOM   107  C CG2 . ILE A 1 16  ? -4.866  2.990   4.154   1.00 26.69 ? 16   ILE A CG2 1 
ATOM   108  C CD1 . ILE A 1 16  ? -3.646  5.029   2.387   1.00 26.64 ? 16   ILE A CD1 1 
ATOM   109  N N   . THR A 1 17  ? -5.387  -0.236  4.123   1.00 24.50 ? 17   THR A N   1 
ATOM   110  C CA  . THR A 1 17  ? -6.427  -1.056  4.719   1.00 24.76 ? 17   THR A CA  1 
ATOM   111  C C   . THR A 1 17  ? -6.696  -0.726  6.179   1.00 24.78 ? 17   THR A C   1 
ATOM   112  O O   . THR A 1 17  ? -5.774  -0.416  6.946   1.00 25.68 ? 17   THR A O   1 
ATOM   113  C CB  . THR A 1 17  ? -6.097  -2.569  4.610   1.00 23.01 ? 17   THR A CB  1 
ATOM   114  O OG1 . THR A 1 17  ? -7.197  -3.321  5.142   1.00 26.23 ? 17   THR A OG1 1 
ATOM   115  C CG2 . THR A 1 17  ? -4.838  -2.917  5.391   1.00 21.14 ? 17   THR A CG2 1 
ATOM   116  N N   . SER A 1 18  ? -7.974  -0.785  6.554   1.00 25.31 ? 18   SER A N   1 
ATOM   117  C CA  . SER A 1 18  ? -8.381  -0.523  7.929   1.00 25.91 ? 18   SER A CA  1 
ATOM   118  C C   . SER A 1 18  ? -8.432  -1.849  8.699   1.00 26.18 ? 18   SER A C   1 
ATOM   119  O O   . SER A 1 18  ? -8.696  -1.874  9.900   1.00 25.16 ? 18   SER A O   1 
ATOM   120  C CB  . SER A 1 18  ? -9.759  0.146   7.958   1.00 27.22 ? 18   SER A CB  1 
ATOM   121  O OG  . SER A 1 18  ? -10.756 -0.706  7.416   1.00 30.17 ? 18   SER A OG  1 
ATOM   122  N N   . GLN A 1 19  ? -8.174  -2.951  8.000   1.00 25.21 ? 19   GLN A N   1 
ATOM   123  C CA  . GLN A 1 19  ? -8.191  -4.279  8.622   1.00 27.26 ? 19   GLN A CA  1 
ATOM   124  C C   . GLN A 1 19  ? -6.954  -4.491  9.486   1.00 26.03 ? 19   GLN A C   1 
ATOM   125  O O   . GLN A 1 19  ? -5.920  -3.870  9.269   1.00 25.83 ? 19   GLN A O   1 
ATOM   126  C CB  . GLN A 1 19  ? -8.210  -5.379  7.557   1.00 30.00 ? 19   GLN A CB  1 
ATOM   127  C CG  . GLN A 1 19  ? -9.393  -5.389  6.602   1.00 31.31 ? 19   GLN A CG  1 
ATOM   128  C CD  . GLN A 1 19  ? -9.208  -6.434  5.501   1.00 33.48 ? 19   GLN A CD  1 
ATOM   129  O OE1 . GLN A 1 19  ? -9.135  -7.625  5.781   1.00 35.74 ? 19   GLN A OE1 1 
ATOM   130  N NE2 . GLN A 1 19  ? -9.115  -5.985  4.250   1.00 33.68 ? 19   GLN A NE2 1 
ATOM   131  N N   . SER A 1 20  ? -7.059  -5.380  10.466  1.00 25.31 ? 20   SER A N   1 
ATOM   132  C CA  . SER A 1 20  ? -5.918  -5.677  11.319  1.00 24.50 ? 20   SER A CA  1 
ATOM   133  C C   . SER A 1 20  ? -5.062  -6.702  10.570  1.00 26.63 ? 20   SER A C   1 
ATOM   134  O O   . SER A 1 20  ? -5.535  -7.343  9.631   1.00 25.76 ? 20   SER A O   1 
ATOM   135  C CB  . SER A 1 20  ? -6.385  -6.283  12.643  1.00 24.67 ? 20   SER A CB  1 
ATOM   136  O OG  . SER A 1 20  ? -6.926  -7.581  12.445  1.00 25.95 ? 20   SER A OG  1 
ATOM   137  N N   . VAL A 1 21  ? -3.808  -6.848  10.987  1.00 29.82 ? 21   VAL A N   1 
ATOM   138  C CA  . VAL A 1 21  ? -2.886  -7.803  10.379  1.00 32.04 ? 21   VAL A CA  1 
ATOM   139  C C   . VAL A 1 21  ? -3.435  -9.228  10.493  1.00 33.11 ? 21   VAL A C   1 
ATOM   140  O O   . VAL A 1 21  ? -3.296  -10.040 9.578   1.00 33.17 ? 21   VAL A O   1 
ATOM   141  C CB  . VAL A 1 21  ? -1.515  -7.742  11.080  1.00 34.29 ? 21   VAL A CB  1 
ATOM   142  C CG1 . VAL A 1 21  ? -0.607  -8.839  10.567  1.00 35.19 ? 21   VAL A CG1 1 
ATOM   143  C CG2 . VAL A 1 21  ? -0.889  -6.380  10.850  1.00 36.75 ? 21   VAL A CG2 1 
ATOM   144  N N   . ALA A 1 22  ? -4.073  -9.520  11.620  1.00 33.82 ? 22   ALA A N   1 
ATOM   145  C CA  . ALA A 1 22  ? -4.633  -10.845 11.859  1.00 34.33 ? 22   ALA A CA  1 
ATOM   146  C C   . ALA A 1 22  ? -5.883  -11.140 11.034  1.00 35.15 ? 22   ALA A C   1 
ATOM   147  O O   . ALA A 1 22  ? -6.086  -12.268 10.582  1.00 34.94 ? 22   ALA A O   1 
ATOM   148  C CB  . ALA A 1 22  ? -4.940  -11.000 13.334  1.00 36.69 ? 22   ALA A CB  1 
ATOM   149  N N   . ASP A 1 23  ? -6.729  -10.133 10.842  1.00 32.79 ? 23   ASP A N   1 
ATOM   150  C CA  . ASP A 1 23  ? -7.953  -10.325 10.076  1.00 33.15 ? 23   ASP A CA  1 
ATOM   151  C C   . ASP A 1 23  ? -7.744  -10.217 8.578   1.00 33.33 ? 23   ASP A C   1 
ATOM   152  O O   . ASP A 1 23  ? -8.622  -10.589 7.801   1.00 33.81 ? 23   ASP A O   1 
ATOM   153  C CB  . ASP A 1 23  ? -9.023  -9.306  10.483  1.00 33.97 ? 23   ASP A CB  1 
ATOM   154  C CG  . ASP A 1 23  ? -9.575  -9.565  11.864  1.00 34.46 ? 23   ASP A CG  1 
ATOM   155  O OD1 . ASP A 1 23  ? -9.652  -10.751 12.250  1.00 34.86 ? 23   ASP A OD1 1 
ATOM   156  O OD2 . ASP A 1 23  ? -9.940  -8.585  12.552  1.00 34.15 ? 23   ASP A OD2 1 
ATOM   157  N N   . PHE A 1 24  ? -6.591  -9.699  8.170   1.00 31.92 ? 24   PHE A N   1 
ATOM   158  C CA  . PHE A 1 24  ? -6.328  -9.542  6.752   1.00 29.58 ? 24   PHE A CA  1 
ATOM   159  C C   . PHE A 1 24  ? -6.057  -10.890 6.106   1.00 27.69 ? 24   PHE A C   1 
ATOM   160  O O   . PHE A 1 24  ? -5.339  -11.725 6.656   1.00 27.73 ? 24   PHE A O   1 
ATOM   161  C CB  . PHE A 1 24  ? -5.132  -8.616  6.514   1.00 29.73 ? 24   PHE A CB  1 
ATOM   162  C CG  . PHE A 1 24  ? -5.038  -8.120  5.100   1.00 27.00 ? 24   PHE A CG  1 
ATOM   163  C CD1 . PHE A 1 24  ? -5.806  -7.039  4.677   1.00 28.55 ? 24   PHE A CD1 1 
ATOM   164  C CD2 . PHE A 1 24  ? -4.226  -8.770  4.175   1.00 27.02 ? 24   PHE A CD2 1 
ATOM   165  C CE1 . PHE A 1 24  ? -5.771  -6.609  3.344   1.00 26.13 ? 24   PHE A CE1 1 
ATOM   166  C CE2 . PHE A 1 24  ? -4.184  -8.356  2.848   1.00 23.99 ? 24   PHE A CE2 1 
ATOM   167  C CZ  . PHE A 1 24  ? -4.957  -7.273  2.429   1.00 25.99 ? 24   PHE A CZ  1 
ATOM   168  N N   . ASN A 1 25  ? -6.634  -11.091 4.927   1.00 26.94 ? 25   ASN A N   1 
ATOM   169  C CA  . ASN A 1 25  ? -6.451  -12.337 4.199   1.00 25.45 ? 25   ASN A CA  1 
ATOM   170  C C   . ASN A 1 25  ? -6.147  -12.036 2.747   1.00 24.76 ? 25   ASN A C   1 
ATOM   171  O O   . ASN A 1 25  ? -7.011  -11.567 2.002   1.00 24.33 ? 25   ASN A O   1 
ATOM   172  C CB  . ASN A 1 25  ? -7.713  -13.202 4.284   1.00 27.05 ? 25   ASN A CB  1 
ATOM   173  C CG  . ASN A 1 25  ? -7.506  -14.589 3.704   1.00 28.81 ? 25   ASN A CG  1 
ATOM   174  O OD1 . ASN A 1 25  ? -6.818  -14.753 2.700   1.00 31.13 ? 25   ASN A OD1 1 
ATOM   175  N ND2 . ASN A 1 25  ? -8.114  -15.592 4.323   1.00 28.39 ? 25   ASN A ND2 1 
ATOM   176  N N   . CYS A 1 26  ? -4.911  -12.301 2.344   1.00 23.27 ? 26   CYS A N   1 
ATOM   177  C CA  . CYS A 1 26  ? -4.504  -12.060 0.969   1.00 22.76 ? 26   CYS A CA  1 
ATOM   178  C C   . CYS A 1 26  ? -5.411  -12.748 -0.050  1.00 24.01 ? 26   CYS A C   1 
ATOM   179  O O   . CYS A 1 26  ? -5.760  -12.164 -1.077  1.00 23.27 ? 26   CYS A O   1 
ATOM   180  C CB  . CYS A 1 26  ? -3.071  -12.544 0.754   1.00 24.71 ? 26   CYS A CB  1 
ATOM   181  S SG  . CYS A 1 26  ? -1.785  -11.493 1.508   1.00 24.55 ? 26   CYS A SG  1 
ATOM   182  N N   . ASN A 1 27  ? -5.782  -13.994 0.220   1.00 22.97 ? 27   ASN A N   1 
ATOM   183  C CA  . ASN A 1 27  ? -6.625  -14.732 -0.716  1.00 24.99 ? 27   ASN A CA  1 
ATOM   184  C C   . ASN A 1 27  ? -7.960  -14.059 -0.954  1.00 25.23 ? 27   ASN A C   1 
ATOM   185  O O   . ASN A 1 27  ? -8.549  -14.195 -2.026  1.00 27.37 ? 27   ASN A O   1 
ATOM   186  C CB  . ASN A 1 27  ? -6.833  -16.162 -0.225  1.00 26.52 ? 27   ASN A CB  1 
ATOM   187  C CG  . ASN A 1 27  ? -5.531  -16.883 -0.033  1.00 28.23 ? 27   ASN A CG  1 
ATOM   188  O OD1 . ASN A 1 27  ? -4.602  -16.693 -0.821  1.00 30.51 ? 27   ASN A OD1 1 
ATOM   189  N ND2 . ASN A 1 27  ? -5.447  -17.707 1.006   1.00 30.71 ? 27   ASN A ND2 1 
ATOM   190  N N   . ARG A 1 28  ? -8.427  -13.320 0.044   1.00 25.62 ? 28   ARG A N   1 
ATOM   191  C CA  . ARG A 1 28  ? -9.692  -12.604 -0.055  1.00 26.24 ? 28   ARG A CA  1 
ATOM   192  C C   . ARG A 1 28  ? -9.544  -11.265 -0.781  1.00 26.66 ? 28   ARG A C   1 
ATOM   193  O O   . ARG A 1 28  ? -10.180 -11.024 -1.802  1.00 26.56 ? 28   ARG A O   1 
ATOM   194  C CB  . ARG A 1 28  ? -10.258 -12.338 1.345   1.00 26.21 ? 28   ARG A CB  1 
ATOM   195  C CG  . ARG A 1 28  ? -11.501 -11.450 1.354   1.00 29.13 ? 28   ARG A CG  1 
ATOM   196  C CD  . ARG A 1 28  ? -11.746 -10.813 2.723   1.00 29.34 ? 28   ARG A CD  1 
ATOM   197  N NE  . ARG A 1 28  ? -12.035 -11.792 3.774   1.00 33.08 ? 28   ARG A NE  1 
ATOM   198  C CZ  . ARG A 1 28  ? -11.412 -11.837 4.951   1.00 34.19 ? 28   ARG A CZ  1 
ATOM   199  N NH1 . ARG A 1 28  ? -10.457 -10.962 5.237   1.00 34.60 ? 28   ARG A NH1 1 
ATOM   200  N NH2 . ARG A 1 28  ? -11.750 -12.750 5.853   1.00 35.92 ? 28   ARG A NH2 1 
ATOM   201  N N   . THR A 1 29  ? -8.682  -10.406 -0.248  1.00 26.52 ? 29   THR A N   1 
ATOM   202  C CA  . THR A 1 29  ? -8.494  -9.068  -0.791  1.00 26.17 ? 29   THR A CA  1 
ATOM   203  C C   . THR A 1 29  ? -7.807  -8.967  -2.153  1.00 26.97 ? 29   THR A C   1 
ATOM   204  O O   . THR A 1 29  ? -8.188  -8.127  -2.971  1.00 26.93 ? 29   THR A O   1 
ATOM   205  C CB  . THR A 1 29  ? -7.766  -8.187  0.239   1.00 27.71 ? 29   THR A CB  1 
ATOM   206  O OG1 . THR A 1 29  ? -8.439  -8.299  1.499   1.00 26.72 ? 29   THR A OG1 1 
ATOM   207  C CG2 . THR A 1 29  ? -7.777  -6.730  -0.199  1.00 27.73 ? 29   THR A CG2 1 
ATOM   208  N N   . MET A 1 30  ? -6.803  -9.805  -2.405  1.00 25.25 ? 30   MET A N   1 
ATOM   209  C CA  . MET A 1 30  ? -6.134  -9.779  -3.706  1.00 25.74 ? 30   MET A CA  1 
ATOM   210  C C   . MET A 1 30  ? -7.131  -10.178 -4.797  1.00 26.77 ? 30   MET A C   1 
ATOM   211  O O   . MET A 1 30  ? -6.919  -9.914  -5.982  1.00 27.77 ? 30   MET A O   1 
ATOM   212  C CB  . MET A 1 30  ? -4.939  -10.743 -3.733  1.00 24.38 ? 30   MET A CB  1 
ATOM   213  C CG  . MET A 1 30  ? -3.715  -10.291 -2.934  1.00 23.59 ? 30   MET A CG  1 
ATOM   214  S SD  . MET A 1 30  ? -3.047  -8.682  -3.452  1.00 24.48 ? 30   MET A SD  1 
ATOM   215  C CE  . MET A 1 30  ? -2.186  -9.116  -4.966  1.00 25.21 ? 30   MET A CE  1 
ATOM   216  N N   . ASN A 1 31  ? -8.222  -10.824 -4.392  1.00 27.13 ? 31   ASN A N   1 
ATOM   217  C CA  . ASN A 1 31  ? -9.240  -11.252 -5.348  1.00 29.16 ? 31   ASN A CA  1 
ATOM   218  C C   . ASN A 1 31  ? -10.558 -10.517 -5.143  1.00 32.20 ? 31   ASN A C   1 
ATOM   219  O O   . ASN A 1 31  ? -11.605 -10.935 -5.644  1.00 32.77 ? 31   ASN A O   1 
ATOM   220  C CB  . ASN A 1 31  ? -9.462  -12.763 -5.233  1.00 29.31 ? 31   ASN A CB  1 
ATOM   221  C CG  . ASN A 1 31  ? -8.232  -13.553 -5.616  1.00 29.30 ? 31   ASN A CG  1 
ATOM   222  O OD1 . ASN A 1 31  ? -7.765  -13.472 -6.751  1.00 30.05 ? 31   ASN A OD1 1 
ATOM   223  N ND2 . ASN A 1 31  ? -7.688  -14.312 -4.666  1.00 28.57 ? 31   ASN A ND2 1 
ATOM   224  N N   . ASP A 1 32  ? -10.498 -9.417  -4.400  1.00 32.00 ? 32   ASP A N   1 
ATOM   225  C CA  . ASP A 1 32  ? -11.677 -8.612  -4.119  1.00 32.41 ? 32   ASP A CA  1 
ATOM   226  C C   . ASP A 1 32  ? -11.712 -7.425  -5.079  1.00 34.56 ? 32   ASP A C   1 
ATOM   227  O O   . ASP A 1 32  ? -10.891 -6.507  -4.976  1.00 34.79 ? 32   ASP A O   1 
ATOM   228  C CB  . ASP A 1 32  ? -11.620 -8.107  -2.676  1.00 31.61 ? 32   ASP A CB  1 
ATOM   229  C CG  . ASP A 1 32  ? -12.915 -7.453  -2.235  1.00 30.93 ? 32   ASP A CG  1 
ATOM   230  O OD1 . ASP A 1 32  ? -13.680 -6.996  -3.110  1.00 29.42 ? 32   ASP A OD1 1 
ATOM   231  O OD2 . ASP A 1 32  ? -13.155 -7.388  -1.010  1.00 30.17 ? 32   ASP A OD2 1 
ATOM   232  N N   . PRO A 1 33  ? -12.660 -7.424  -6.029  1.00 34.91 ? 33   PRO A N   1 
ATOM   233  C CA  . PRO A 1 33  ? -12.741 -6.309  -6.980  1.00 34.71 ? 33   PRO A CA  1 
ATOM   234  C C   . PRO A 1 33  ? -12.867 -4.933  -6.327  1.00 33.18 ? 33   PRO A C   1 
ATOM   235  O O   . PRO A 1 33  ? -12.582 -3.916  -6.957  1.00 34.27 ? 33   PRO A O   1 
ATOM   236  C CB  . PRO A 1 33  ? -13.955 -6.673  -7.844  1.00 36.56 ? 33   PRO A CB  1 
ATOM   237  C CG  . PRO A 1 33  ? -14.780 -7.547  -6.952  1.00 36.77 ? 33   PRO A CG  1 
ATOM   238  C CD  . PRO A 1 33  ? -13.742 -8.397  -6.262  1.00 35.82 ? 33   PRO A CD  1 
ATOM   239  N N   . ALA A 1 34  ? -13.275 -4.898  -5.064  1.00 32.12 ? 34   ALA A N   1 
ATOM   240  C CA  . ALA A 1 34  ? -13.422 -3.628  -4.361  1.00 33.04 ? 34   ALA A CA  1 
ATOM   241  C C   . ALA A 1 34  ? -12.069 -2.989  -4.051  1.00 33.00 ? 34   ALA A C   1 
ATOM   242  O O   . ALA A 1 34  ? -11.977 -1.776  -3.846  1.00 31.57 ? 34   ALA A O   1 
ATOM   243  C CB  . ALA A 1 34  ? -14.194 -3.832  -3.068  1.00 33.18 ? 34   ALA A CB  1 
ATOM   244  N N   . TYR A 1 35  ? -11.019 -3.803  -4.026  1.00 32.83 ? 35   TYR A N   1 
ATOM   245  C CA  . TYR A 1 35  ? -9.692  -3.293  -3.705  1.00 34.64 ? 35   TYR A CA  1 
ATOM   246  C C   . TYR A 1 35  ? -8.627  -3.594  -4.751  1.00 35.16 ? 35   TYR A C   1 
ATOM   247  O O   . TYR A 1 35  ? -7.435  -3.442  -4.492  1.00 33.41 ? 35   TYR A O   1 
ATOM   248  C CB  . TYR A 1 35  ? -9.249  -3.853  -2.349  1.00 35.23 ? 35   TYR A CB  1 
ATOM   249  C CG  . TYR A 1 35  ? -10.214 -3.543  -1.226  1.00 37.28 ? 35   TYR A CG  1 
ATOM   250  C CD1 . TYR A 1 35  ? -11.014 -4.541  -0.665  1.00 36.72 ? 35   TYR A CD1 1 
ATOM   251  C CD2 . TYR A 1 35  ? -10.331 -2.247  -0.723  1.00 39.18 ? 35   TYR A CD2 1 
ATOM   252  C CE1 . TYR A 1 35  ? -11.900 -4.256  0.369   1.00 38.80 ? 35   TYR A CE1 1 
ATOM   253  C CE2 . TYR A 1 35  ? -11.214 -1.950  0.310   1.00 40.03 ? 35   TYR A CE2 1 
ATOM   254  C CZ  . TYR A 1 35  ? -11.994 -2.958  0.852   1.00 40.82 ? 35   TYR A CZ  1 
ATOM   255  O OH  . TYR A 1 35  ? -12.857 -2.659  1.885   1.00 43.17 ? 35   TYR A OH  1 
ATOM   256  N N   . THR A 1 36  ? -9.051  -4.003  -5.941  1.00 35.90 ? 36   THR A N   1 
ATOM   257  C CA  . THR A 1 36  ? -8.096  -4.343  -6.986  1.00 37.25 ? 36   THR A CA  1 
ATOM   258  C C   . THR A 1 36  ? -8.297  -3.579  -8.286  1.00 40.59 ? 36   THR A C   1 
ATOM   259  O O   . THR A 1 36  ? -8.723  -4.150  -9.292  1.00 41.75 ? 36   THR A O   1 
ATOM   260  C CB  . THR A 1 36  ? -8.129  -5.855  -7.276  1.00 36.74 ? 36   THR A CB  1 
ATOM   261  O OG1 . THR A 1 36  ? -9.488  -6.283  -7.450  1.00 35.43 ? 36   THR A OG1 1 
ATOM   262  C CG2 . THR A 1 36  ? -7.501  -6.623  -6.126  1.00 35.54 ? 36   THR A CG2 1 
ATOM   263  N N   . PRO A 1 37  ? -7.971  -2.272  -8.280  1.00 42.43 ? 37   PRO A N   1 
ATOM   264  C CA  . PRO A 1 37  ? -8.093  -1.368  -9.429  1.00 43.57 ? 37   PRO A CA  1 
ATOM   265  C C   . PRO A 1 37  ? -7.365  -1.875  -10.671 1.00 44.98 ? 37   PRO A C   1 
ATOM   266  O O   . PRO A 1 37  ? -7.877  -1.768  -11.784 1.00 45.99 ? 37   PRO A O   1 
ATOM   267  C CB  . PRO A 1 37  ? -7.485  -0.064  -8.909  1.00 43.73 ? 37   PRO A CB  1 
ATOM   268  C CG  . PRO A 1 37  ? -7.803  -0.103  -7.453  1.00 44.74 ? 37   PRO A CG  1 
ATOM   269  C CD  . PRO A 1 37  ? -7.471  -1.539  -7.102  1.00 42.69 ? 37   PRO A CD  1 
ATOM   270  N N   . ASP A 1 38  ? -6.171  -2.425  -10.480 1.00 45.32 ? 38   ASP A N   1 
ATOM   271  C CA  . ASP A 1 38  ? -5.396  -2.930  -11.607 1.00 46.37 ? 38   ASP A CA  1 
ATOM   272  C C   . ASP A 1 38  ? -5.733  -4.380  -11.969 1.00 46.48 ? 38   ASP A C   1 
ATOM   273  O O   . ASP A 1 38  ? -5.043  -4.994  -12.781 1.00 46.76 ? 38   ASP A O   1 
ATOM   274  C CB  . ASP A 1 38  ? -3.896  -2.784  -11.321 1.00 47.29 ? 38   ASP A CB  1 
ATOM   275  C CG  . ASP A 1 38  ? -3.467  -1.326  -11.195 1.00 49.22 ? 38   ASP A CG  1 
ATOM   276  O OD1 . ASP A 1 38  ? -3.735  -0.543  -12.131 1.00 48.78 ? 38   ASP A OD1 1 
ATOM   277  O OD2 . ASP A 1 38  ? -2.864  -0.961  -10.165 1.00 47.87 ? 38   ASP A OD2 1 
ATOM   278  N N   . GLY A 1 39  ? -6.798  -4.911  -11.373 1.00 45.37 ? 39   GLY A N   1 
ATOM   279  C CA  . GLY A 1 39  ? -7.208  -6.279  -11.648 1.00 43.64 ? 39   GLY A CA  1 
ATOM   280  C C   . GLY A 1 39  ? -6.978  -7.224  -10.480 1.00 42.35 ? 39   GLY A C   1 
ATOM   281  O O   . GLY A 1 39  ? -6.128  -6.969  -9.628  1.00 41.20 ? 39   GLY A O   1 
ATOM   282  N N   . GLN A 1 40  ? -7.739  -8.315  -10.433 1.00 41.71 ? 40   GLN A N   1 
ATOM   283  C CA  . GLN A 1 40  ? -7.596  -9.295  -9.360  1.00 40.07 ? 40   GLN A CA  1 
ATOM   284  C C   . GLN A 1 40  ? -6.538  -10.348 -9.675  1.00 38.04 ? 40   GLN A C   1 
ATOM   285  O O   . GLN A 1 40  ? -6.124  -10.511 -10.822 1.00 36.67 ? 40   GLN A O   1 
ATOM   286  C CB  . GLN A 1 40  ? -8.926  -10.007 -9.083  1.00 41.42 ? 40   GLN A CB  1 
ATOM   287  C CG  . GLN A 1 40  ? -10.003 -9.136  -8.456  1.00 42.95 ? 40   GLN A CG  1 
ATOM   288  C CD  . GLN A 1 40  ? -11.005 -8.626  -9.468  1.00 44.21 ? 40   GLN A CD  1 
ATOM   289  O OE1 . GLN A 1 40  ? -11.723 -9.409  -10.094 1.00 45.21 ? 40   GLN A OE1 1 
ATOM   290  N NE2 . GLN A 1 40  ? -11.063 -7.309  -9.637  1.00 44.19 ? 40   GLN A NE2 1 
ATOM   291  N N   . CYS A 1 41  ? -6.105  -11.054 -8.635  1.00 36.60 ? 41   CYS A N   1 
ATOM   292  C CA  . CYS A 1 41  ? -5.109  -12.111 -8.757  1.00 36.62 ? 41   CYS A CA  1 
ATOM   293  C C   . CYS A 1 41  ? -3.772  -11.637 -9.329  1.00 36.24 ? 41   CYS A C   1 
ATOM   294  O O   . CYS A 1 41  ? -3.146  -12.336 -10.121 1.00 36.85 ? 41   CYS A O   1 
ATOM   295  C CB  . CYS A 1 41  ? -5.666  -13.253 -9.619  1.00 36.85 ? 41   CYS A CB  1 
ATOM   296  S SG  . CYS A 1 41  ? -4.633  -14.752 -9.653  1.00 38.85 ? 41   CYS A SG  1 
ATOM   297  N N   . LYS A 1 42  ? -3.332  -10.452 -8.926  1.00 35.13 ? 42   LYS A N   1 
ATOM   298  C CA  . LYS A 1 42  ? -2.056  -9.927  -9.396  1.00 33.77 ? 42   LYS A CA  1 
ATOM   299  C C   . LYS A 1 42  ? -0.915  -10.622 -8.653  1.00 33.59 ? 42   LYS A C   1 
ATOM   300  O O   . LYS A 1 42  ? -1.094  -11.104 -7.532  1.00 32.32 ? 42   LYS A O   1 
ATOM   301  C CB  . LYS A 1 42  ? -2.001  -8.410  -9.181  1.00 36.75 ? 42   LYS A CB  1 
ATOM   302  C CG  . LYS A 1 42  ? -2.932  -7.642  -10.107 1.00 40.00 ? 42   LYS A CG  1 
ATOM   303  C CD  . LYS A 1 42  ? -2.519  -7.834  -11.563 1.00 44.02 ? 42   LYS A CD  1 
ATOM   304  C CE  . LYS A 1 42  ? -3.584  -7.334  -12.522 1.00 47.70 ? 42   LYS A CE  1 
ATOM   305  N NZ  . LYS A 1 42  ? -3.176  -7.480  -13.953 1.00 50.99 ? 42   LYS A NZ  1 
ATOM   306  N N   . PRO A 1 43  ? 0.280   -10.679 -9.263  1.00 32.67 ? 43   PRO A N   1 
ATOM   307  C CA  . PRO A 1 43  ? 1.432   -11.333 -8.631  1.00 30.95 ? 43   PRO A CA  1 
ATOM   308  C C   . PRO A 1 43  ? 1.883   -10.810 -7.267  1.00 29.76 ? 43   PRO A C   1 
ATOM   309  O O   . PRO A 1 43  ? 2.304   -11.592 -6.407  1.00 28.22 ? 43   PRO A O   1 
ATOM   310  C CB  . PRO A 1 43  ? 2.528   -11.213 -9.698  1.00 32.52 ? 43   PRO A CB  1 
ATOM   311  C CG  . PRO A 1 43  ? 2.144   -9.982  -10.441 1.00 34.63 ? 43   PRO A CG  1 
ATOM   312  C CD  . PRO A 1 43  ? 0.651   -10.114 -10.572 1.00 33.44 ? 43   PRO A CD  1 
ATOM   313  N N   . ILE A 1 44  ? 1.798   -9.504  -7.047  1.00 28.24 ? 44   ILE A N   1 
ATOM   314  C CA  . ILE A 1 44  ? 2.241   -8.975  -5.764  1.00 26.46 ? 44   ILE A CA  1 
ATOM   315  C C   . ILE A 1 44  ? 1.690   -7.600  -5.400  1.00 25.25 ? 44   ILE A C   1 
ATOM   316  O O   . ILE A 1 44  ? 1.472   -6.751  -6.274  1.00 24.93 ? 44   ILE A O   1 
ATOM   317  C CB  . ILE A 1 44  ? 3.789   -8.919  -5.719  1.00 27.40 ? 44   ILE A CB  1 
ATOM   318  C CG1 . ILE A 1 44  ? 4.264   -8.449  -4.342  1.00 26.79 ? 44   ILE A CG1 1 
ATOM   319  C CG2 . ILE A 1 44  ? 4.308   -7.985  -6.821  1.00 27.06 ? 44   ILE A CG2 1 
ATOM   320  C CD1 . ILE A 1 44  ? 5.765   -8.555  -4.144  1.00 29.70 ? 44   ILE A CD1 1 
ATOM   321  N N   . ASN A 1 45  ? 1.453   -7.395  -4.107  1.00 21.80 ? 45   ASN A N   1 
ATOM   322  C CA  . ASN A 1 45  ? 0.964   -6.108  -3.607  1.00 22.39 ? 45   ASN A CA  1 
ATOM   323  C C   . ASN A 1 45  ? 1.204   -5.955  -2.114  1.00 23.01 ? 45   ASN A C   1 
ATOM   324  O O   . ASN A 1 45  ? 1.144   -6.932  -1.367  1.00 23.68 ? 45   ASN A O   1 
ATOM   325  C CB  . ASN A 1 45  ? -0.528  -5.919  -3.873  1.00 22.19 ? 45   ASN A CB  1 
ATOM   326  C CG  . ASN A 1 45  ? -0.970  -4.473  -3.647  1.00 24.59 ? 45   ASN A CG  1 
ATOM   327  O OD1 . ASN A 1 45  ? -0.511  -3.564  -4.342  1.00 27.05 ? 45   ASN A OD1 1 
ATOM   328  N ND2 . ASN A 1 45  ? -1.840  -4.255  -2.668  1.00 24.06 ? 45   ASN A ND2 1 
ATOM   329  N N   . THR A 1 46  ? 1.473   -4.726  -1.682  1.00 21.35 ? 46   THR A N   1 
ATOM   330  C CA  . THR A 1 46  ? 1.707   -4.447  -0.268  1.00 22.24 ? 46   THR A CA  1 
ATOM   331  C C   . THR A 1 46  ? 0.585   -3.567  0.286   1.00 22.25 ? 46   THR A C   1 
ATOM   332  O O   . THR A 1 46  ? 0.191   -2.574  -0.336  1.00 22.07 ? 46   THR A O   1 
ATOM   333  C CB  . THR A 1 46  ? 3.073   -3.748  -0.052  1.00 25.71 ? 46   THR A CB  1 
ATOM   334  O OG1 . THR A 1 46  ? 4.128   -4.661  -0.379  1.00 27.14 ? 46   THR A OG1 1 
ATOM   335  C CG2 . THR A 1 46  ? 3.233   -3.321  1.394   1.00 23.72 ? 46   THR A CG2 1 
ATOM   336  N N   . PHE A 1 47  ? 0.057   -3.961  1.442   1.00 19.70 ? 47   PHE A N   1 
ATOM   337  C CA  . PHE A 1 47  ? -1.019  -3.237  2.103   1.00 21.06 ? 47   PHE A CA  1 
ATOM   338  C C   . PHE A 1 47  ? -0.530  -2.537  3.362   1.00 22.24 ? 47   PHE A C   1 
ATOM   339  O O   . PHE A 1 47  ? 0.233   -3.102  4.142   1.00 23.03 ? 47   PHE A O   1 
ATOM   340  C CB  . PHE A 1 47  ? -2.156  -4.199  2.456   1.00 21.14 ? 47   PHE A CB  1 
ATOM   341  C CG  . PHE A 1 47  ? -2.822  -4.805  1.259   1.00 21.65 ? 47   PHE A CG  1 
ATOM   342  C CD1 . PHE A 1 47  ? -2.334  -5.975  0.687   1.00 21.52 ? 47   PHE A CD1 1 
ATOM   343  C CD2 . PHE A 1 47  ? -3.921  -4.180  0.677   1.00 22.77 ? 47   PHE A CD2 1 
ATOM   344  C CE1 . PHE A 1 47  ? -2.936  -6.511  -0.451  1.00 20.84 ? 47   PHE A CE1 1 
ATOM   345  C CE2 . PHE A 1 47  ? -4.530  -4.706  -0.465  1.00 20.39 ? 47   PHE A CE2 1 
ATOM   346  C CZ  . PHE A 1 47  ? -4.038  -5.872  -1.030  1.00 20.15 ? 47   PHE A CZ  1 
ATOM   347  N N   . ILE A 1 48  ? -0.999  -1.311  3.567   1.00 21.93 ? 48   ILE A N   1 
ATOM   348  C CA  . ILE A 1 48  ? -0.591  -0.507  4.714   1.00 22.87 ? 48   ILE A CA  1 
ATOM   349  C C   . ILE A 1 48  ? -1.720  -0.475  5.742   1.00 23.17 ? 48   ILE A C   1 
ATOM   350  O O   . ILE A 1 48  ? -2.811  0.019   5.459   1.00 22.84 ? 48   ILE A O   1 
ATOM   351  C CB  . ILE A 1 48  ? -0.271  0.946   4.276   1.00 22.30 ? 48   ILE A CB  1 
ATOM   352  C CG1 . ILE A 1 48  ? 0.658   0.937   3.064   1.00 22.29 ? 48   ILE A CG1 1 
ATOM   353  C CG2 . ILE A 1 48  ? 0.371   1.708   5.422   1.00 23.37 ? 48   ILE A CG2 1 
ATOM   354  C CD1 . ILE A 1 48  ? 0.641   2.247   2.278   1.00 23.43 ? 48   ILE A CD1 1 
ATOM   355  N N   . HIS A 1 49  ? -1.453  -1.010  6.930   1.00 23.23 ? 49   HIS A N   1 
ATOM   356  C CA  . HIS A 1 49  ? -2.446  -1.049  7.998   1.00 25.38 ? 49   HIS A CA  1 
ATOM   357  C C   . HIS A 1 49  ? -2.406  0.273   8.749   1.00 27.51 ? 49   HIS A C   1 
ATOM   358  O O   . HIS A 1 49  ? -1.695  0.419   9.752   1.00 28.65 ? 49   HIS A O   1 
ATOM   359  C CB  . HIS A 1 49  ? -2.135  -2.206  8.949   1.00 24.06 ? 49   HIS A CB  1 
ATOM   360  C CG  . HIS A 1 49  ? -2.234  -3.551  8.301   1.00 23.21 ? 49   HIS A CG  1 
ATOM   361  N ND1 . HIS A 1 49  ? -3.414  -4.262  8.243   1.00 21.59 ? 49   HIS A ND1 1 
ATOM   362  C CD2 . HIS A 1 49  ? -1.316  -4.286  7.631   1.00 24.03 ? 49   HIS A CD2 1 
ATOM   363  C CE1 . HIS A 1 49  ? -3.217  -5.378  7.563   1.00 23.96 ? 49   HIS A CE1 1 
ATOM   364  N NE2 . HIS A 1 49  ? -1.953  -5.417  7.180   1.00 24.96 ? 49   HIS A NE2 1 
ATOM   365  N N   . SER A 1 50  ? -3.170  1.241   8.262   1.00 27.93 ? 50   SER A N   1 
ATOM   366  C CA  A SER A 1 50  ? -3.196  2.561   8.878   0.50 26.86 ? 50   SER A CA  1 
ATOM   367  C CA  B SER A 1 50  ? -3.213  2.549   8.898   0.50 28.39 ? 50   SER A CA  1 
ATOM   368  C C   . SER A 1 50  ? -4.339  3.415   8.359   1.00 28.39 ? 50   SER A C   1 
ATOM   369  O O   . SER A 1 50  ? -4.947  3.106   7.329   1.00 25.23 ? 50   SER A O   1 
ATOM   370  C CB  A SER A 1 50  ? -1.870  3.282   8.601   0.50 26.11 ? 50   SER A CB  1 
ATOM   371  C CB  B SER A 1 50  ? -1.880  3.274   8.696   0.50 29.57 ? 50   SER A CB  1 
ATOM   372  O OG  A SER A 1 50  ? -1.952  4.671   8.884   0.50 21.28 ? 50   SER A OG  1 
ATOM   373  O OG  B SER A 1 50  ? -1.616  3.471   7.320   0.50 32.09 ? 50   SER A OG  1 
ATOM   374  N N   . THR A 1 51  ? -4.624  4.491   9.084   1.00 28.53 ? 51   THR A N   1 
ATOM   375  C CA  . THR A 1 51  ? -5.649  5.431   8.678   1.00 29.39 ? 51   THR A CA  1 
ATOM   376  C C   . THR A 1 51  ? -4.955  6.070   7.475   1.00 28.24 ? 51   THR A C   1 
ATOM   377  O O   . THR A 1 51  ? -3.736  5.950   7.339   1.00 28.46 ? 51   THR A O   1 
ATOM   378  C CB  . THR A 1 51  ? -5.883  6.480   9.769   1.00 28.41 ? 51   THR A CB  1 
ATOM   379  O OG1 . THR A 1 51  ? -4.618  6.879   10.310  1.00 29.99 ? 51   THR A OG1 1 
ATOM   380  C CG2 . THR A 1 51  ? -6.742  5.901   10.895  1.00 29.32 ? 51   THR A CG2 1 
ATOM   381  N N   . THR A 1 52  ? -5.710  6.738   6.613   1.00 29.62 ? 52   THR A N   1 
ATOM   382  C CA  . THR A 1 52  ? -5.140  7.345   5.414   1.00 29.25 ? 52   THR A CA  1 
ATOM   383  C C   . THR A 1 52  ? -4.290  8.590   5.641   1.00 28.62 ? 52   THR A C   1 
ATOM   384  O O   . THR A 1 52  ? -3.294  8.796   4.949   1.00 27.10 ? 52   THR A O   1 
ATOM   385  C CB  . THR A 1 52  ? -6.242  7.707   4.412   1.00 30.05 ? 52   THR A CB  1 
ATOM   386  O OG1 . THR A 1 52  ? -7.094  8.706   4.982   1.00 31.15 ? 52   THR A OG1 1 
ATOM   387  C CG2 . THR A 1 52  ? -7.067  6.482   4.065   1.00 28.18 ? 52   THR A CG2 1 
ATOM   388  N N   . GLY A 1 53  ? -4.698  9.418   6.601   1.00 29.47 ? 53   GLY A N   1 
ATOM   389  C CA  . GLY A 1 53  ? -3.983  10.649  6.901   1.00 29.31 ? 53   GLY A CA  1 
ATOM   390  C C   . GLY A 1 53  ? -2.483  10.532  7.072   1.00 28.70 ? 53   GLY A C   1 
ATOM   391  O O   . GLY A 1 53  ? -1.735  11.277  6.435   1.00 30.54 ? 53   GLY A O   1 
ATOM   392  N N   . PRO A 1 54  ? -2.005  9.625   7.941   1.00 29.20 ? 54   PRO A N   1 
ATOM   393  C CA  . PRO A 1 54  ? -0.568  9.438   8.171   1.00 29.01 ? 54   PRO A CA  1 
ATOM   394  C C   . PRO A 1 54  ? 0.188   9.079   6.890   1.00 28.52 ? 54   PRO A C   1 
ATOM   395  O O   . PRO A 1 54  ? 1.361   9.437   6.727   1.00 29.12 ? 54   PRO A O   1 
ATOM   396  C CB  . PRO A 1 54  ? -0.527  8.309   9.198   1.00 30.28 ? 54   PRO A CB  1 
ATOM   397  C CG  . PRO A 1 54  ? -1.791  8.526   9.980   1.00 31.28 ? 54   PRO A CG  1 
ATOM   398  C CD  . PRO A 1 54  ? -2.796  8.816   8.886   1.00 31.03 ? 54   PRO A CD  1 
ATOM   399  N N   . VAL A 1 55  ? -0.478  8.370   5.986   1.00 27.10 ? 55   VAL A N   1 
ATOM   400  C CA  . VAL A 1 55  ? 0.163   7.990   4.732   1.00 27.05 ? 55   VAL A CA  1 
ATOM   401  C C   . VAL A 1 55  ? 0.250   9.207   3.810   1.00 28.57 ? 55   VAL A C   1 
ATOM   402  O O   . VAL A 1 55  ? 1.253   9.411   3.127   1.00 28.83 ? 55   VAL A O   1 
ATOM   403  C CB  . VAL A 1 55  ? -0.609  6.851   4.014   1.00 26.37 ? 55   VAL A CB  1 
ATOM   404  C CG1 . VAL A 1 55  ? 0.158   6.414   2.763   1.00 24.85 ? 55   VAL A CG1 1 
ATOM   405  C CG2 . VAL A 1 55  ? -0.785  5.669   4.952   1.00 27.06 ? 55   VAL A CG2 1 
ATOM   406  N N   . LYS A 1 56  ? -0.798  10.021  3.792   1.00 29.27 ? 56   LYS A N   1 
ATOM   407  C CA  . LYS A 1 56  ? -0.777  11.211  2.953   1.00 30.96 ? 56   LYS A CA  1 
ATOM   408  C C   . LYS A 1 56  ? 0.299   12.187  3.432   1.00 31.54 ? 56   LYS A C   1 
ATOM   409  O O   . LYS A 1 56  ? 0.938   12.858  2.621   1.00 29.30 ? 56   LYS A O   1 
ATOM   410  C CB  . LYS A 1 56  ? -2.147  11.892  2.953   1.00 32.19 ? 56   LYS A CB  1 
ATOM   411  C CG  . LYS A 1 56  ? -2.196  13.143  2.097   1.00 32.26 ? 56   LYS A CG  1 
ATOM   412  C CD  . LYS A 1 56  ? -3.621  13.627  1.892   1.00 35.09 ? 56   LYS A CD  1 
ATOM   413  C CE  . LYS A 1 56  ? -3.645  14.876  1.018   1.00 35.67 ? 56   LYS A CE  1 
ATOM   414  N NZ  . LYS A 1 56  ? -5.046  15.256  0.674   1.00 37.31 ? 56   LYS A NZ  1 
ATOM   415  N N   . GLU A 1 57  ? 0.510   12.246  4.746   1.00 33.04 ? 57   GLU A N   1 
ATOM   416  C CA  A GLU A 1 57  ? 1.513   13.130  5.337   0.50 34.43 ? 57   GLU A CA  1 
ATOM   417  C CA  B GLU A 1 57  ? 1.510   13.144  5.312   0.50 34.38 ? 57   GLU A CA  1 
ATOM   418  C C   . GLU A 1 57  ? 2.906   12.909  4.742   1.00 34.78 ? 57   GLU A C   1 
ATOM   419  O O   . GLU A 1 57  ? 3.754   13.805  4.770   1.00 33.87 ? 57   GLU A O   1 
ATOM   420  C CB  A GLU A 1 57  ? 1.589   12.915  6.855   0.50 36.43 ? 57   GLU A CB  1 
ATOM   421  C CB  B GLU A 1 57  ? 1.544   13.014  6.837   0.50 36.34 ? 57   GLU A CB  1 
ATOM   422  C CG  A GLU A 1 57  ? 0.309   13.220  7.622   0.50 39.89 ? 57   GLU A CG  1 
ATOM   423  C CG  B GLU A 1 57  ? 0.289   13.534  7.519   0.50 39.54 ? 57   GLU A CG  1 
ATOM   424  C CD  A GLU A 1 57  ? 0.470   13.033  9.122   0.50 41.30 ? 57   GLU A CD  1 
ATOM   425  C CD  B GLU A 1 57  ? -0.087  14.926  7.047   0.50 40.97 ? 57   GLU A CD  1 
ATOM   426  O OE1 A GLU A 1 57  ? 1.320   13.726  9.720   0.50 43.55 ? 57   GLU A OE1 1 
ATOM   427  O OE1 B GLU A 1 57  ? 0.739   15.852  7.194   0.50 40.98 ? 57   GLU A OE1 1 
ATOM   428  O OE2 A GLU A 1 57  ? -0.250  12.194  9.706   0.50 41.99 ? 57   GLU A OE2 1 
ATOM   429  O OE2 B GLU A 1 57  ? -1.208  15.092  6.523   0.50 42.61 ? 57   GLU A OE2 1 
ATOM   430  N N   . ILE A 1 58  ? 3.149   11.711  4.219   1.00 33.61 ? 58   ILE A N   1 
ATOM   431  C CA  . ILE A 1 58  ? 4.452   11.399  3.646   1.00 33.28 ? 58   ILE A CA  1 
ATOM   432  C C   . ILE A 1 58  ? 4.805   12.378  2.525   1.00 33.70 ? 58   ILE A C   1 
ATOM   433  O O   . ILE A 1 58  ? 5.979   12.636  2.251   1.00 34.54 ? 58   ILE A O   1 
ATOM   434  C CB  . ILE A 1 58  ? 4.484   9.963   3.065   1.00 32.57 ? 58   ILE A CB  1 
ATOM   435  C CG1 . ILE A 1 58  ? 4.131   8.945   4.156   1.00 32.48 ? 58   ILE A CG1 1 
ATOM   436  C CG2 . ILE A 1 58  ? 5.866   9.661   2.501   1.00 31.89 ? 58   ILE A CG2 1 
ATOM   437  C CD1 . ILE A 1 58  ? 3.947   7.516   3.634   1.00 30.78 ? 58   ILE A CD1 1 
ATOM   438  N N   . CYS A 1 59  ? 3.783   12.936  1.889   1.00 32.57 ? 59   CYS A N   1 
ATOM   439  C CA  . CYS A 1 59  ? 3.990   13.861  0.781   1.00 32.61 ? 59   CYS A CA  1 
ATOM   440  C C   . CYS A 1 59  ? 3.809   15.345  1.135   1.00 34.11 ? 59   CYS A C   1 
ATOM   441  O O   . CYS A 1 59  ? 3.807   16.195  0.246   1.00 33.27 ? 59   CYS A O   1 
ATOM   442  C CB  . CYS A 1 59  ? 3.026   13.513  -0.355  1.00 30.94 ? 59   CYS A CB  1 
ATOM   443  S SG  . CYS A 1 59  ? 3.176   11.827  -1.040  1.00 29.23 ? 59   CYS A SG  1 
ATOM   444  N N   . ARG A 1 60  ? 3.680   15.660  2.419   1.00 36.05 ? 60   ARG A N   1 
ATOM   445  C CA  . ARG A 1 60  ? 3.444   17.045  2.821   1.00 38.57 ? 60   ARG A CA  1 
ATOM   446  C C   . ARG A 1 60  ? 4.442   18.102  2.359   1.00 38.17 ? 60   ARG A C   1 
ATOM   447  O O   . ARG A 1 60  ? 4.113   19.284  2.334   1.00 35.06 ? 60   ARG A O   1 
ATOM   448  C CB  . ARG A 1 60  ? 3.262   17.151  4.340   1.00 41.38 ? 60   ARG A CB  1 
ATOM   449  C CG  . ARG A 1 60  ? 4.460   16.771  5.191   1.00 45.73 ? 60   ARG A CG  1 
ATOM   450  C CD  . ARG A 1 60  ? 4.227   17.249  6.621   1.00 49.91 ? 60   ARG A CD  1 
ATOM   451  N NE  . ARG A 1 60  ? 4.986   16.491  7.612   1.00 54.24 ? 60   ARG A NE  1 
ATOM   452  C CZ  . ARG A 1 60  ? 6.313   16.438  7.673   1.00 56.06 ? 60   ARG A CZ  1 
ATOM   453  N NH1 . ARG A 1 60  ? 7.053   17.103  6.797   1.00 57.44 ? 60   ARG A NH1 1 
ATOM   454  N NH2 . ARG A 1 60  ? 6.900   15.713  8.617   1.00 57.87 ? 60   ARG A NH2 1 
ATOM   455  N N   . ARG A 1 61  ? 5.652   17.701  1.986   1.00 39.26 ? 61   ARG A N   1 
ATOM   456  C CA  . ARG A 1 61  ? 6.630   18.687  1.534   1.00 40.80 ? 61   ARG A CA  1 
ATOM   457  C C   . ARG A 1 61  ? 7.139   18.417  0.129   1.00 40.15 ? 61   ARG A C   1 
ATOM   458  O O   . ARG A 1 61  ? 8.090   19.051  -0.325  1.00 41.36 ? 61   ARG A O   1 
ATOM   459  C CB  . ARG A 1 61  ? 7.804   18.759  2.515   1.00 42.12 ? 61   ARG A CB  1 
ATOM   460  C CG  . ARG A 1 61  ? 7.365   19.052  3.941   1.00 46.27 ? 61   ARG A CG  1 
ATOM   461  C CD  . ARG A 1 61  ? 8.348   19.941  4.680   1.00 48.34 ? 61   ARG A CD  1 
ATOM   462  N NE  . ARG A 1 61  ? 7.947   20.155  6.068   1.00 50.94 ? 61   ARG A NE  1 
ATOM   463  C CZ  . ARG A 1 61  ? 6.780   20.672  6.445   1.00 51.66 ? 61   ARG A CZ  1 
ATOM   464  N NH1 . ARG A 1 61  ? 5.882   21.036  5.535   1.00 51.12 ? 61   ARG A NH1 1 
ATOM   465  N NH2 . ARG A 1 61  ? 6.510   20.826  7.735   1.00 51.37 ? 61   ARG A NH2 1 
ATOM   466  N N   . ALA A 1 62  ? 6.488   17.490  -0.565  1.00 38.70 ? 62   ALA A N   1 
ATOM   467  C CA  . ALA A 1 62  ? 6.885   17.127  -1.919  1.00 37.46 ? 62   ALA A CA  1 
ATOM   468  C C   . ALA A 1 62  ? 6.313   18.037  -3.001  1.00 37.93 ? 62   ALA A C   1 
ATOM   469  O O   . ALA A 1 62  ? 5.165   18.480  -2.925  1.00 36.89 ? 62   ALA A O   1 
ATOM   470  C CB  . ALA A 1 62  ? 6.484   15.680  -2.202  1.00 36.76 ? 62   ALA A CB  1 
ATOM   471  N N   . THR A 1 63  ? 7.130   18.310  -4.015  1.00 37.67 ? 63   THR A N   1 
ATOM   472  C CA  . THR A 1 63  ? 6.711   19.138  -5.137  1.00 39.52 ? 63   THR A CA  1 
ATOM   473  C C   . THR A 1 63  ? 6.933   18.331  -6.415  1.00 40.12 ? 63   THR A C   1 
ATOM   474  O O   . THR A 1 63  ? 8.000   17.736  -6.600  1.00 40.64 ? 63   THR A O   1 
ATOM   475  C CB  . THR A 1 63  ? 7.517   20.460  -5.202  1.00 41.64 ? 63   THR A CB  1 
ATOM   476  O OG1 . THR A 1 63  ? 8.907   20.173  -5.386  1.00 42.49 ? 63   THR A OG1 1 
ATOM   477  C CG2 . THR A 1 63  ? 7.343   21.252  -3.907  1.00 42.53 ? 63   THR A CG2 1 
ATOM   478  N N   . GLY A 1 64  ? 5.922   18.305  -7.283  1.00 38.42 ? 64   GLY A N   1 
ATOM   479  C CA  . GLY A 1 64  ? 6.015   17.557  -8.525  1.00 39.08 ? 64   GLY A CA  1 
ATOM   480  C C   . GLY A 1 64  ? 5.910   16.062  -8.268  1.00 39.57 ? 64   GLY A C   1 
ATOM   481  O O   . GLY A 1 64  ? 5.573   15.641  -7.160  1.00 38.80 ? 64   GLY A O   1 
ATOM   482  N N   . ARG A 1 65  ? 6.185   15.254  -9.288  1.00 39.25 ? 65   ARG A N   1 
ATOM   483  C CA  . ARG A 1 65  ? 6.142   13.803  -9.133  1.00 39.54 ? 65   ARG A CA  1 
ATOM   484  C C   . ARG A 1 65  ? 7.525   13.349  -8.682  1.00 39.43 ? 65   ARG A C   1 
ATOM   485  O O   . ARG A 1 65  ? 8.474   13.372  -9.461  1.00 40.69 ? 65   ARG A O   1 
ATOM   486  C CB  . ARG A 1 65  ? 5.775   13.129  -10.456 1.00 41.79 ? 65   ARG A CB  1 
ATOM   487  C CG  . ARG A 1 65  ? 4.339   13.362  -10.895 1.00 44.97 ? 65   ARG A CG  1 
ATOM   488  C CD  . ARG A 1 65  ? 4.044   12.697  -12.232 1.00 47.50 ? 65   ARG A CD  1 
ATOM   489  N NE  . ARG A 1 65  ? 2.635   12.813  -12.610 1.00 49.65 ? 65   ARG A NE  1 
ATOM   490  C CZ  . ARG A 1 65  ? 1.637   12.185  -11.992 1.00 50.97 ? 65   ARG A CZ  1 
ATOM   491  N NH1 . ARG A 1 65  ? 1.881   11.389  -10.958 1.00 49.52 ? 65   ARG A NH1 1 
ATOM   492  N NH2 . ARG A 1 65  ? 0.389   12.348  -12.412 1.00 50.32 ? 65   ARG A NH2 1 
ATOM   493  N N   . VAL A 1 66  ? 7.634   12.950  -7.419  1.00 37.04 ? 66   VAL A N   1 
ATOM   494  C CA  . VAL A 1 66  ? 8.903   12.510  -6.857  1.00 35.60 ? 66   VAL A CA  1 
ATOM   495  C C   . VAL A 1 66  ? 8.709   11.426  -5.807  1.00 34.09 ? 66   VAL A C   1 
ATOM   496  O O   . VAL A 1 66  ? 7.679   11.383  -5.132  1.00 32.23 ? 66   VAL A O   1 
ATOM   497  C CB  . VAL A 1 66  ? 9.646   13.683  -6.186  1.00 36.39 ? 66   VAL A CB  1 
ATOM   498  C CG1 . VAL A 1 66  ? 10.127  14.665  -7.236  1.00 39.33 ? 66   VAL A CG1 1 
ATOM   499  C CG2 . VAL A 1 66  ? 8.717   14.378  -5.194  1.00 35.87 ? 66   VAL A CG2 1 
ATOM   500  N N   . ASN A 1 67  ? 9.703   10.552  -5.670  1.00 33.19 ? 67   ASN A N   1 
ATOM   501  C CA  . ASN A 1 67  ? 9.640   9.485   -4.679  1.00 34.33 ? 67   ASN A CA  1 
ATOM   502  C C   . ASN A 1 67  ? 10.051  10.039  -3.325  1.00 34.49 ? 67   ASN A C   1 
ATOM   503  O O   . ASN A 1 67  ? 10.994  10.825  -3.233  1.00 36.67 ? 67   ASN A O   1 
ATOM   504  C CB  . ASN A 1 67  ? 10.571  8.327   -5.061  1.00 33.23 ? 67   ASN A CB  1 
ATOM   505  C CG  . ASN A 1 67  ? 10.047  7.521   -6.227  1.00 32.96 ? 67   ASN A CG  1 
ATOM   506  O OD1 . ASN A 1 67  ? 8.968   7.799   -6.756  1.00 31.90 ? 67   ASN A OD1 1 
ATOM   507  N ND2 . ASN A 1 67  ? 10.804  6.507   -6.634  1.00 32.28 ? 67   ASN A ND2 1 
ATOM   508  N N   . LYS A 1 68  ? 9.340   9.630   -2.280  1.00 33.55 ? 68   LYS A N   1 
ATOM   509  C CA  . LYS A 1 68  ? 9.627   10.079  -0.921  1.00 34.74 ? 68   LYS A CA  1 
ATOM   510  C C   . LYS A 1 68  ? 9.620   8.916   0.069   1.00 35.06 ? 68   LYS A C   1 
ATOM   511  O O   . LYS A 1 68  ? 8.771   8.030   -0.015  1.00 34.63 ? 68   LYS A O   1 
ATOM   512  C CB  . LYS A 1 68  ? 8.580   11.107  -0.469  1.00 36.36 ? 68   LYS A CB  1 
ATOM   513  C CG  . LYS A 1 68  ? 8.587   12.424  -1.239  1.00 37.12 ? 68   LYS A CG  1 
ATOM   514  C CD  . LYS A 1 68  ? 9.857   13.216  -0.959  1.00 39.99 ? 68   LYS A CD  1 
ATOM   515  C CE  . LYS A 1 68  ? 9.800   14.600  -1.600  1.00 41.41 ? 68   LYS A CE  1 
ATOM   516  N NZ  . LYS A 1 68  ? 11.015  15.407  -1.282  1.00 41.73 ? 68   LYS A NZ  1 
ATOM   517  N N   . SER A 1 69  ? 10.565  8.926   1.006   1.00 35.52 ? 69   SER A N   1 
ATOM   518  C CA  . SER A 1 69  ? 10.638  7.893   2.041   1.00 36.83 ? 69   SER A CA  1 
ATOM   519  C C   . SER A 1 69  ? 9.837   8.406   3.234   1.00 37.65 ? 69   SER A C   1 
ATOM   520  O O   . SER A 1 69  ? 9.898   9.592   3.552   1.00 36.92 ? 69   SER A O   1 
ATOM   521  C CB  . SER A 1 69  ? 12.090  7.657   2.491   1.00 36.69 ? 69   SER A CB  1 
ATOM   522  O OG  . SER A 1 69  ? 12.881  7.086   1.464   1.00 37.94 ? 69   SER A OG  1 
ATOM   523  N N   . SER A 1 70  ? 9.082   7.529   3.887   1.00 37.89 ? 70   SER A N   1 
ATOM   524  C CA  . SER A 1 70  ? 8.306   7.943   5.049   1.00 39.70 ? 70   SER A CA  1 
ATOM   525  C C   . SER A 1 70  ? 9.262   8.077   6.230   1.00 40.88 ? 70   SER A C   1 
ATOM   526  O O   . SER A 1 70  ? 10.252  7.356   6.319   1.00 41.04 ? 70   SER A O   1 
ATOM   527  C CB  . SER A 1 70  ? 7.220   6.912   5.374   1.00 39.80 ? 70   SER A CB  1 
ATOM   528  O OG  . SER A 1 70  ? 7.790   5.672   5.754   1.00 40.53 ? 70   SER A OG  1 
ATOM   529  N N   . THR A 1 71  ? 8.967   9.003   7.134   1.00 42.67 ? 71   THR A N   1 
ATOM   530  C CA  . THR A 1 71  ? 9.816   9.210   8.294   1.00 44.34 ? 71   THR A CA  1 
ATOM   531  C C   . THR A 1 71  ? 9.365   8.322   9.444   1.00 45.97 ? 71   THR A C   1 
ATOM   532  O O   . THR A 1 71  ? 10.080  8.147   10.430  1.00 48.12 ? 71   THR A O   1 
ATOM   533  C CB  . THR A 1 71  ? 9.807   10.694  8.730   1.00 43.82 ? 71   THR A CB  1 
ATOM   534  O OG1 . THR A 1 71  ? 8.457   11.144  8.901   1.00 44.19 ? 71   THR A OG1 1 
ATOM   535  C CG2 . THR A 1 71  ? 10.492  11.552  7.676   1.00 42.86 ? 71   THR A CG2 1 
ATOM   536  N N   . GLN A 1 72  ? 8.174   7.752   9.303   1.00 45.59 ? 72   GLN A N   1 
ATOM   537  C CA  . GLN A 1 72  ? 7.623   6.864   10.315  1.00 45.96 ? 72   GLN A CA  1 
ATOM   538  C C   . GLN A 1 72  ? 7.471   5.466   9.720   1.00 45.09 ? 72   GLN A C   1 
ATOM   539  O O   . GLN A 1 72  ? 7.426   5.308   8.499   1.00 44.67 ? 72   GLN A O   1 
ATOM   540  C CB  . GLN A 1 72  ? 6.266   7.389   10.786  1.00 48.65 ? 72   GLN A CB  1 
ATOM   541  C CG  . GLN A 1 72  ? 5.289   7.670   9.657   1.00 53.04 ? 72   GLN A CG  1 
ATOM   542  C CD  . GLN A 1 72  ? 3.953   8.193   10.155  1.00 54.85 ? 72   GLN A CD  1 
ATOM   543  O OE1 . GLN A 1 72  ? 3.307   7.576   11.004  1.00 55.01 ? 72   GLN A OE1 1 
ATOM   544  N NE2 . GLN A 1 72  ? 3.528   9.334   9.619   1.00 55.69 ? 72   GLN A NE2 1 
ATOM   545  N N   . GLN A 1 73  ? 7.410   4.456   10.582  1.00 43.83 ? 73   GLN A N   1 
ATOM   546  C CA  . GLN A 1 73  ? 7.258   3.075   10.134  1.00 43.60 ? 73   GLN A CA  1 
ATOM   547  C C   . GLN A 1 73  ? 5.785   2.676   10.181  1.00 41.88 ? 73   GLN A C   1 
ATOM   548  O O   . GLN A 1 73  ? 5.034   3.157   11.030  1.00 42.40 ? 73   GLN A O   1 
ATOM   549  C CB  . GLN A 1 73  ? 8.052   2.117   11.033  1.00 45.57 ? 73   GLN A CB  1 
ATOM   550  C CG  . GLN A 1 73  ? 9.563   2.327   11.061  1.00 48.56 ? 73   GLN A CG  1 
ATOM   551  C CD  . GLN A 1 73  ? 10.281  1.223   11.835  1.00 50.46 ? 73   GLN A CD  1 
ATOM   552  O OE1 . GLN A 1 73  ? 10.295  0.065   11.417  1.00 50.60 ? 73   GLN A OE1 1 
ATOM   553  N NE2 . GLN A 1 73  ? 10.874  1.580   12.970  1.00 51.15 ? 73   GLN A NE2 1 
ATOM   554  N N   . PHE A 1 74  ? 5.375   1.796   9.272   1.00 38.95 ? 74   PHE A N   1 
ATOM   555  C CA  . PHE A 1 74  ? 3.993   1.322   9.241   1.00 36.43 ? 74   PHE A CA  1 
ATOM   556  C C   . PHE A 1 74  ? 3.958   -0.198  9.293   1.00 34.89 ? 74   PHE A C   1 
ATOM   557  O O   . PHE A 1 74  ? 4.960   -0.854  9.017   1.00 35.91 ? 74   PHE A O   1 
ATOM   558  C CB  . PHE A 1 74  ? 3.277   1.770   7.960   1.00 36.96 ? 74   PHE A CB  1 
ATOM   559  C CG  . PHE A 1 74  ? 3.192   3.255   7.795   1.00 35.98 ? 74   PHE A CG  1 
ATOM   560  C CD1 . PHE A 1 74  ? 4.284   3.983   7.330   1.00 37.25 ? 74   PHE A CD1 1 
ATOM   561  C CD2 . PHE A 1 74  ? 2.019   3.932   8.110   1.00 35.77 ? 74   PHE A CD2 1 
ATOM   562  C CE1 . PHE A 1 74  ? 4.205   5.365   7.179   1.00 36.31 ? 74   PHE A CE1 1 
ATOM   563  C CE2 . PHE A 1 74  ? 1.930   5.313   7.964   1.00 35.77 ? 74   PHE A CE2 1 
ATOM   564  C CZ  . PHE A 1 74  ? 3.026   6.029   7.497   1.00 35.68 ? 74   PHE A CZ  1 
ATOM   565  N N   . THR A 1 75  ? 2.803   -0.746  9.657   1.00 33.59 ? 75   THR A N   1 
ATOM   566  C CA  . THR A 1 75  ? 2.608   -2.193  9.701   1.00 33.47 ? 75   THR A CA  1 
ATOM   567  C C   . THR A 1 75  ? 2.222   -2.549  8.269   1.00 31.66 ? 75   THR A C   1 
ATOM   568  O O   . THR A 1 75  ? 1.241   -2.018  7.741   1.00 27.95 ? 75   THR A O   1 
ATOM   569  C CB  . THR A 1 75  ? 1.462   -2.574  10.650  1.00 35.99 ? 75   THR A CB  1 
ATOM   570  O OG1 . THR A 1 75  ? 1.756   -2.088  11.964  1.00 39.51 ? 75   THR A OG1 1 
ATOM   571  C CG2 . THR A 1 75  ? 1.290   -4.085  10.700  1.00 35.80 ? 75   THR A CG2 1 
ATOM   572  N N   . LEU A 1 76  ? 2.987   -3.448  7.650   1.00 30.14 ? 76   LEU A N   1 
ATOM   573  C CA  . LEU A 1 76  ? 2.769   -3.824  6.256   1.00 29.15 ? 76   LEU A CA  1 
ATOM   574  C C   . LEU A 1 76  ? 2.553   -5.300  5.959   1.00 30.38 ? 76   LEU A C   1 
ATOM   575  O O   . LEU A 1 76  ? 3.321   -6.146  6.411   1.00 33.20 ? 76   LEU A O   1 
ATOM   576  C CB  . LEU A 1 76  ? 3.970   -3.375  5.432   1.00 28.95 ? 76   LEU A CB  1 
ATOM   577  C CG  . LEU A 1 76  ? 4.417   -1.924  5.565   1.00 27.22 ? 76   LEU A CG  1 
ATOM   578  C CD1 . LEU A 1 76  ? 5.832   -1.796  5.024   1.00 27.77 ? 76   LEU A CD1 1 
ATOM   579  C CD2 . LEU A 1 76  ? 3.456   -1.016  4.815   1.00 25.53 ? 76   LEU A CD2 1 
ATOM   580  N N   . THR A 1 77  ? 1.516   -5.597  5.179   1.00 25.70 ? 77   THR A N   1 
ATOM   581  C CA  . THR A 1 77  ? 1.238   -6.964  4.767   1.00 24.33 ? 77   THR A CA  1 
ATOM   582  C C   . THR A 1 77  ? 1.524   -7.063  3.275   1.00 23.34 ? 77   THR A C   1 
ATOM   583  O O   . THR A 1 77  ? 0.980   -6.306  2.471   1.00 19.52 ? 77   THR A O   1 
ATOM   584  C CB  . THR A 1 77  ? -0.224  -7.356  5.006   1.00 24.08 ? 77   THR A CB  1 
ATOM   585  O OG1 . THR A 1 77  ? -0.462  -7.457  6.410   1.00 23.88 ? 77   THR A OG1 1 
ATOM   586  C CG2 . THR A 1 77  ? -0.537  -8.691  4.340   1.00 25.60 ? 77   THR A CG2 1 
ATOM   587  N N   . THR A 1 78  ? 2.394   -7.990  2.904   1.00 23.23 ? 78   THR A N   1 
ATOM   588  C CA  . THR A 1 78  ? 2.718   -8.168  1.504   1.00 21.80 ? 78   THR A CA  1 
ATOM   589  C C   . THR A 1 78  ? 2.156   -9.507  1.037   1.00 20.86 ? 78   THR A C   1 
ATOM   590  O O   . THR A 1 78  ? 2.386   -10.533 1.670   1.00 22.11 ? 78   THR A O   1 
ATOM   591  C CB  . THR A 1 78  ? 4.257   -8.124  1.287   1.00 22.66 ? 78   THR A CB  1 
ATOM   592  O OG1 . THR A 1 78  ? 4.736   -6.804  1.578   1.00 23.64 ? 78   THR A OG1 1 
ATOM   593  C CG2 . THR A 1 78  ? 4.609   -8.477  -0.148  1.00 23.65 ? 78   THR A CG2 1 
ATOM   594  N N   . CYS A 1 79  ? 1.381   -9.472  -0.043  1.00 20.23 ? 79   CYS A N   1 
ATOM   595  C CA  . CYS A 1 79  ? 0.794   -10.678 -0.627  1.00 22.06 ? 79   CYS A CA  1 
ATOM   596  C C   . CYS A 1 79  ? 1.621   -11.012 -1.865  1.00 22.08 ? 79   CYS A C   1 
ATOM   597  O O   . CYS A 1 79  ? 1.781   -10.165 -2.748  1.00 20.83 ? 79   CYS A O   1 
ATOM   598  C CB  . CYS A 1 79  ? -0.643  -10.414 -1.057  1.00 22.19 ? 79   CYS A CB  1 
ATOM   599  S SG  . CYS A 1 79  ? -1.736  -9.865  0.288   1.00 21.93 ? 79   CYS A SG  1 
ATOM   600  N N   . LYS A 1 80  ? 2.128   -12.238 -1.950  1.00 22.10 ? 80   LYS A N   1 
ATOM   601  C CA  . LYS A 1 80  ? 2.951   -12.599 -3.099  1.00 22.73 ? 80   LYS A CA  1 
ATOM   602  C C   . LYS A 1 80  ? 2.952   -14.092 -3.425  1.00 23.85 ? 80   LYS A C   1 
ATOM   603  O O   . LYS A 1 80  ? 2.304   -14.900 -2.747  1.00 21.74 ? 80   LYS A O   1 
ATOM   604  C CB  . LYS A 1 80  ? 4.391   -12.157 -2.842  1.00 24.57 ? 80   LYS A CB  1 
ATOM   605  C CG  . LYS A 1 80  ? 5.050   -12.901 -1.688  1.00 24.86 ? 80   LYS A CG  1 
ATOM   606  C CD  . LYS A 1 80  ? 6.480   -12.437 -1.494  1.00 30.21 ? 80   LYS A CD  1 
ATOM   607  C CE  . LYS A 1 80  ? 7.199   -13.275 -0.456  1.00 33.75 ? 80   LYS A CE  1 
ATOM   608  N NZ  . LYS A 1 80  ? 8.624   -12.859 -0.330  1.00 37.87 ? 80   LYS A NZ  1 
ATOM   609  N N   . ASN A 1 81  ? 3.693   -14.434 -4.476  1.00 23.79 ? 81   ASN A N   1 
ATOM   610  C CA  . ASN A 1 81  ? 3.854   -15.813 -4.927  1.00 24.65 ? 81   ASN A CA  1 
ATOM   611  C C   . ASN A 1 81  ? 2.551   -16.589 -5.074  1.00 26.16 ? 81   ASN A C   1 
ATOM   612  O O   . ASN A 1 81  ? 2.401   -17.687 -4.527  1.00 27.06 ? 81   ASN A O   1 
ATOM   613  C CB  . ASN A 1 81  ? 4.793   -16.557 -3.976  1.00 25.03 ? 81   ASN A CB  1 
ATOM   614  C CG  . ASN A 1 81  ? 6.126   -15.852 -3.819  1.00 25.75 ? 81   ASN A CG  1 
ATOM   615  O OD1 . ASN A 1 81  ? 6.443   -14.940 -4.585  1.00 30.45 ? 81   ASN A OD1 1 
ATOM   616  N ND2 . ASN A 1 81  ? 6.913   -16.268 -2.834  1.00 26.52 ? 81   ASN A ND2 1 
ATOM   617  N N   . PRO A 1 82  ? 1.594   -16.039 -5.830  1.00 26.45 ? 82   PRO A N   1 
ATOM   618  C CA  . PRO A 1 82  ? 0.326   -16.747 -5.997  1.00 26.30 ? 82   PRO A CA  1 
ATOM   619  C C   . PRO A 1 82  ? 0.459   -18.054 -6.776  1.00 29.02 ? 82   PRO A C   1 
ATOM   620  O O   . PRO A 1 82  ? 1.331   -18.207 -7.635  1.00 28.29 ? 82   PRO A O   1 
ATOM   621  C CB  . PRO A 1 82  ? -0.534  -15.730 -6.739  1.00 28.50 ? 82   PRO A CB  1 
ATOM   622  C CG  . PRO A 1 82  ? 0.483   -15.032 -7.613  1.00 28.57 ? 82   PRO A CG  1 
ATOM   623  C CD  . PRO A 1 82  ? 1.621   -14.807 -6.642  1.00 27.04 ? 82   PRO A CD  1 
ATOM   624  N N   . ILE A 1 83  ? -0.414  -18.993 -6.439  1.00 30.90 ? 83   ILE A N   1 
ATOM   625  C CA  . ILE A 1 83  ? -0.509  -20.290 -7.093  1.00 32.02 ? 83   ILE A CA  1 
ATOM   626  C C   . ILE A 1 83  ? -2.019  -20.393 -7.261  1.00 32.19 ? 83   ILE A C   1 
ATOM   627  O O   . ILE A 1 83  ? -2.737  -20.582 -6.280  1.00 32.45 ? 83   ILE A O   1 
ATOM   628  C CB  . ILE A 1 83  ? -0.044  -21.450 -6.186  1.00 33.01 ? 83   ILE A CB  1 
ATOM   629  C CG1 . ILE A 1 83  ? 1.404   -21.238 -5.734  1.00 35.46 ? 83   ILE A CG1 1 
ATOM   630  C CG2 . ILE A 1 83  ? -0.180  -22.773 -6.944  1.00 34.80 ? 83   ILE A CG2 1 
ATOM   631  C CD1 . ILE A 1 83  ? 2.421   -21.315 -6.844  1.00 37.19 ? 83   ILE A CD1 1 
ATOM   632  N N   . ARG A 1 84  ? -2.501  -20.236 -8.487  1.00 33.60 ? 84   ARG A N   1 
ATOM   633  C CA  . ARG A 1 84  ? -3.938  -20.280 -8.746  1.00 36.59 ? 84   ARG A CA  1 
ATOM   634  C C   . ARG A 1 84  ? -4.662  -19.259 -7.865  1.00 35.92 ? 84   ARG A C   1 
ATOM   635  O O   . ARG A 1 84  ? -5.712  -19.536 -7.288  1.00 35.72 ? 84   ARG A O   1 
ATOM   636  C CB  . ARG A 1 84  ? -4.482  -21.691 -8.498  1.00 39.16 ? 84   ARG A CB  1 
ATOM   637  C CG  . ARG A 1 84  ? -4.142  -22.667 -9.618  1.00 43.83 ? 84   ARG A CG  1 
ATOM   638  C CD  . ARG A 1 84  ? -4.704  -24.051 -9.344  1.00 47.02 ? 84   ARG A CD  1 
ATOM   639  N NE  . ARG A 1 84  ? -4.047  -24.687 -8.207  1.00 50.00 ? 84   ARG A NE  1 
ATOM   640  C CZ  . ARG A 1 84  ? -2.792  -25.124 -8.216  1.00 50.96 ? 84   ARG A CZ  1 
ATOM   641  N NH1 . ARG A 1 84  ? -2.049  -24.996 -9.311  1.00 49.60 ? 84   ARG A NH1 1 
ATOM   642  N NH2 . ARG A 1 84  ? -2.277  -25.688 -7.130  1.00 50.42 ? 84   ARG A NH2 1 
ATOM   643  N N   . CYS A 1 85  ? -4.065  -18.072 -7.774  1.00 36.17 ? 85   CYS A N   1 
ATOM   644  C CA  . CYS A 1 85  ? -4.590  -16.945 -7.003  1.00 33.25 ? 85   CYS A CA  1 
ATOM   645  C C   . CYS A 1 85  ? -4.652  -17.101 -5.485  1.00 31.71 ? 85   CYS A C   1 
ATOM   646  O O   . CYS A 1 85  ? -5.431  -16.423 -4.818  1.00 30.41 ? 85   CYS A O   1 
ATOM   647  C CB  . CYS A 1 85  ? -5.961  -16.536 -7.545  1.00 36.35 ? 85   CYS A CB  1 
ATOM   648  S SG  . CYS A 1 85  ? -5.948  -16.279 -9.351  1.00 38.46 ? 85   CYS A SG  1 
ATOM   649  N N   . LYS A 1 86  ? -3.835  -17.999 -4.945  1.00 29.52 ? 86   LYS A N   1 
ATOM   650  C CA  . LYS A 1 86  ? -3.738  -18.211 -3.502  1.00 30.06 ? 86   LYS A CA  1 
ATOM   651  C C   . LYS A 1 86  ? -2.315  -17.749 -3.180  1.00 29.54 ? 86   LYS A C   1 
ATOM   652  O O   . LYS A 1 86  ? -1.355  -18.160 -3.838  1.00 28.85 ? 86   LYS A O   1 
ATOM   653  C CB  . LYS A 1 86  ? -3.945  -19.684 -3.153  1.00 32.99 ? 86   LYS A CB  1 
ATOM   654  C CG  . LYS A 1 86  ? -5.372  -20.178 -3.388  1.00 37.01 ? 86   LYS A CG  1 
ATOM   655  C CD  . LYS A 1 86  ? -6.339  -19.551 -2.390  1.00 41.38 ? 86   LYS A CD  1 
ATOM   656  C CE  . LYS A 1 86  ? -7.727  -20.169 -2.484  1.00 44.43 ? 86   LYS A CE  1 
ATOM   657  N NZ  . LYS A 1 86  ? -8.420  -19.844 -3.766  1.00 48.86 ? 86   LYS A NZ  1 
ATOM   658  N N   . TYR A 1 87  ? -2.180  -16.909 -2.159  1.00 28.26 ? 87   TYR A N   1 
ATOM   659  C CA  . TYR A 1 87  ? -0.891  -16.306 -1.828  1.00 25.94 ? 87   TYR A CA  1 
ATOM   660  C C   . TYR A 1 87  ? -0.141  -16.662 -0.555  1.00 26.83 ? 87   TYR A C   1 
ATOM   661  O O   . TYR A 1 87  ? -0.698  -17.214 0.391   1.00 27.94 ? 87   TYR A O   1 
ATOM   662  C CB  . TYR A 1 87  ? -1.050  -14.786 -1.786  1.00 27.00 ? 87   TYR A CB  1 
ATOM   663  C CG  . TYR A 1 87  ? -1.628  -14.141 -3.017  1.00 24.20 ? 87   TYR A CG  1 
ATOM   664  C CD1 . TYR A 1 87  ? -2.958  -14.345 -3.386  1.00 25.64 ? 87   TYR A CD1 1 
ATOM   665  C CD2 . TYR A 1 87  ? -0.844  -13.297 -3.803  1.00 23.33 ? 87   TYR A CD2 1 
ATOM   666  C CE1 . TYR A 1 87  ? -3.492  -13.716 -4.517  1.00 25.29 ? 87   TYR A CE1 1 
ATOM   667  C CE2 . TYR A 1 87  ? -1.362  -12.671 -4.923  1.00 24.29 ? 87   TYR A CE2 1 
ATOM   668  C CZ  . TYR A 1 87  ? -2.681  -12.880 -5.277  1.00 23.98 ? 87   TYR A CZ  1 
ATOM   669  O OH  . TYR A 1 87  ? -3.175  -12.243 -6.388  1.00 26.93 ? 87   TYR A OH  1 
ATOM   670  N N   . SER A 1 88  ? 1.142   -16.289 -0.556  1.00 23.75 ? 88   SER A N   1 
ATOM   671  C CA  . SER A 1 88  ? 2.006   -16.416 0.603   1.00 24.65 ? 88   SER A CA  1 
ATOM   672  C C   . SER A 1 88  ? 1.815   -15.030 1.225   1.00 27.35 ? 88   SER A C   1 
ATOM   673  O O   . SER A 1 88  ? 1.686   -14.036 0.501   1.00 26.31 ? 88   SER A O   1 
ATOM   674  C CB  . SER A 1 88  ? 3.472   -16.607 0.203   1.00 27.32 ? 88   SER A CB  1 
ATOM   675  O OG  . SER A 1 88  ? 3.703   -17.939 -0.222  1.00 28.93 ? 88   SER A OG  1 
ATOM   676  N N   . GLN A 1 89  ? 1.792   -14.966 2.548   1.00 26.57 ? 89   GLN A N   1 
ATOM   677  C CA  . GLN A 1 89  ? 1.558   -13.713 3.253   1.00 30.24 ? 89   GLN A CA  1 
ATOM   678  C C   . GLN A 1 89  ? 2.650   -13.442 4.276   1.00 31.90 ? 89   GLN A C   1 
ATOM   679  O O   . GLN A 1 89  ? 3.036   -14.333 5.037   1.00 30.65 ? 89   GLN A O   1 
ATOM   680  C CB  . GLN A 1 89  ? 0.196   -13.794 3.956   1.00 30.85 ? 89   GLN A CB  1 
ATOM   681  C CG  . GLN A 1 89  ? -0.220  -12.585 4.772   1.00 33.42 ? 89   GLN A CG  1 
ATOM   682  C CD  . GLN A 1 89  ? -1.680  -12.667 5.220   1.00 33.72 ? 89   GLN A CD  1 
ATOM   683  O OE1 . GLN A 1 89  ? -2.506  -13.297 4.558   1.00 30.93 ? 89   GLN A OE1 1 
ATOM   684  N NE2 . GLN A 1 89  ? -2.004  -12.008 6.327   1.00 31.81 ? 89   GLN A NE2 1 
ATOM   685  N N   . SER A 1 90  ? 3.143   -12.208 4.289   1.00 29.93 ? 90   SER A N   1 
ATOM   686  C CA  . SER A 1 90  ? 4.175   -11.819 5.238   1.00 31.19 ? 90   SER A CA  1 
ATOM   687  C C   . SER A 1 90  ? 3.850   -10.432 5.771   1.00 30.26 ? 90   SER A C   1 
ATOM   688  O O   . SER A 1 90  ? 3.320   -9.588  5.055   1.00 30.81 ? 90   SER A O   1 
ATOM   689  C CB  . SER A 1 90  ? 5.552   -11.809 4.570   1.00 29.99 ? 90   SER A CB  1 
ATOM   690  O OG  . SER A 1 90  ? 5.684   -10.716 3.692   1.00 35.39 ? 90   SER A OG  1 
ATOM   691  N N   . ASN A 1 91  ? 4.159   -10.213 7.037   1.00 30.79 ? 91   ASN A N   1 
ATOM   692  C CA  A ASN A 1 91  ? 3.905   -8.932  7.677   0.50 31.24 ? 91   ASN A CA  1 
ATOM   693  C CA  B ASN A 1 91  ? 3.898   -8.932  7.669   0.50 31.45 ? 91   ASN A CA  1 
ATOM   694  C C   . ASN A 1 91  ? 5.175   -8.405  8.317   1.00 32.88 ? 91   ASN A C   1 
ATOM   695  O O   . ASN A 1 91  ? 5.893   -9.145  8.995   1.00 29.40 ? 91   ASN A O   1 
ATOM   696  C CB  A ASN A 1 91  ? 2.831   -9.078  8.750   0.50 33.36 ? 91   ASN A CB  1 
ATOM   697  C CB  B ASN A 1 91  ? 2.794   -9.082  8.721   0.50 33.79 ? 91   ASN A CB  1 
ATOM   698  C CG  A ASN A 1 91  ? 2.877   -7.958  9.766   0.50 33.43 ? 91   ASN A CG  1 
ATOM   699  C CG  B ASN A 1 91  ? 2.269   -10.510 8.829   0.50 34.79 ? 91   ASN A CG  1 
ATOM   700  O OD1 A ASN A 1 91  ? 2.644   -6.795  9.441   0.50 35.09 ? 91   ASN A OD1 1 
ATOM   701  O OD1 B ASN A 1 91  ? 1.559   -11.007 7.945   0.50 32.12 ? 91   ASN A OD1 1 
ATOM   702  N ND2 A ASN A 1 91  ? 3.187   -8.304  11.007  0.50 33.15 ? 91   ASN A ND2 1 
ATOM   703  N ND2 B ASN A 1 91  ? 2.624   -11.180 9.919   0.50 36.98 ? 91   ASN A ND2 1 
ATOM   704  N N   . THR A 1 92  ? 5.444   -7.124  8.105   1.00 32.77 ? 92   THR A N   1 
ATOM   705  C CA  . THR A 1 92  ? 6.625   -6.490  8.662   1.00 35.28 ? 92   THR A CA  1 
ATOM   706  C C   . THR A 1 92  ? 6.292   -5.053  9.016   1.00 36.33 ? 92   THR A C   1 
ATOM   707  O O   . THR A 1 92  ? 5.270   -4.515  8.588   1.00 36.52 ? 92   THR A O   1 
ATOM   708  C CB  . THR A 1 92  ? 7.781   -6.453  7.645   1.00 37.06 ? 92   THR A CB  1 
ATOM   709  O OG1 . THR A 1 92  ? 7.437   -5.563  6.574   1.00 37.53 ? 92   THR A OG1 1 
ATOM   710  C CG2 . THR A 1 92  ? 8.050   -7.845  7.072   1.00 37.39 ? 92   THR A CG2 1 
ATOM   711  N N   . THR A 1 93  ? 7.149   -4.441  9.818   1.00 38.24 ? 93   THR A N   1 
ATOM   712  C CA  . THR A 1 93  ? 6.983   -3.044  10.187  1.00 38.94 ? 93   THR A CA  1 
ATOM   713  C C   . THR A 1 93  ? 8.215   -2.429  9.555   1.00 38.76 ? 93   THR A C   1 
ATOM   714  O O   . THR A 1 93  ? 9.328   -2.940  9.719   1.00 38.37 ? 93   THR A O   1 
ATOM   715  C CB  . THR A 1 93  ? 7.024   -2.832  11.705  1.00 40.61 ? 93   THR A CB  1 
ATOM   716  O OG1 . THR A 1 93  ? 8.291   -3.267  12.211  1.00 45.77 ? 93   THR A OG1 1 
ATOM   717  C CG2 . THR A 1 93  ? 5.906   -3.609  12.379  1.00 38.92 ? 93   THR A CG2 1 
ATOM   718  N N   . ASN A 1 94  ? 8.028   -1.349  8.813   1.00 37.31 ? 94   ASN A N   1 
ATOM   719  C CA  . ASN A 1 94  ? 9.156   -0.729  8.142   1.00 37.53 ? 94   ASN A CA  1 
ATOM   720  C C   . ASN A 1 94  ? 8.691   0.590   7.560   1.00 37.35 ? 94   ASN A C   1 
ATOM   721  O O   . ASN A 1 94  ? 7.510   0.938   7.649   1.00 37.47 ? 94   ASN A O   1 
ATOM   722  C CB  . ASN A 1 94  ? 9.625   -1.644  7.006   1.00 38.26 ? 94   ASN A CB  1 
ATOM   723  C CG  . ASN A 1 94  ? 11.060  -1.382  6.590   1.00 39.06 ? 94   ASN A CG  1 
ATOM   724  O OD1 . ASN A 1 94  ? 11.635  -0.339  6.902   1.00 40.81 ? 94   ASN A OD1 1 
ATOM   725  N ND2 . ASN A 1 94  ? 11.644  -2.334  5.870   1.00 39.33 ? 94   ASN A ND2 1 
ATOM   726  N N   . PHE A 1 95  ? 9.624   1.329   6.975   1.00 36.10 ? 95   PHE A N   1 
ATOM   727  C CA  . PHE A 1 95  ? 9.285   2.590   6.345   1.00 35.62 ? 95   PHE A CA  1 
ATOM   728  C C   . PHE A 1 95  ? 8.831   2.161   4.959   1.00 34.73 ? 95   PHE A C   1 
ATOM   729  O O   . PHE A 1 95  ? 8.965   0.988   4.593   1.00 32.37 ? 95   PHE A O   1 
ATOM   730  C CB  . PHE A 1 95  ? 10.515  3.496   6.207   1.00 39.37 ? 95   PHE A CB  1 
ATOM   731  C CG  . PHE A 1 95  ? 11.322  3.633   7.465   1.00 43.10 ? 95   PHE A CG  1 
ATOM   732  C CD1 . PHE A 1 95  ? 12.217  2.635   7.846   1.00 45.14 ? 95   PHE A CD1 1 
ATOM   733  C CD2 . PHE A 1 95  ? 11.189  4.761   8.271   1.00 44.15 ? 95   PHE A CD2 1 
ATOM   734  C CE1 . PHE A 1 95  ? 12.968  2.759   9.015   1.00 45.96 ? 95   PHE A CE1 1 
ATOM   735  C CE2 . PHE A 1 95  ? 11.932  4.894   9.440   1.00 44.73 ? 95   PHE A CE2 1 
ATOM   736  C CZ  . PHE A 1 95  ? 12.826  3.891   9.812   1.00 45.94 ? 95   PHE A CZ  1 
ATOM   737  N N   . ILE A 1 96  ? 8.288   3.095   4.191   1.00 30.28 ? 96   ILE A N   1 
ATOM   738  C CA  . ILE A 1 96  ? 7.864   2.773   2.842   1.00 29.66 ? 96   ILE A CA  1 
ATOM   739  C C   . ILE A 1 96  ? 8.348   3.854   1.901   1.00 29.49 ? 96   ILE A C   1 
ATOM   740  O O   . ILE A 1 96  ? 8.632   4.978   2.316   1.00 29.50 ? 96   ILE A O   1 
ATOM   741  C CB  . ILE A 1 96  ? 6.324   2.636   2.724   1.00 28.65 ? 96   ILE A CB  1 
ATOM   742  C CG1 . ILE A 1 96  ? 5.637   3.948   3.122   1.00 29.73 ? 96   ILE A CG1 1 
ATOM   743  C CG2 . ILE A 1 96  ? 5.850   1.480   3.592   1.00 27.08 ? 96   ILE A CG2 1 
ATOM   744  C CD1 . ILE A 1 96  ? 4.116   3.927   2.952   1.00 29.01 ? 96   ILE A CD1 1 
ATOM   745  N N   . CYS A 1 97  ? 8.467   3.491   0.633   1.00 27.98 ? 97   CYS A N   1 
ATOM   746  C CA  . CYS A 1 97  ? 8.911   4.406   -0.398  1.00 27.63 ? 97   CYS A CA  1 
ATOM   747  C C   . CYS A 1 97  ? 7.759   4.534   -1.378  1.00 27.64 ? 97   CYS A C   1 
ATOM   748  O O   . CYS A 1 97  ? 7.300   3.538   -1.945  1.00 26.19 ? 97   CYS A O   1 
ATOM   749  C CB  . CYS A 1 97  ? 10.153  3.855   -1.113  1.00 28.20 ? 97   CYS A CB  1 
ATOM   750  S SG  . CYS A 1 97  ? 10.642  4.879   -2.538  1.00 31.27 ? 97   CYS A SG  1 
ATOM   751  N N   . ILE A 1 98  ? 7.284   5.760   -1.565  1.00 26.62 ? 98   ILE A N   1 
ATOM   752  C CA  . ILE A 1 98  ? 6.165   6.001   -2.465  1.00 27.24 ? 98   ILE A CA  1 
ATOM   753  C C   . ILE A 1 98  ? 6.461   7.143   -3.421  1.00 28.05 ? 98   ILE A C   1 
ATOM   754  O O   . ILE A 1 98  ? 7.396   7.921   -3.212  1.00 29.95 ? 98   ILE A O   1 
ATOM   755  C CB  . ILE A 1 98  ? 4.880   6.376   -1.676  1.00 27.03 ? 98   ILE A CB  1 
ATOM   756  C CG1 . ILE A 1 98  ? 5.098   7.691   -0.927  1.00 26.54 ? 98   ILE A CG1 1 
ATOM   757  C CG2 . ILE A 1 98  ? 4.518   5.274   -0.695  1.00 26.95 ? 98   ILE A CG2 1 
ATOM   758  C CD1 . ILE A 1 98  ? 3.881   8.173   -0.160  1.00 29.22 ? 98   ILE A CD1 1 
ATOM   759  N N   . THR A 1 99  ? 5.670   7.233   -4.480  1.00 27.11 ? 99   THR A N   1 
ATOM   760  C CA  . THR A 1 99  ? 5.826   8.324   -5.431  1.00 28.48 ? 99   THR A CA  1 
ATOM   761  C C   . THR A 1 99  ? 4.718   9.289   -5.059  1.00 28.47 ? 99   THR A C   1 
ATOM   762  O O   . THR A 1 99  ? 3.579   8.875   -4.842  1.00 26.03 ? 99   THR A O   1 
ATOM   763  C CB  . THR A 1 99  ? 5.598   7.887   -6.888  1.00 28.62 ? 99   THR A CB  1 
ATOM   764  O OG1 . THR A 1 99  ? 6.468   6.797   -7.207  1.00 29.85 ? 99   THR A OG1 1 
ATOM   765  C CG2 . THR A 1 99  ? 5.878   9.049   -7.837  1.00 28.71 ? 99   THR A CG2 1 
ATOM   766  N N   . CYS A 1 100 ? 5.065   10.566  -4.964  1.00 28.65 ? 100  CYS A N   1 
ATOM   767  C CA  . CYS A 1 100 ? 4.102   11.604  -4.631  1.00 28.88 ? 100  CYS A CA  1 
ATOM   768  C C   . CYS A 1 100 ? 3.853   12.446  -5.866  1.00 29.45 ? 100  CYS A C   1 
ATOM   769  O O   . CYS A 1 100 ? 4.726   12.565  -6.729  1.00 30.33 ? 100  CYS A O   1 
ATOM   770  C CB  . CYS A 1 100 ? 4.657   12.548  -3.563  1.00 27.90 ? 100  CYS A CB  1 
ATOM   771  S SG  . CYS A 1 100 ? 5.008   11.870  -1.917  1.00 28.72 ? 100  CYS A SG  1 
ATOM   772  N N   . ARG A 1 101 ? 2.654   13.011  -5.945  1.00 27.26 ? 101  ARG A N   1 
ATOM   773  C CA  . ARG A 1 101 ? 2.291   13.931  -7.016  1.00 30.03 ? 101  ARG A CA  1 
ATOM   774  C C   . ARG A 1 101 ? 1.940   15.102  -6.112  1.00 30.76 ? 101  ARG A C   1 
ATOM   775  O O   . ARG A 1 101 ? 0.819   15.197  -5.613  1.00 30.41 ? 101  ARG A O   1 
ATOM   776  C CB  . ARG A 1 101 ? 1.060   13.453  -7.786  1.00 30.45 ? 101  ARG A CB  1 
ATOM   777  C CG  . ARG A 1 101 ? 0.795   14.229  -9.087  1.00 35.30 ? 101  ARG A CG  1 
ATOM   778  C CD  . ARG A 1 101 ? 0.243   15.622  -8.823  1.00 38.03 ? 101  ARG A CD  1 
ATOM   779  N NE  . ARG A 1 101 ? -1.115  15.574  -8.282  1.00 40.22 ? 101  ARG A NE  1 
ATOM   780  C CZ  . ARG A 1 101 ? -1.769  16.627  -7.797  1.00 42.37 ? 101  ARG A CZ  1 
ATOM   781  N NH1 . ARG A 1 101 ? -1.192  17.821  -7.781  1.00 41.68 ? 101  ARG A NH1 1 
ATOM   782  N NH2 . ARG A 1 101 ? -3.002  16.484  -7.325  1.00 42.97 ? 101  ARG A NH2 1 
ATOM   783  N N   . ASP A 1 102 ? 2.927   15.957  -5.860  1.00 30.73 ? 102  ASP A N   1 
ATOM   784  C CA  . ASP A 1 102 ? 2.752   17.078  -4.951  1.00 30.40 ? 102  ASP A CA  1 
ATOM   785  C C   . ASP A 1 102 ? 2.381   16.510  -3.569  1.00 31.57 ? 102  ASP A C   1 
ATOM   786  O O   . ASP A 1 102 ? 3.145   15.723  -3.001  1.00 31.28 ? 102  ASP A O   1 
ATOM   787  C CB  . ASP A 1 102 ? 1.670   18.038  -5.467  1.00 32.35 ? 102  ASP A CB  1 
ATOM   788  C CG  . ASP A 1 102 ? 2.087   18.756  -6.750  1.00 33.25 ? 102  ASP A CG  1 
ATOM   789  O OD1 . ASP A 1 102 ? 3.188   19.346  -6.777  1.00 35.67 ? 102  ASP A OD1 1 
ATOM   790  O OD2 . ASP A 1 102 ? 1.316   18.732  -7.729  1.00 34.81 ? 102  ASP A OD2 1 
ATOM   791  N N   . ASN A 1 103 ? 1.214   16.870  -3.037  1.00 28.23 ? 103  ASN A N   1 
ATOM   792  C CA  . ASN A 1 103 ? 0.817   16.401  -1.708  1.00 28.10 ? 103  ASN A CA  1 
ATOM   793  C C   . ASN A 1 103 ? 0.072   15.062  -1.649  1.00 27.10 ? 103  ASN A C   1 
ATOM   794  O O   . ASN A 1 103 ? -0.347  14.630  -0.572  1.00 27.05 ? 103  ASN A O   1 
ATOM   795  C CB  . ASN A 1 103 ? -0.020  17.484  -1.011  1.00 28.69 ? 103  ASN A CB  1 
ATOM   796  C CG  . ASN A 1 103 ? -1.298  17.830  -1.774  1.00 30.52 ? 103  ASN A CG  1 
ATOM   797  O OD1 . ASN A 1 103 ? -1.297  17.959  -3.006  1.00 28.88 ? 103  ASN A OD1 1 
ATOM   798  N ND2 . ASN A 1 103 ? -2.392  18.003  -1.037  1.00 30.14 ? 103  ASN A ND2 1 
ATOM   799  N N   . TYR A 1 104 ? -0.071  14.395  -2.791  1.00 27.28 ? 104  TYR A N   1 
ATOM   800  C CA  . TYR A 1 104 ? -0.788  13.117  -2.844  1.00 26.37 ? 104  TYR A CA  1 
ATOM   801  C C   . TYR A 1 104 ? 0.022   11.860  -3.180  1.00 25.14 ? 104  TYR A C   1 
ATOM   802  O O   . TYR A 1 104 ? 0.763   11.835  -4.155  1.00 24.94 ? 104  TYR A O   1 
ATOM   803  C CB  . TYR A 1 104 ? -1.925  13.196  -3.868  1.00 27.23 ? 104  TYR A CB  1 
ATOM   804  C CG  . TYR A 1 104 ? -3.073  14.083  -3.467  1.00 28.91 ? 104  TYR A CG  1 
ATOM   805  C CD1 . TYR A 1 104 ? -3.227  15.358  -4.016  1.00 29.87 ? 104  TYR A CD1 1 
ATOM   806  C CD2 . TYR A 1 104 ? -4.004  13.651  -2.527  1.00 28.92 ? 104  TYR A CD2 1 
ATOM   807  C CE1 . TYR A 1 104 ? -4.289  16.180  -3.629  1.00 29.72 ? 104  TYR A CE1 1 
ATOM   808  C CE2 . TYR A 1 104 ? -5.060  14.460  -2.136  1.00 29.44 ? 104  TYR A CE2 1 
ATOM   809  C CZ  . TYR A 1 104 ? -5.196  15.719  -2.688  1.00 29.74 ? 104  TYR A CZ  1 
ATOM   810  O OH  . TYR A 1 104 ? -6.241  16.509  -2.276  1.00 30.81 ? 104  TYR A OH  1 
ATOM   811  N N   . PRO A 1 105 ? -0.107  10.805  -2.360  1.00 24.24 ? 105  PRO A N   1 
ATOM   812  C CA  . PRO A 1 105 ? 0.633   9.574   -2.670  1.00 23.03 ? 105  PRO A CA  1 
ATOM   813  C C   . PRO A 1 105 ? -0.038  9.014   -3.926  1.00 21.62 ? 105  PRO A C   1 
ATOM   814  O O   . PRO A 1 105 ? -1.269  8.965   -3.995  1.00 22.44 ? 105  PRO A O   1 
ATOM   815  C CB  . PRO A 1 105 ? 0.361   8.692   -1.452  1.00 22.86 ? 105  PRO A CB  1 
ATOM   816  C CG  . PRO A 1 105 ? 0.215   9.684   -0.336  1.00 24.46 ? 105  PRO A CG  1 
ATOM   817  C CD  . PRO A 1 105 ? -0.619  10.781  -0.976  1.00 21.77 ? 105  PRO A CD  1 
ATOM   818  N N   . VAL A 1 106 ? 0.738   8.611   -4.928  1.00 22.05 ? 106  VAL A N   1 
ATOM   819  C CA  . VAL A 1 106 ? 0.140   8.071   -6.141  1.00 23.25 ? 106  VAL A CA  1 
ATOM   820  C C   . VAL A 1 106 ? 0.648   6.687   -6.535  1.00 25.10 ? 106  VAL A C   1 
ATOM   821  O O   . VAL A 1 106 ? 0.005   5.990   -7.315  1.00 24.96 ? 106  VAL A O   1 
ATOM   822  C CB  . VAL A 1 106 ? 0.319   9.043   -7.357  1.00 26.22 ? 106  VAL A CB  1 
ATOM   823  C CG1 . VAL A 1 106 ? -0.337  10.383  -7.045  1.00 23.97 ? 106  VAL A CG1 1 
ATOM   824  C CG2 . VAL A 1 106 ? 1.792   9.245   -7.681  1.00 24.52 ? 106  VAL A CG2 1 
ATOM   825  N N   . HIS A 1 107 ? 1.786   6.273   -5.994  1.00 24.44 ? 107  HIS A N   1 
ATOM   826  C CA  . HIS A 1 107 ? 2.312   4.959   -6.359  1.00 25.06 ? 107  HIS A CA  1 
ATOM   827  C C   . HIS A 1 107 ? 3.156   4.357   -5.252  1.00 24.69 ? 107  HIS A C   1 
ATOM   828  O O   . HIS A 1 107 ? 3.945   5.049   -4.611  1.00 23.90 ? 107  HIS A O   1 
ATOM   829  C CB  . HIS A 1 107 ? 3.147   5.073   -7.645  1.00 27.64 ? 107  HIS A CB  1 
ATOM   830  C CG  . HIS A 1 107 ? 3.654   3.760   -8.162  1.00 29.80 ? 107  HIS A CG  1 
ATOM   831  N ND1 . HIS A 1 107 ? 2.820   2.780   -8.659  1.00 30.03 ? 107  HIS A ND1 1 
ATOM   832  C CD2 . HIS A 1 107 ? 4.913   3.264   -8.252  1.00 29.56 ? 107  HIS A CD2 1 
ATOM   833  C CE1 . HIS A 1 107 ? 3.542   1.738   -9.033  1.00 32.14 ? 107  HIS A CE1 1 
ATOM   834  N NE2 . HIS A 1 107 ? 4.816   2.006   -8.797  1.00 30.78 ? 107  HIS A NE2 1 
ATOM   835  N N   . PHE A 1 108 ? 2.986   3.059   -5.021  1.00 24.05 ? 108  PHE A N   1 
ATOM   836  C CA  . PHE A 1 108 ? 3.777   2.386   -4.002  1.00 23.38 ? 108  PHE A CA  1 
ATOM   837  C C   . PHE A 1 108 ? 5.001   1.805   -4.702  1.00 24.74 ? 108  PHE A C   1 
ATOM   838  O O   . PHE A 1 108 ? 4.871   0.976   -5.598  1.00 26.02 ? 108  PHE A O   1 
ATOM   839  C CB  . PHE A 1 108 ? 2.974   1.271   -3.337  1.00 23.66 ? 108  PHE A CB  1 
ATOM   840  C CG  . PHE A 1 108 ? 3.689   0.618   -2.196  1.00 23.51 ? 108  PHE A CG  1 
ATOM   841  C CD1 . PHE A 1 108 ? 4.604   -0.408  -2.422  1.00 25.20 ? 108  PHE A CD1 1 
ATOM   842  C CD2 . PHE A 1 108 ? 3.476   1.048   -0.895  1.00 24.61 ? 108  PHE A CD2 1 
ATOM   843  C CE1 . PHE A 1 108 ? 5.294   -0.993  -1.365  1.00 23.96 ? 108  PHE A CE1 1 
ATOM   844  C CE2 . PHE A 1 108 ? 4.166   0.469   0.173   1.00 26.37 ? 108  PHE A CE2 1 
ATOM   845  C CZ  . PHE A 1 108 ? 5.075   -0.550  -0.066  1.00 23.80 ? 108  PHE A CZ  1 
ATOM   846  N N   . VAL A 1 109 ? 6.182   2.262   -4.300  1.00 25.26 ? 109  VAL A N   1 
ATOM   847  C CA  . VAL A 1 109 ? 7.433   1.812   -4.909  1.00 26.05 ? 109  VAL A CA  1 
ATOM   848  C C   . VAL A 1 109 ? 8.009   0.566   -4.238  1.00 26.71 ? 109  VAL A C   1 
ATOM   849  O O   . VAL A 1 109 ? 8.239   -0.454  -4.892  1.00 26.03 ? 109  VAL A O   1 
ATOM   850  C CB  . VAL A 1 109 ? 8.496   2.944   -4.867  1.00 28.81 ? 109  VAL A CB  1 
ATOM   851  C CG1 . VAL A 1 109 ? 9.802   2.482   -5.531  1.00 28.44 ? 109  VAL A CG1 1 
ATOM   852  C CG2 . VAL A 1 109 ? 7.956   4.187   -5.567  1.00 27.48 ? 109  VAL A CG2 1 
ATOM   853  N N   . LYS A 1 110 ? 8.248   0.650   -2.936  1.00 26.16 ? 110  LYS A N   1 
ATOM   854  C CA  . LYS A 1 110 ? 8.800   -0.486  -2.206  1.00 28.50 ? 110  LYS A CA  1 
ATOM   855  C C   . LYS A 1 110 ? 8.696   -0.295  -0.706  1.00 27.65 ? 110  LYS A C   1 
ATOM   856  O O   . LYS A 1 110 ? 8.426   0.804   -0.225  1.00 27.21 ? 110  LYS A O   1 
ATOM   857  C CB  . LYS A 1 110 ? 10.275  -0.680  -2.564  1.00 29.23 ? 110  LYS A CB  1 
ATOM   858  C CG  . LYS A 1 110 ? 11.154  0.497   -2.162  1.00 29.91 ? 110  LYS A CG  1 
ATOM   859  C CD  . LYS A 1 110 ? 12.627  0.269   -2.488  1.00 33.19 ? 110  LYS A CD  1 
ATOM   860  C CE  . LYS A 1 110 ? 13.269  -0.742  -1.547  1.00 34.98 ? 110  LYS A CE  1 
ATOM   861  N NZ  . LYS A 1 110 ? 14.745  -0.837  -1.757  1.00 40.69 ? 110  LYS A NZ  1 
ATOM   862  N N   . THR A 1 111 ? 8.913   -1.383  0.025   1.00 29.41 ? 111  THR A N   1 
ATOM   863  C CA  . THR A 1 111 ? 8.895   -1.353  1.478   1.00 30.83 ? 111  THR A CA  1 
ATOM   864  C C   . THR A 1 111 ? 10.296  -0.884  1.884   1.00 32.25 ? 111  THR A C   1 
ATOM   865  O O   . THR A 1 111 ? 11.280  -1.229  1.230   1.00 31.76 ? 111  THR A O   1 
ATOM   866  C CB  . THR A 1 111 ? 8.612   -2.761  2.063   1.00 32.49 ? 111  THR A CB  1 
ATOM   867  O OG1 . THR A 1 111 ? 7.265   -3.149  1.750   1.00 31.01 ? 111  THR A OG1 1 
ATOM   868  C CG2 . THR A 1 111 ? 8.791   -2.761  3.561   1.00 33.08 ? 111  THR A CG2 1 
ATOM   869  N N   . GLY A 1 112 ? 10.378  -0.094  2.949   1.00 33.28 ? 112  GLY A N   1 
ATOM   870  C CA  . GLY A 1 112 ? 11.660  0.427   3.397   1.00 35.25 ? 112  GLY A CA  1 
ATOM   871  C C   . GLY A 1 112 ? 11.957  1.777   2.754   1.00 36.36 ? 112  GLY A C   1 
ATOM   872  O O   . GLY A 1 112 ? 11.158  2.288   1.964   1.00 34.38 ? 112  GLY A O   1 
ATOM   873  N N   . LYS A 1 113 ? 13.104  2.356   3.099   1.00 37.01 ? 113  LYS A N   1 
ATOM   874  C CA  . LYS A 1 113 ? 13.530  3.643   2.551   1.00 38.45 ? 113  LYS A CA  1 
ATOM   875  C C   . LYS A 1 113 ? 13.757  3.524   1.050   1.00 38.18 ? 113  LYS A C   1 
ATOM   876  O O   . LYS A 1 113 ? 14.133  2.457   0.559   1.00 37.81 ? 113  LYS A O   1 
ATOM   877  C CB  . LYS A 1 113 ? 14.841  4.086   3.206   1.00 39.70 ? 113  LYS A CB  1 
ATOM   878  C CG  . LYS A 1 113 ? 14.762  4.319   4.699   1.00 40.45 ? 113  LYS A CG  1 
ATOM   879  C CD  . LYS A 1 113 ? 14.017  5.600   5.001   1.00 40.18 ? 113  LYS A CD  1 
ATOM   880  C CE  . LYS A 1 113 ? 14.056  5.922   6.478   1.00 39.32 ? 113  LYS A CE  1 
ATOM   881  N NZ  . LYS A 1 113 ? 13.288  7.160   6.762   1.00 38.79 ? 113  LYS A NZ  1 
ATOM   882  N N   . CYS A 1 114 ? 13.537  4.615   0.321   1.00 36.84 ? 114  CYS A N   1 
ATOM   883  C CA  . CYS A 1 114 ? 13.740  4.599   -1.123  1.00 38.23 ? 114  CYS A CA  1 
ATOM   884  C C   . CYS A 1 114 ? 15.204  4.307   -1.437  1.00 39.38 ? 114  CYS A C   1 
ATOM   885  O O   . CYS A 1 114 ? 16.054  4.563   -0.560  1.00 40.44 ? 114  CYS A O   1 
ATOM   886  C CB  . CYS A 1 114 ? 13.371  5.950   -1.743  1.00 37.50 ? 114  CYS A CB  1 
ATOM   887  S SG  . CYS A 1 114 ? 11.615  6.433   -1.670  1.00 36.07 ? 114  CYS A SG  1 
ATOM   888  O OXT . CYS A 1 114 ? 15.482  3.854   -2.566  1.00 41.51 ? 114  CYS A OXT 1 
HETATM 889  C C1  . NAG B 2 .   ? -4.171  -18.298 1.360   1.00 32.30 ? 1    NAG B C1  1 
HETATM 890  C C2  . NAG B 2 .   ? -4.148  -18.631 2.857   1.00 33.20 ? 1    NAG B C2  1 
HETATM 891  C C3  . NAG B 2 .   ? -2.811  -19.283 3.218   1.00 34.81 ? 1    NAG B C3  1 
HETATM 892  C C4  . NAG B 2 .   ? -2.610  -20.519 2.344   1.00 34.33 ? 1    NAG B C4  1 
HETATM 893  C C5  . NAG B 2 .   ? -2.643  -20.090 0.871   1.00 33.55 ? 1    NAG B C5  1 
HETATM 894  C C6  . NAG B 2 .   ? -2.451  -21.246 -0.104  1.00 33.30 ? 1    NAG B C6  1 
HETATM 895  C C7  . NAG B 2 .   ? -5.068  -17.442 4.743   1.00 34.95 ? 1    NAG B C7  1 
HETATM 896  C C8  . NAG B 2 .   ? -5.188  -16.137 5.513   1.00 37.98 ? 1    NAG B C8  1 
HETATM 897  N N2  . NAG B 2 .   ? -4.337  -17.420 3.633   1.00 36.29 ? 1    NAG B N2  1 
HETATM 898  O O3  . NAG B 2 .   ? -2.799  -19.645 4.591   1.00 33.89 ? 1    NAG B O3  1 
HETATM 899  O O4  . NAG B 2 .   ? -1.350  -21.142 2.659   1.00 38.85 ? 1    NAG B O4  1 
HETATM 900  O O5  . NAG B 2 .   ? -3.917  -19.475 0.569   1.00 31.87 ? 1    NAG B O5  1 
HETATM 901  O O6  . NAG B 2 .   ? -3.495  -22.199 0.018   1.00 35.93 ? 1    NAG B O6  1 
HETATM 902  O O7  . NAG B 2 .   ? -5.631  -18.455 5.159   1.00 37.48 ? 1    NAG B O7  1 
HETATM 903  C C1  . NAG B 2 .   ? -1.350  -22.529 2.735   1.00 42.87 ? 2    NAG B C1  1 
HETATM 904  C C2  . NAG B 2 .   ? 0.092   -23.031 2.815   1.00 44.79 ? 2    NAG B C2  1 
HETATM 905  C C3  . NAG B 2 .   ? 0.118   -24.546 3.012   1.00 46.45 ? 2    NAG B C3  1 
HETATM 906  C C4  . NAG B 2 .   ? -0.740  -24.943 4.214   1.00 47.03 ? 2    NAG B C4  1 
HETATM 907  C C5  . NAG B 2 .   ? -2.145  -24.360 4.064   1.00 47.43 ? 2    NAG B C5  1 
HETATM 908  C C6  . NAG B 2 .   ? -3.028  -24.647 5.260   1.00 48.35 ? 2    NAG B C6  1 
HETATM 909  C C7  . NAG B 2 .   ? 1.577   -21.604 1.581   1.00 45.53 ? 2    NAG B C7  1 
HETATM 910  C C8  . NAG B 2 .   ? 2.126   -21.169 0.231   1.00 46.01 ? 2    NAG B C8  1 
HETATM 911  N N2  . NAG B 2 .   ? 0.802   -22.681 1.601   1.00 44.80 ? 2    NAG B N2  1 
HETATM 912  O O3  . NAG B 2 .   ? 1.456   -24.973 3.215   1.00 48.97 ? 2    NAG B O3  1 
HETATM 913  O O4  . NAG B 2 .   ? -0.814  -26.360 4.303   1.00 50.56 ? 2    NAG B O4  1 
HETATM 914  O O5  . NAG B 2 .   ? -2.074  -22.922 3.913   1.00 44.19 ? 2    NAG B O5  1 
HETATM 915  O O6  . NAG B 2 .   ? -4.349  -24.168 5.051   1.00 49.80 ? 2    NAG B O6  1 
HETATM 916  O O7  . NAG B 2 .   ? 1.855   -20.964 2.596   1.00 45.08 ? 2    NAG B O7  1 
HETATM 917  C C   . ACT C 3 .   ? 7.601   -4.706  -1.489  1.00 51.63 ? 505  ACT A C   1 
HETATM 918  O O   . ACT C 3 .   ? 8.628   -3.994  -1.397  1.00 49.74 ? 505  ACT A O   1 
HETATM 919  O OXT . ACT C 3 .   ? 6.366   -4.333  -1.764  1.00 53.48 ? 505  ACT A OXT 1 
HETATM 920  C CH3 . ACT C 3 .   ? 7.795   -6.195  -1.258  1.00 51.09 ? 505  ACT A CH3 1 
HETATM 921  C C   . ACT D 3 .   ? -0.177  2.330   -7.344  1.00 50.06 ? 506  ACT A C   1 
HETATM 922  O O   . ACT D 3 .   ? -0.037  2.323   -8.586  1.00 51.03 ? 506  ACT A O   1 
HETATM 923  O OXT . ACT D 3 .   ? 0.694   1.973   -6.419  1.00 48.66 ? 506  ACT A OXT 1 
HETATM 924  C CH3 . ACT D 3 .   ? -1.526  2.810   -6.830  1.00 49.56 ? 506  ACT A CH3 1 
HETATM 925  C C1  . GOL E 4 .   ? 3.079   -2.334  -4.976  1.00 47.58 ? 600  GOL A C1  1 
HETATM 926  O O1  . GOL E 4 .   ? 2.698   -3.169  -3.886  1.00 39.42 ? 600  GOL A O1  1 
HETATM 927  C C2  . GOL E 4 .   ? 1.964   -2.265  -6.021  1.00 50.28 ? 600  GOL A C2  1 
HETATM 928  O O2  . GOL E 4 .   ? 1.601   -3.548  -6.539  1.00 49.29 ? 600  GOL A O2  1 
HETATM 929  C C3  . GOL E 4 .   ? 2.396   -1.353  -7.171  1.00 51.28 ? 600  GOL A C3  1 
HETATM 930  O O3  . GOL E 4 .   ? 1.331   -1.292  -8.124  1.00 55.13 ? 600  GOL A O3  1 
HETATM 931  O O   . HOH F 5 .   ? 4.754   -12.703 -6.607  1.00 23.78 ? 2001 HOH A O   1 
HETATM 932  O O   . HOH F 5 .   ? -5.328  -1.112  9.574   1.00 26.98 ? 2004 HOH A O   1 
HETATM 933  O O   . HOH F 5 .   ? -4.710  -8.459  -7.257  1.00 28.79 ? 2006 HOH A O   1 
HETATM 934  O O   . HOH F 5 .   ? -5.101  -4.649  -8.663  1.00 31.39 ? 2007 HOH A O   1 
HETATM 935  O O   . HOH F 5 .   ? 2.762   -19.134 -2.317  1.00 31.24 ? 2009 HOH A O   1 
HETATM 936  O O   . HOH F 5 .   ? -15.324 -5.925  0.563   1.00 35.04 ? 2010 HOH A O   1 
HETATM 937  O O   . HOH F 5 .   ? -7.802  -18.188 2.521   1.00 29.02 ? 2012 HOH A O   1 
HETATM 938  O O   . HOH F 5 .   ? -11.258 -8.139  0.844   1.00 32.34 ? 2013 HOH A O   1 
HETATM 939  O O   . HOH F 5 .   ? 5.649   -6.642  4.601   1.00 29.62 ? 2014 HOH A O   1 
HETATM 940  O O   . HOH F 5 .   ? -8.514  -9.554  3.862   1.00 32.70 ? 2015 HOH A O   1 
HETATM 941  O O   . HOH F 5 .   ? 0.600   15.418  1.633   1.00 32.30 ? 2017 HOH A O   1 
HETATM 942  O O   . HOH F 5 .   ? 1.025   3.320   11.898  1.00 35.83 ? 2019 HOH A O   1 
HETATM 943  O O   . HOH F 5 .   ? -4.874  -4.376  -4.044  1.00 33.86 ? 2020 HOH A O   1 
HETATM 944  O O   . HOH F 5 .   ? -3.170  -5.158  12.953  1.00 34.62 ? 2021 HOH A O   1 
HETATM 945  O O   . HOH F 5 .   ? -9.688  -6.146  11.267  1.00 34.07 ? 2022 HOH A O   1 
HETATM 946  O O   . HOH F 5 .   ? 0.945   1.300   10.060  1.00 29.49 ? 2028 HOH A O   1 
HETATM 947  O O   . HOH F 5 .   ? 8.575   -3.324  -4.198  1.00 41.37 ? 2030 HOH A O   1 
HETATM 948  O O   . HOH F 5 .   ? -6.606  9.921   8.721   1.00 37.01 ? 2031 HOH A O   1 
HETATM 949  O O   . HOH F 5 .   ? -10.252 -0.524  4.271   1.00 45.94 ? 2032 HOH A O   1 
HETATM 950  O O   . HOH F 5 .   ? 3.512   18.570  -0.920  1.00 36.19 ? 2034 HOH A O   1 
HETATM 951  O O   . HOH F 5 .   ? -7.678  2.706   6.715   1.00 31.91 ? 2035 HOH A O   1 
HETATM 952  O O   . HOH F 5 .   ? -2.513  -15.658 2.582   1.00 32.08 ? 2036 HOH A O   1 
HETATM 953  O O   . HOH F 5 .   ? -12.745 -11.329 -2.436  1.00 36.77 ? 2037 HOH A O   1 
HETATM 954  O O   . HOH F 5 .   ? 7.371   16.428  -11.674 1.00 42.09 ? 2038 HOH A O   1 
HETATM 955  O O   . HOH F 5 .   ? 14.965  0.494   4.466   1.00 38.27 ? 2039 HOH A O   1 
HETATM 956  O O   . HOH F 5 .   ? -8.472  6.604   7.476   1.00 39.07 ? 2040 HOH A O   1 
HETATM 957  O O   . HOH F 5 .   ? -7.356  -20.656 3.658   1.00 44.34 ? 2041 HOH A O   1 
HETATM 958  O O   . HOH F 5 .   ? -2.210  18.479  1.838   1.00 39.06 ? 2042 HOH A O   1 
HETATM 959  O O   . HOH F 5 .   ? 0.028   -20.179 -2.498  1.00 37.29 ? 2043 HOH A O   1 
HETATM 960  O O   . HOH F 5 .   ? -2.492  13.237  -8.545  1.00 38.08 ? 2049 HOH A O   1 
HETATM 961  O O   . HOH F 5 .   ? 12.065  10.726  -7.160  1.00 33.54 ? 2050 HOH A O   1 
HETATM 962  O O   . HOH F 5 .   ? -4.989  -13.815 8.950   1.00 35.37 ? 2051 HOH A O   1 
HETATM 963  O O   . HOH F 5 .   ? 1.582   -7.044  -8.993  1.00 37.00 ? 2052 HOH A O   1 
HETATM 964  O O   . HOH F 5 .   ? 2.412   -17.247 3.765   1.00 41.05 ? 2053 HOH A O   1 
HETATM 965  O O   . HOH F 5 .   ? 8.432   -13.899 3.993   1.00 43.63 ? 2054 HOH A O   1 
HETATM 966  O O   . HOH F 5 .   ? -6.623  -1.460  0.360   1.00 41.84 ? 2055 HOH A O   1 
HETATM 967  O O   . HOH F 5 .   ? -6.483  11.322  4.581   1.00 47.02 ? 2057 HOH A O   1 
HETATM 968  O O   . HOH F 5 .   ? -3.709  -5.825  -6.626  1.00 36.86 ? 2058 HOH A O   1 
HETATM 969  O O   . HOH F 5 .   ? 4.144   21.101  -3.372  1.00 38.09 ? 2059 HOH A O   1 
HETATM 970  O O   . HOH F 5 .   ? 9.364   -6.817  10.905  1.00 52.99 ? 2060 HOH A O   1 
HETATM 971  O O   . HOH F 5 .   ? -8.217  3.160   2.007   1.00 40.85 ? 2061 HOH A O   1 
HETATM 972  O O   . HOH F 5 .   ? -2.067  -17.074 -9.855  1.00 37.02 ? 2064 HOH A O   1 
HETATM 973  O O   . HOH F 5 .   ? 0.813   4.888   -10.381 1.00 49.22 ? 2065 HOH A O   1 
HETATM 974  O O   . HOH F 5 .   ? -2.592  5.905   -8.094  1.00 33.84 ? 2066 HOH A O   1 
HETATM 975  O O   . HOH F 5 .   ? -2.404  -0.754  12.410  1.00 41.56 ? 2067 HOH A O   1 
HETATM 976  O O   . HOH F 5 .   ? 8.200   12.080  3.859   1.00 38.83 ? 2070 HOH A O   1 
HETATM 977  O O   . HOH F 5 .   ? -8.023  11.435  2.330   1.00 52.02 ? 2072 HOH A O   1 
HETATM 978  O O   . HOH F 5 .   ? -0.933  5.059   11.235  1.00 45.16 ? 2074 HOH A O   1 
HETATM 979  O O   . HOH F 5 .   ? -0.836  -20.513 -10.657 1.00 39.86 ? 2077 HOH A O   1 
HETATM 980  O O   . HOH F 5 .   ? -8.893  2.683   4.529   1.00 39.72 ? 2080 HOH A O   1 
HETATM 981  O O   . HOH F 5 .   ? 9.952   17.306  -3.825  1.00 35.22 ? 2083 HOH A O   1 
HETATM 982  O O   . HOH F 5 .   ? -2.573  21.158  1.372   1.00 41.20 ? 2085 HOH A O   1 
HETATM 983  O O   . HOH F 5 .   ? -8.327  -17.474 -4.883  1.00 45.02 ? 2086 HOH A O   1 
HETATM 984  O O   . HOH F 5 .   ? -10.305 5.554   -2.309  1.00 41.44 ? 2087 HOH A O   1 
HETATM 985  O O   . HOH F 5 .   ? 7.252   -16.794 0.997   1.00 47.07 ? 2088 HOH A O   1 
HETATM 986  O O   . HOH F 5 .   ? -12.177 -4.547  4.105   1.00 40.54 ? 2089 HOH A O   1 
HETATM 987  O O   . HOH F 5 .   ? 1.447   -27.156 -0.237  1.00 44.23 ? 2091 HOH A O   1 
HETATM 988  O O   . HOH F 5 .   ? 14.733  8.245   -3.591  1.00 45.00 ? 2092 HOH A O   1 
HETATM 989  O O   . HOH F 5 .   ? -4.117  -2.631  12.553  1.00 38.58 ? 2093 HOH A O   1 
HETATM 990  O O   . HOH F 5 .   ? -5.992  1.149   10.960  1.00 43.90 ? 2094 HOH A O   1 
HETATM 991  O O   . HOH F 5 .   ? -0.090  -22.832 -2.597  1.00 35.45 ? 2103 HOH A O   1 
HETATM 992  O O   . HOH F 5 .   ? -11.289 7.507   1.722   1.00 51.47 ? 2108 HOH A O   1 
HETATM 993  O O   . HOH F 5 .   ? -0.999  -9.873  7.889   1.00 36.29 ? 2200 HOH A O   1 
HETATM 994  O O   . HOH F 5 .   ? 10.831  -7.575  -0.433  1.00 43.87 ? 2205 HOH A O   1 
HETATM 995  O O   . HOH F 5 .   ? -11.464 7.731   -8.116  1.00 42.05 ? 2206 HOH A O   1 
HETATM 996  O O   . HOH F 5 .   ? 10.386  4.479   -8.697  1.00 43.59 ? 2209 HOH A O   1 
HETATM 997  O O   . HOH F 5 .   ? -0.152  -24.722 -0.200  1.00 50.11 ? 2210 HOH A O   1 
HETATM 998  O O   . HOH F 5 .   ? -6.750  -2.308  12.516  1.00 48.64 ? 2211 HOH A O   1 
HETATM 999  O O   . HOH F 5 .   ? -12.371 -8.463  13.728  1.00 36.15 ? 2213 HOH A O   1 
HETATM 1000 O O   . HOH F 5 .   ? -8.946  -3.567  13.829  1.00 42.84 ? 2215 HOH A O   1 
HETATM 1001 O O   . HOH F 5 .   ? -9.037  -15.907 6.989   1.00 38.72 ? 2216 HOH A O   1 
HETATM 1002 O O   . HOH F 5 .   ? -9.753  -17.892 0.498   1.00 42.76 ? 2217 HOH A O   1 
HETATM 1003 O O   . HOH F 5 .   ? -1.253  -5.617  -7.519  1.00 43.67 ? 2218 HOH A O   1 
HETATM 1004 O O   . HOH F 5 .   ? -11.108 -16.692 8.408   1.00 42.46 ? 2220 HOH A O   1 
HETATM 1005 O O   . HOH F 5 .   ? 6.447   10.512  6.731   1.00 42.55 ? 2221 HOH A O   1 
# 
